data_5BY2
# 
_entry.id   5BY2 
# 
_audit_conform.dict_name       mmcif_pdbx.dic 
_audit_conform.dict_version    5.387 
_audit_conform.dict_location   http://mmcif.pdb.org/dictionaries/ascii/mmcif_pdbx.dic 
# 
loop_
_database_2.database_id 
_database_2.database_code 
_database_2.pdbx_database_accession 
_database_2.pdbx_DOI 
PDB   5BY2         pdb_00005by2 10.2210/pdb5by2/pdb 
WWPDB D_1000210760 ?            ?                   
# 
loop_
_pdbx_audit_revision_history.ordinal 
_pdbx_audit_revision_history.data_content_type 
_pdbx_audit_revision_history.major_revision 
_pdbx_audit_revision_history.minor_revision 
_pdbx_audit_revision_history.revision_date 
1 'Structure model' 1 0 2015-12-23 
2 'Structure model' 1 1 2016-02-24 
3 'Structure model' 1 2 2024-03-20 
# 
_pdbx_audit_revision_details.ordinal             1 
_pdbx_audit_revision_details.revision_ordinal    1 
_pdbx_audit_revision_details.data_content_type   'Structure model' 
_pdbx_audit_revision_details.provider            repository 
_pdbx_audit_revision_details.type                'Initial release' 
_pdbx_audit_revision_details.description         ? 
_pdbx_audit_revision_details.details             ? 
# 
loop_
_pdbx_audit_revision_group.ordinal 
_pdbx_audit_revision_group.revision_ordinal 
_pdbx_audit_revision_group.data_content_type 
_pdbx_audit_revision_group.group 
1 2 'Structure model' 'Database references'  
2 3 'Structure model' 'Data collection'      
3 3 'Structure model' 'Database references'  
4 3 'Structure model' 'Derived calculations' 
# 
loop_
_pdbx_audit_revision_category.ordinal 
_pdbx_audit_revision_category.revision_ordinal 
_pdbx_audit_revision_category.data_content_type 
_pdbx_audit_revision_category.category 
1 3 'Structure model' chem_comp_atom        
2 3 'Structure model' chem_comp_bond        
3 3 'Structure model' citation              
4 3 'Structure model' database_2            
5 3 'Structure model' pdbx_struct_oper_list 
# 
loop_
_pdbx_audit_revision_item.ordinal 
_pdbx_audit_revision_item.revision_ordinal 
_pdbx_audit_revision_item.data_content_type 
_pdbx_audit_revision_item.item 
1 3 'Structure model' '_citation.journal_id_CSD'                  
2 3 'Structure model' '_database_2.pdbx_DOI'                      
3 3 'Structure model' '_database_2.pdbx_database_accession'       
4 3 'Structure model' '_pdbx_struct_oper_list.symmetry_operation' 
# 
_pdbx_database_status.status_code                     REL 
_pdbx_database_status.status_code_sf                  REL 
_pdbx_database_status.status_code_mr                  ? 
_pdbx_database_status.entry_id                        5BY2 
_pdbx_database_status.recvd_initial_deposition_date   2015-06-10 
_pdbx_database_status.SG_entry                        N 
_pdbx_database_status.deposit_site                    RCSB 
_pdbx_database_status.process_site                    PDBJ 
_pdbx_database_status.status_code_cs                  ? 
_pdbx_database_status.methods_development_category    ? 
_pdbx_database_status.pdb_format_compatible           Y 
_pdbx_database_status.status_code_nmr_data            ? 
# 
loop_
_audit_author.name 
_audit_author.pdbx_ordinal 
'Lee, J.H.'   1 
'Chang, J.H.' 2 
'Do, H.'      3 
'Yun, J.S.'   4 
# 
_citation.abstract                  ? 
_citation.abstract_id_CAS           ? 
_citation.book_id_ISBN              ? 
_citation.book_publisher            ? 
_citation.book_publisher_city       ? 
_citation.book_title                ? 
_citation.coordinate_linkage        ? 
_citation.country                   KO 
_citation.database_id_Medline       ? 
_citation.details                   ? 
_citation.id                        primary 
_citation.journal_abbrev            Mol.Cells 
_citation.journal_id_ASTM           MOCEEK 
_citation.journal_id_CSD            2166 
_citation.journal_id_ISSN           1016-8478 
_citation.journal_full              ? 
_citation.journal_issue             ? 
_citation.journal_volume            38 
_citation.language                  ? 
_citation.page_first                1086 
_citation.page_last                 1095 
_citation.title                     
;Crystal Structure and Comparative Sequence Analysis of GmhA from Colwellia psychrerythraea Strain 34H Provides Insight into Functional Similarity with DiaA
;
_citation.year                      2015 
_citation.database_id_CSD           ? 
_citation.pdbx_database_id_DOI      10.14348/molcells.2015.0191 
_citation.pdbx_database_id_PubMed   26612680 
_citation.unpublished_flag          ? 
# 
loop_
_citation_author.citation_id 
_citation_author.name 
_citation_author.ordinal 
_citation_author.identifier_ORCID 
primary 'Do, H.'      1 ? 
primary 'Yun, J.S.'   2 ? 
primary 'Lee, C.W.'   3 ? 
primary 'Choi, Y.J.'  4 ? 
primary 'Kim, H.Y.'   5 ? 
primary 'Kim, Y.J.'   6 ? 
primary 'Park, H.'    7 ? 
primary 'Chang, J.H.' 8 ? 
primary 'Lee, J.H.'   9 ? 
# 
loop_
_entity.id 
_entity.type 
_entity.src_method 
_entity.pdbx_description 
_entity.formula_weight 
_entity.pdbx_number_of_molecules 
_entity.pdbx_ec 
_entity.pdbx_mutation 
_entity.pdbx_fragment 
_entity.details 
1 polymer man 'Phosphoheptose isomerase' 21221.891 1 5.3.1.28 ? ? ? 
2 water   nat water                      18.015    4 ?        ? ? ? 
# 
_entity_name_com.entity_id   1 
_entity_name_com.name        'Sedoheptulose 7-phosphate isomerase' 
# 
_entity_poly.entity_id                      1 
_entity_poly.type                           'polypeptide(L)' 
_entity_poly.nstd_linkage                   no 
_entity_poly.nstd_monomer                   no 
_entity_poly.pdbx_seq_one_letter_code       
;GSHMLEQIKNNFTESIQTQIAASELLGPSIEHAGMMMVQCLLGGNKIISCGNGGSAGHAQHFCAQLLNKYETERPSLPAI
SLNSDISTITSIANDYQYDEVFSKQIRALGHNGDVLLAISTSGNSRNVVKAIESAVSRDIPIIALTGFDGGDISGLLGEG
DVEIRVPSARTSRIQEVHLVVLHSLCEIIDTTLFPQGDS
;
_entity_poly.pdbx_seq_one_letter_code_can   
;GSHMLEQIKNNFTESIQTQIAASELLGPSIEHAGMMMVQCLLGGNKIISCGNGGSAGHAQHFCAQLLNKYETERPSLPAI
SLNSDISTITSIANDYQYDEVFSKQIRALGHNGDVLLAISTSGNSRNVVKAIESAVSRDIPIIALTGFDGGDISGLLGEG
DVEIRVPSARTSRIQEVHLVVLHSLCEIIDTTLFPQGDS
;
_entity_poly.pdbx_strand_id                 A 
_entity_poly.pdbx_target_identifier         ? 
# 
_pdbx_entity_nonpoly.entity_id   2 
_pdbx_entity_nonpoly.name        water 
_pdbx_entity_nonpoly.comp_id     HOH 
# 
loop_
_entity_poly_seq.entity_id 
_entity_poly_seq.num 
_entity_poly_seq.mon_id 
_entity_poly_seq.hetero 
1 1   GLY n 
1 2   SER n 
1 3   HIS n 
1 4   MET n 
1 5   LEU n 
1 6   GLU n 
1 7   GLN n 
1 8   ILE n 
1 9   LYS n 
1 10  ASN n 
1 11  ASN n 
1 12  PHE n 
1 13  THR n 
1 14  GLU n 
1 15  SER n 
1 16  ILE n 
1 17  GLN n 
1 18  THR n 
1 19  GLN n 
1 20  ILE n 
1 21  ALA n 
1 22  ALA n 
1 23  SER n 
1 24  GLU n 
1 25  LEU n 
1 26  LEU n 
1 27  GLY n 
1 28  PRO n 
1 29  SER n 
1 30  ILE n 
1 31  GLU n 
1 32  HIS n 
1 33  ALA n 
1 34  GLY n 
1 35  MET n 
1 36  MET n 
1 37  MET n 
1 38  VAL n 
1 39  GLN n 
1 40  CYS n 
1 41  LEU n 
1 42  LEU n 
1 43  GLY n 
1 44  GLY n 
1 45  ASN n 
1 46  LYS n 
1 47  ILE n 
1 48  ILE n 
1 49  SER n 
1 50  CYS n 
1 51  GLY n 
1 52  ASN n 
1 53  GLY n 
1 54  GLY n 
1 55  SER n 
1 56  ALA n 
1 57  GLY n 
1 58  HIS n 
1 59  ALA n 
1 60  GLN n 
1 61  HIS n 
1 62  PHE n 
1 63  CYS n 
1 64  ALA n 
1 65  GLN n 
1 66  LEU n 
1 67  LEU n 
1 68  ASN n 
1 69  LYS n 
1 70  TYR n 
1 71  GLU n 
1 72  THR n 
1 73  GLU n 
1 74  ARG n 
1 75  PRO n 
1 76  SER n 
1 77  LEU n 
1 78  PRO n 
1 79  ALA n 
1 80  ILE n 
1 81  SER n 
1 82  LEU n 
1 83  ASN n 
1 84  SER n 
1 85  ASP n 
1 86  ILE n 
1 87  SER n 
1 88  THR n 
1 89  ILE n 
1 90  THR n 
1 91  SER n 
1 92  ILE n 
1 93  ALA n 
1 94  ASN n 
1 95  ASP n 
1 96  TYR n 
1 97  GLN n 
1 98  TYR n 
1 99  ASP n 
1 100 GLU n 
1 101 VAL n 
1 102 PHE n 
1 103 SER n 
1 104 LYS n 
1 105 GLN n 
1 106 ILE n 
1 107 ARG n 
1 108 ALA n 
1 109 LEU n 
1 110 GLY n 
1 111 HIS n 
1 112 ASN n 
1 113 GLY n 
1 114 ASP n 
1 115 VAL n 
1 116 LEU n 
1 117 LEU n 
1 118 ALA n 
1 119 ILE n 
1 120 SER n 
1 121 THR n 
1 122 SER n 
1 123 GLY n 
1 124 ASN n 
1 125 SER n 
1 126 ARG n 
1 127 ASN n 
1 128 VAL n 
1 129 VAL n 
1 130 LYS n 
1 131 ALA n 
1 132 ILE n 
1 133 GLU n 
1 134 SER n 
1 135 ALA n 
1 136 VAL n 
1 137 SER n 
1 138 ARG n 
1 139 ASP n 
1 140 ILE n 
1 141 PRO n 
1 142 ILE n 
1 143 ILE n 
1 144 ALA n 
1 145 LEU n 
1 146 THR n 
1 147 GLY n 
1 148 PHE n 
1 149 ASP n 
1 150 GLY n 
1 151 GLY n 
1 152 ASP n 
1 153 ILE n 
1 154 SER n 
1 155 GLY n 
1 156 LEU n 
1 157 LEU n 
1 158 GLY n 
1 159 GLU n 
1 160 GLY n 
1 161 ASP n 
1 162 VAL n 
1 163 GLU n 
1 164 ILE n 
1 165 ARG n 
1 166 VAL n 
1 167 PRO n 
1 168 SER n 
1 169 ALA n 
1 170 ARG n 
1 171 THR n 
1 172 SER n 
1 173 ARG n 
1 174 ILE n 
1 175 GLN n 
1 176 GLU n 
1 177 VAL n 
1 178 HIS n 
1 179 LEU n 
1 180 VAL n 
1 181 VAL n 
1 182 LEU n 
1 183 HIS n 
1 184 SER n 
1 185 LEU n 
1 186 CYS n 
1 187 GLU n 
1 188 ILE n 
1 189 ILE n 
1 190 ASP n 
1 191 THR n 
1 192 THR n 
1 193 LEU n 
1 194 PHE n 
1 195 PRO n 
1 196 GLN n 
1 197 GLY n 
1 198 ASP n 
1 199 SER n 
# 
_entity_src_gen.entity_id                          1 
_entity_src_gen.pdbx_src_id                        1 
_entity_src_gen.pdbx_alt_source_flag               sample 
_entity_src_gen.pdbx_seq_type                      'Biological sequence' 
_entity_src_gen.pdbx_beg_seq_num                   1 
_entity_src_gen.pdbx_end_seq_num                   199 
_entity_src_gen.gene_src_common_name               ? 
_entity_src_gen.gene_src_genus                     ? 
_entity_src_gen.pdbx_gene_src_gene                 'gmhA, CPS_4434' 
_entity_src_gen.gene_src_species                   ? 
_entity_src_gen.gene_src_strain                    34H 
_entity_src_gen.gene_src_tissue                    ? 
_entity_src_gen.gene_src_tissue_fraction           ? 
_entity_src_gen.gene_src_details                   ? 
_entity_src_gen.pdbx_gene_src_fragment             ? 
_entity_src_gen.pdbx_gene_src_scientific_name      'Colwellia psychrerythraea 34H' 
_entity_src_gen.pdbx_gene_src_ncbi_taxonomy_id     167879 
_entity_src_gen.pdbx_gene_src_variant              ? 
_entity_src_gen.pdbx_gene_src_cell_line            ? 
_entity_src_gen.pdbx_gene_src_atcc                 ? 
_entity_src_gen.pdbx_gene_src_organ                ? 
_entity_src_gen.pdbx_gene_src_organelle            ? 
_entity_src_gen.pdbx_gene_src_cell                 ? 
_entity_src_gen.pdbx_gene_src_cellular_location    ? 
_entity_src_gen.host_org_common_name               ? 
_entity_src_gen.pdbx_host_org_scientific_name      'Escherichia coli' 
_entity_src_gen.pdbx_host_org_ncbi_taxonomy_id     562 
_entity_src_gen.host_org_genus                     ? 
_entity_src_gen.pdbx_host_org_gene                 ? 
_entity_src_gen.pdbx_host_org_organ                ? 
_entity_src_gen.host_org_species                   ? 
_entity_src_gen.pdbx_host_org_tissue               ? 
_entity_src_gen.pdbx_host_org_tissue_fraction      ? 
_entity_src_gen.pdbx_host_org_strain               ? 
_entity_src_gen.pdbx_host_org_variant              ? 
_entity_src_gen.pdbx_host_org_cell_line            ? 
_entity_src_gen.pdbx_host_org_atcc                 ? 
_entity_src_gen.pdbx_host_org_culture_collection   ? 
_entity_src_gen.pdbx_host_org_cell                 ? 
_entity_src_gen.pdbx_host_org_organelle            ? 
_entity_src_gen.pdbx_host_org_cellular_location    ? 
_entity_src_gen.pdbx_host_org_vector_type          ? 
_entity_src_gen.pdbx_host_org_vector               ? 
_entity_src_gen.host_org_details                   ? 
_entity_src_gen.expression_system_id               ? 
_entity_src_gen.plasmid_name                       ? 
_entity_src_gen.plasmid_details                    ? 
_entity_src_gen.pdbx_description                   ? 
# 
loop_
_chem_comp.id 
_chem_comp.type 
_chem_comp.mon_nstd_flag 
_chem_comp.name 
_chem_comp.pdbx_synonyms 
_chem_comp.formula 
_chem_comp.formula_weight 
ALA 'L-peptide linking' y ALANINE         ? 'C3 H7 N O2'     89.093  
ARG 'L-peptide linking' y ARGININE        ? 'C6 H15 N4 O2 1' 175.209 
ASN 'L-peptide linking' y ASPARAGINE      ? 'C4 H8 N2 O3'    132.118 
ASP 'L-peptide linking' y 'ASPARTIC ACID' ? 'C4 H7 N O4'     133.103 
CYS 'L-peptide linking' y CYSTEINE        ? 'C3 H7 N O2 S'   121.158 
GLN 'L-peptide linking' y GLUTAMINE       ? 'C5 H10 N2 O3'   146.144 
GLU 'L-peptide linking' y 'GLUTAMIC ACID' ? 'C5 H9 N O4'     147.129 
GLY 'peptide linking'   y GLYCINE         ? 'C2 H5 N O2'     75.067  
HIS 'L-peptide linking' y HISTIDINE       ? 'C6 H10 N3 O2 1' 156.162 
HOH non-polymer         . WATER           ? 'H2 O'           18.015  
ILE 'L-peptide linking' y ISOLEUCINE      ? 'C6 H13 N O2'    131.173 
LEU 'L-peptide linking' y LEUCINE         ? 'C6 H13 N O2'    131.173 
LYS 'L-peptide linking' y LYSINE          ? 'C6 H15 N2 O2 1' 147.195 
MET 'L-peptide linking' y METHIONINE      ? 'C5 H11 N O2 S'  149.211 
PHE 'L-peptide linking' y PHENYLALANINE   ? 'C9 H11 N O2'    165.189 
PRO 'L-peptide linking' y PROLINE         ? 'C5 H9 N O2'     115.130 
SER 'L-peptide linking' y SERINE          ? 'C3 H7 N O3'     105.093 
THR 'L-peptide linking' y THREONINE       ? 'C4 H9 N O3'     119.119 
TYR 'L-peptide linking' y TYROSINE        ? 'C9 H11 N O3'    181.189 
VAL 'L-peptide linking' y VALINE          ? 'C5 H11 N O2'    117.146 
# 
loop_
_pdbx_poly_seq_scheme.asym_id 
_pdbx_poly_seq_scheme.entity_id 
_pdbx_poly_seq_scheme.seq_id 
_pdbx_poly_seq_scheme.mon_id 
_pdbx_poly_seq_scheme.ndb_seq_num 
_pdbx_poly_seq_scheme.pdb_seq_num 
_pdbx_poly_seq_scheme.auth_seq_num 
_pdbx_poly_seq_scheme.pdb_mon_id 
_pdbx_poly_seq_scheme.auth_mon_id 
_pdbx_poly_seq_scheme.pdb_strand_id 
_pdbx_poly_seq_scheme.pdb_ins_code 
_pdbx_poly_seq_scheme.hetero 
A 1 1   GLY 1   -2  ?   ?   ?   A . n 
A 1 2   SER 2   -1  ?   ?   ?   A . n 
A 1 3   HIS 3   0   0   HIS HIS A . n 
A 1 4   MET 4   1   1   MET MET A . n 
A 1 5   LEU 5   2   2   LEU LEU A . n 
A 1 6   GLU 6   3   3   GLU GLU A . n 
A 1 7   GLN 7   4   4   GLN GLN A . n 
A 1 8   ILE 8   5   5   ILE ILE A . n 
A 1 9   LYS 9   6   6   LYS LYS A . n 
A 1 10  ASN 10  7   7   ASN ASN A . n 
A 1 11  ASN 11  8   8   ASN ASN A . n 
A 1 12  PHE 12  9   9   PHE PHE A . n 
A 1 13  THR 13  10  10  THR THR A . n 
A 1 14  GLU 14  11  11  GLU GLU A . n 
A 1 15  SER 15  12  12  SER SER A . n 
A 1 16  ILE 16  13  13  ILE ILE A . n 
A 1 17  GLN 17  14  14  GLN GLN A . n 
A 1 18  THR 18  15  15  THR THR A . n 
A 1 19  GLN 19  16  16  GLN GLN A . n 
A 1 20  ILE 20  17  17  ILE ILE A . n 
A 1 21  ALA 21  18  18  ALA ALA A . n 
A 1 22  ALA 22  19  19  ALA ALA A . n 
A 1 23  SER 23  20  20  SER SER A . n 
A 1 24  GLU 24  21  21  GLU GLU A . n 
A 1 25  LEU 25  22  22  LEU LEU A . n 
A 1 26  LEU 26  23  23  LEU LEU A . n 
A 1 27  GLY 27  24  24  GLY GLY A . n 
A 1 28  PRO 28  25  25  PRO PRO A . n 
A 1 29  SER 29  26  26  SER SER A . n 
A 1 30  ILE 30  27  27  ILE ILE A . n 
A 1 31  GLU 31  28  28  GLU GLU A . n 
A 1 32  HIS 32  29  29  HIS HIS A . n 
A 1 33  ALA 33  30  30  ALA ALA A . n 
A 1 34  GLY 34  31  31  GLY GLY A . n 
A 1 35  MET 35  32  32  MET MET A . n 
A 1 36  MET 36  33  33  MET MET A . n 
A 1 37  MET 37  34  34  MET MET A . n 
A 1 38  VAL 38  35  35  VAL VAL A . n 
A 1 39  GLN 39  36  36  GLN GLN A . n 
A 1 40  CYS 40  37  37  CYS CYS A . n 
A 1 41  LEU 41  38  38  LEU LEU A . n 
A 1 42  LEU 42  39  39  LEU LEU A . n 
A 1 43  GLY 43  40  40  GLY GLY A . n 
A 1 44  GLY 44  41  41  GLY GLY A . n 
A 1 45  ASN 45  42  42  ASN ASN A . n 
A 1 46  LYS 46  43  43  LYS LYS A . n 
A 1 47  ILE 47  44  44  ILE ILE A . n 
A 1 48  ILE 48  45  45  ILE ILE A . n 
A 1 49  SER 49  46  46  SER SER A . n 
A 1 50  CYS 50  47  47  CYS CYS A . n 
A 1 51  GLY 51  48  48  GLY GLY A . n 
A 1 52  ASN 52  49  49  ASN ASN A . n 
A 1 53  GLY 53  50  50  GLY GLY A . n 
A 1 54  GLY 54  51  51  GLY GLY A . n 
A 1 55  SER 55  52  52  SER SER A . n 
A 1 56  ALA 56  53  53  ALA ALA A . n 
A 1 57  GLY 57  54  54  GLY GLY A . n 
A 1 58  HIS 58  55  55  HIS HIS A . n 
A 1 59  ALA 59  56  56  ALA ALA A . n 
A 1 60  GLN 60  57  57  GLN GLN A . n 
A 1 61  HIS 61  58  58  HIS HIS A . n 
A 1 62  PHE 62  59  59  PHE PHE A . n 
A 1 63  CYS 63  60  60  CYS CYS A . n 
A 1 64  ALA 64  61  61  ALA ALA A . n 
A 1 65  GLN 65  62  62  GLN GLN A . n 
A 1 66  LEU 66  63  63  LEU LEU A . n 
A 1 67  LEU 67  64  64  LEU LEU A . n 
A 1 68  ASN 68  65  65  ASN ASN A . n 
A 1 69  LYS 69  66  66  LYS LYS A . n 
A 1 70  TYR 70  67  67  TYR TYR A . n 
A 1 71  GLU 71  68  68  GLU GLU A . n 
A 1 72  THR 72  69  69  THR THR A . n 
A 1 73  GLU 73  70  70  GLU GLU A . n 
A 1 74  ARG 74  71  71  ARG ARG A . n 
A 1 75  PRO 75  72  72  PRO PRO A . n 
A 1 76  SER 76  73  73  SER SER A . n 
A 1 77  LEU 77  74  74  LEU LEU A . n 
A 1 78  PRO 78  75  75  PRO PRO A . n 
A 1 79  ALA 79  76  76  ALA ALA A . n 
A 1 80  ILE 80  77  77  ILE ILE A . n 
A 1 81  SER 81  78  78  SER SER A . n 
A 1 82  LEU 82  79  79  LEU LEU A . n 
A 1 83  ASN 83  80  80  ASN ASN A . n 
A 1 84  SER 84  81  81  SER SER A . n 
A 1 85  ASP 85  82  82  ASP ASP A . n 
A 1 86  ILE 86  83  83  ILE ILE A . n 
A 1 87  SER 87  84  84  SER SER A . n 
A 1 88  THR 88  85  85  THR THR A . n 
A 1 89  ILE 89  86  86  ILE ILE A . n 
A 1 90  THR 90  87  87  THR THR A . n 
A 1 91  SER 91  88  88  SER SER A . n 
A 1 92  ILE 92  89  89  ILE ILE A . n 
A 1 93  ALA 93  90  90  ALA ALA A . n 
A 1 94  ASN 94  91  91  ASN ASN A . n 
A 1 95  ASP 95  92  92  ASP ASP A . n 
A 1 96  TYR 96  93  93  TYR TYR A . n 
A 1 97  GLN 97  94  94  GLN GLN A . n 
A 1 98  TYR 98  95  95  TYR TYR A . n 
A 1 99  ASP 99  96  96  ASP ASP A . n 
A 1 100 GLU 100 97  97  GLU GLU A . n 
A 1 101 VAL 101 98  98  VAL VAL A . n 
A 1 102 PHE 102 99  99  PHE PHE A . n 
A 1 103 SER 103 100 100 SER SER A . n 
A 1 104 LYS 104 101 101 LYS LYS A . n 
A 1 105 GLN 105 102 102 GLN GLN A . n 
A 1 106 ILE 106 103 103 ILE ILE A . n 
A 1 107 ARG 107 104 104 ARG ARG A . n 
A 1 108 ALA 108 105 105 ALA ALA A . n 
A 1 109 LEU 109 106 106 LEU LEU A . n 
A 1 110 GLY 110 107 107 GLY GLY A . n 
A 1 111 HIS 111 108 108 HIS HIS A . n 
A 1 112 ASN 112 109 109 ASN ASN A . n 
A 1 113 GLY 113 110 110 GLY GLY A . n 
A 1 114 ASP 114 111 111 ASP ASP A . n 
A 1 115 VAL 115 112 112 VAL VAL A . n 
A 1 116 LEU 116 113 113 LEU LEU A . n 
A 1 117 LEU 117 114 114 LEU LEU A . n 
A 1 118 ALA 118 115 115 ALA ALA A . n 
A 1 119 ILE 119 116 116 ILE ILE A . n 
A 1 120 SER 120 117 117 SER SER A . n 
A 1 121 THR 121 118 118 THR THR A . n 
A 1 122 SER 122 119 119 SER SER A . n 
A 1 123 GLY 123 120 120 GLY GLY A . n 
A 1 124 ASN 124 121 121 ASN ASN A . n 
A 1 125 SER 125 122 122 SER SER A . n 
A 1 126 ARG 126 123 123 ARG ARG A . n 
A 1 127 ASN 127 124 124 ASN ASN A . n 
A 1 128 VAL 128 125 125 VAL VAL A . n 
A 1 129 VAL 129 126 126 VAL VAL A . n 
A 1 130 LYS 130 127 127 LYS LYS A . n 
A 1 131 ALA 131 128 128 ALA ALA A . n 
A 1 132 ILE 132 129 129 ILE ILE A . n 
A 1 133 GLU 133 130 130 GLU GLU A . n 
A 1 134 SER 134 131 131 SER SER A . n 
A 1 135 ALA 135 132 132 ALA ALA A . n 
A 1 136 VAL 136 133 133 VAL VAL A . n 
A 1 137 SER 137 134 134 SER SER A . n 
A 1 138 ARG 138 135 135 ARG ARG A . n 
A 1 139 ASP 139 136 136 ASP ASP A . n 
A 1 140 ILE 140 137 137 ILE ILE A . n 
A 1 141 PRO 141 138 138 PRO PRO A . n 
A 1 142 ILE 142 139 139 ILE ILE A . n 
A 1 143 ILE 143 140 140 ILE ILE A . n 
A 1 144 ALA 144 141 141 ALA ALA A . n 
A 1 145 LEU 145 142 142 LEU LEU A . n 
A 1 146 THR 146 143 143 THR THR A . n 
A 1 147 GLY 147 144 144 GLY GLY A . n 
A 1 148 PHE 148 145 145 PHE PHE A . n 
A 1 149 ASP 149 146 146 ASP ASP A . n 
A 1 150 GLY 150 147 147 GLY GLY A . n 
A 1 151 GLY 151 148 148 GLY GLY A . n 
A 1 152 ASP 152 149 149 ASP ASP A . n 
A 1 153 ILE 153 150 150 ILE ILE A . n 
A 1 154 SER 154 151 151 SER SER A . n 
A 1 155 GLY 155 152 152 GLY GLY A . n 
A 1 156 LEU 156 153 153 LEU LEU A . n 
A 1 157 LEU 157 154 154 LEU LEU A . n 
A 1 158 GLY 158 155 155 GLY GLY A . n 
A 1 159 GLU 159 156 156 GLU GLU A . n 
A 1 160 GLY 160 157 157 GLY GLY A . n 
A 1 161 ASP 161 158 158 ASP ASP A . n 
A 1 162 VAL 162 159 159 VAL VAL A . n 
A 1 163 GLU 163 160 160 GLU GLU A . n 
A 1 164 ILE 164 161 161 ILE ILE A . n 
A 1 165 ARG 165 162 162 ARG ARG A . n 
A 1 166 VAL 166 163 163 VAL VAL A . n 
A 1 167 PRO 167 164 164 PRO PRO A . n 
A 1 168 SER 168 165 165 SER SER A . n 
A 1 169 ALA 169 166 166 ALA ALA A . n 
A 1 170 ARG 170 167 167 ARG ARG A . n 
A 1 171 THR 171 168 168 THR THR A . n 
A 1 172 SER 172 169 169 SER SER A . n 
A 1 173 ARG 173 170 170 ARG ARG A . n 
A 1 174 ILE 174 171 171 ILE ILE A . n 
A 1 175 GLN 175 172 172 GLN GLN A . n 
A 1 176 GLU 176 173 173 GLU GLU A . n 
A 1 177 VAL 177 174 174 VAL VAL A . n 
A 1 178 HIS 178 175 175 HIS HIS A . n 
A 1 179 LEU 179 176 176 LEU LEU A . n 
A 1 180 VAL 180 177 177 VAL VAL A . n 
A 1 181 VAL 181 178 178 VAL VAL A . n 
A 1 182 LEU 182 179 179 LEU LEU A . n 
A 1 183 HIS 183 180 180 HIS HIS A . n 
A 1 184 SER 184 181 181 SER SER A . n 
A 1 185 LEU 185 182 182 LEU LEU A . n 
A 1 186 CYS 186 183 183 CYS CYS A . n 
A 1 187 GLU 187 184 184 GLU GLU A . n 
A 1 188 ILE 188 185 185 ILE ILE A . n 
A 1 189 ILE 189 186 186 ILE ILE A . n 
A 1 190 ASP 190 187 187 ASP ASP A . n 
A 1 191 THR 191 188 188 THR THR A . n 
A 1 192 THR 192 189 189 THR THR A . n 
A 1 193 LEU 193 190 190 LEU LEU A . n 
A 1 194 PHE 194 191 191 PHE PHE A . n 
A 1 195 PRO 195 192 192 PRO PRO A . n 
A 1 196 GLN 196 193 193 GLN GLN A . n 
A 1 197 GLY 197 194 ?   ?   ?   A . n 
A 1 198 ASP 198 195 ?   ?   ?   A . n 
A 1 199 SER 199 196 ?   ?   ?   A . n 
# 
loop_
_pdbx_nonpoly_scheme.asym_id 
_pdbx_nonpoly_scheme.entity_id 
_pdbx_nonpoly_scheme.mon_id 
_pdbx_nonpoly_scheme.ndb_seq_num 
_pdbx_nonpoly_scheme.pdb_seq_num 
_pdbx_nonpoly_scheme.auth_seq_num 
_pdbx_nonpoly_scheme.pdb_mon_id 
_pdbx_nonpoly_scheme.auth_mon_id 
_pdbx_nonpoly_scheme.pdb_strand_id 
_pdbx_nonpoly_scheme.pdb_ins_code 
B 2 HOH 1 201 1 HOH HOH A . 
B 2 HOH 2 202 2 HOH HOH A . 
B 2 HOH 3 203 4 HOH HOH A . 
B 2 HOH 4 204 3 HOH HOH A . 
# 
loop_
_software.citation_id 
_software.classification 
_software.compiler_name 
_software.compiler_version 
_software.contact_author 
_software.contact_author_email 
_software.date 
_software.description 
_software.dependencies 
_software.hardware 
_software.language 
_software.location 
_software.mods 
_software.name 
_software.os 
_software.os_version 
_software.type 
_software.version 
_software.pdbx_ordinal 
? refinement        ? ? ? ? ? ? ? ? ? ? ? PHENIX   ? ? ? 1.9_1692 1 
? 'data processing' ? ? ? ? ? ? ? ? ? ? ? HKL-2000 ? ? ? .        2 
? 'model building'  ? ? ? ? ? ? ? ? ? ? ? Coot     ? ? ? .        3 
# 
_cell.entry_id           5BY2 
_cell.length_a           73.310 
_cell.length_b           109.310 
_cell.length_c           44.280 
_cell.angle_alpha        90.00 
_cell.angle_beta         90.00 
_cell.angle_gamma        90.00 
_cell.Z_PDB              8 
_cell.pdbx_unique_axis   ? 
# 
_symmetry.entry_id                         5BY2 
_symmetry.space_group_name_H-M             'C 2 2 2' 
_symmetry.pdbx_full_space_group_name_H-M   ? 
_symmetry.cell_setting                     ? 
_symmetry.Int_Tables_number                21 
# 
_exptl.absorpt_coefficient_mu     ? 
_exptl.absorpt_correction_T_max   ? 
_exptl.absorpt_correction_T_min   ? 
_exptl.absorpt_correction_type    ? 
_exptl.absorpt_process_details    ? 
_exptl.entry_id                   5BY2 
_exptl.crystals_number            ? 
_exptl.details                    ? 
_exptl.method                     'X-RAY DIFFRACTION' 
_exptl.method_details             ? 
# 
_exptl_crystal.colour                      ? 
_exptl_crystal.density_diffrn              ? 
_exptl_crystal.density_Matthews            2.10 
_exptl_crystal.density_method              ? 
_exptl_crystal.density_percent_sol         41.51 
_exptl_crystal.description                 ? 
_exptl_crystal.F_000                       ? 
_exptl_crystal.id                          1 
_exptl_crystal.preparation                 ? 
_exptl_crystal.size_max                    ? 
_exptl_crystal.size_mid                    ? 
_exptl_crystal.size_min                    ? 
_exptl_crystal.size_rad                    ? 
_exptl_crystal.colour_lustre               ? 
_exptl_crystal.colour_modifier             ? 
_exptl_crystal.colour_primary              ? 
_exptl_crystal.density_meas                ? 
_exptl_crystal.density_meas_esd            ? 
_exptl_crystal.density_meas_gt             ? 
_exptl_crystal.density_meas_lt             ? 
_exptl_crystal.density_meas_temp           ? 
_exptl_crystal.density_meas_temp_esd       ? 
_exptl_crystal.density_meas_temp_gt        ? 
_exptl_crystal.density_meas_temp_lt        ? 
_exptl_crystal.pdbx_crystal_image_url      ? 
_exptl_crystal.pdbx_crystal_image_format   ? 
_exptl_crystal.pdbx_mosaicity              ? 
_exptl_crystal.pdbx_mosaicity_esd          ? 
# 
_exptl_crystal_grow.apparatus       ? 
_exptl_crystal_grow.atmosphere      ? 
_exptl_crystal_grow.crystal_id      1 
_exptl_crystal_grow.details         ? 
_exptl_crystal_grow.method          'VAPOR DIFFUSION, HANGING DROP' 
_exptl_crystal_grow.method_ref      ? 
_exptl_crystal_grow.pH              7.2 
_exptl_crystal_grow.pressure        ? 
_exptl_crystal_grow.pressure_esd    ? 
_exptl_crystal_grow.seeding         ? 
_exptl_crystal_grow.seeding_ref     ? 
_exptl_crystal_grow.temp            293 
_exptl_crystal_grow.temp_details    ? 
_exptl_crystal_grow.temp_esd        ? 
_exptl_crystal_grow.time            ? 
_exptl_crystal_grow.pdbx_details    '0.1 M Tris-HCl, 0.2 M magnesium chloride, 19%(v/v) PEG400' 
_exptl_crystal_grow.pdbx_pH_range   ? 
# 
_diffrn.ambient_environment    ? 
_diffrn.ambient_temp           100 
_diffrn.ambient_temp_details   ? 
_diffrn.ambient_temp_esd       ? 
_diffrn.crystal_id             1 
_diffrn.crystal_support        ? 
_diffrn.crystal_treatment      ? 
_diffrn.details                ? 
_diffrn.id                     1 
_diffrn.ambient_pressure       ? 
_diffrn.ambient_pressure_esd   ? 
_diffrn.ambient_pressure_gt    ? 
_diffrn.ambient_pressure_lt    ? 
_diffrn.ambient_temp_gt        ? 
_diffrn.ambient_temp_lt        ? 
# 
_diffrn_detector.details                      ? 
_diffrn_detector.detector                     CCD 
_diffrn_detector.diffrn_id                    1 
_diffrn_detector.type                         'ADSC QUANTUM 315r' 
_diffrn_detector.area_resol_mean              ? 
_diffrn_detector.dtime                        ? 
_diffrn_detector.pdbx_frames_total            ? 
_diffrn_detector.pdbx_collection_time_total   ? 
_diffrn_detector.pdbx_collection_date         2013-03-04 
# 
_diffrn_radiation.collimation                      ? 
_diffrn_radiation.diffrn_id                        1 
_diffrn_radiation.filter_edge                      ? 
_diffrn_radiation.inhomogeneity                    ? 
_diffrn_radiation.monochromator                    ? 
_diffrn_radiation.polarisn_norm                    ? 
_diffrn_radiation.polarisn_ratio                   ? 
_diffrn_radiation.probe                            ? 
_diffrn_radiation.type                             ? 
_diffrn_radiation.xray_symbol                      ? 
_diffrn_radiation.wavelength_id                    1 
_diffrn_radiation.pdbx_monochromatic_or_laue_m_l   M 
_diffrn_radiation.pdbx_wavelength_list             ? 
_diffrn_radiation.pdbx_wavelength                  ? 
_diffrn_radiation.pdbx_diffrn_protocol             'SINGLE WAVELENGTH' 
_diffrn_radiation.pdbx_analyzer                    ? 
_diffrn_radiation.pdbx_scattering_type             x-ray 
# 
_diffrn_radiation_wavelength.id           1 
_diffrn_radiation_wavelength.wavelength   0.97951 
_diffrn_radiation_wavelength.wt           1.0 
# 
_diffrn_source.current                     ? 
_diffrn_source.details                     ? 
_diffrn_source.diffrn_id                   1 
_diffrn_source.power                       ? 
_diffrn_source.size                        ? 
_diffrn_source.source                      SYNCHROTRON 
_diffrn_source.target                      ? 
_diffrn_source.type                        'PAL/PLS BEAMLINE 5C (4A)' 
_diffrn_source.voltage                     ? 
_diffrn_source.take-off_angle              ? 
_diffrn_source.pdbx_wavelength_list        0.97951 
_diffrn_source.pdbx_wavelength             ? 
_diffrn_source.pdbx_synchrotron_beamline   '5C (4A)' 
_diffrn_source.pdbx_synchrotron_site       PAL/PLS 
# 
_reflns.B_iso_Wilson_estimate            ? 
_reflns.entry_id                         5BY2 
_reflns.data_reduction_details           ? 
_reflns.data_reduction_method            ? 
_reflns.d_resolution_high                2.800 
_reflns.d_resolution_low                 44.280 
_reflns.details                          ? 
_reflns.limit_h_max                      ? 
_reflns.limit_h_min                      ? 
_reflns.limit_k_max                      ? 
_reflns.limit_k_min                      ? 
_reflns.limit_l_max                      ? 
_reflns.limit_l_min                      ? 
_reflns.number_all                       ? 
_reflns.number_obs                       4651 
_reflns.observed_criterion               ? 
_reflns.observed_criterion_F_max         ? 
_reflns.observed_criterion_F_min         ? 
_reflns.observed_criterion_I_max         ? 
_reflns.observed_criterion_I_min         ? 
_reflns.observed_criterion_sigma_F       ? 
_reflns.observed_criterion_sigma_I       3.0 
_reflns.percent_possible_obs             99.9 
_reflns.R_free_details                   ? 
_reflns.Rmerge_F_all                     ? 
_reflns.Rmerge_F_obs                     ? 
_reflns.Friedel_coverage                 ? 
_reflns.number_gt                        ? 
_reflns.threshold_expression             ? 
_reflns.pdbx_redundancy                  11.8 
_reflns.pdbx_Rmerge_I_obs                0.136 
_reflns.pdbx_Rmerge_I_all                ? 
_reflns.pdbx_Rsym_value                  ? 
_reflns.pdbx_netI_over_av_sigmaI         ? 
_reflns.pdbx_netI_over_sigmaI            13.0 
_reflns.pdbx_res_netI_over_av_sigmaI_2   ? 
_reflns.pdbx_res_netI_over_sigmaI_2      ? 
_reflns.pdbx_chi_squared                 ? 
_reflns.pdbx_scaling_rejects             ? 
_reflns.pdbx_d_res_high_opt              ? 
_reflns.pdbx_d_res_low_opt               ? 
_reflns.pdbx_d_res_opt_method            ? 
_reflns.phase_calculation_details        ? 
_reflns.pdbx_Rrim_I_all                  ? 
_reflns.pdbx_Rpim_I_all                  ? 
_reflns.pdbx_d_opt                       ? 
_reflns.pdbx_number_measured_all         ? 
_reflns.pdbx_diffrn_id                   1 
_reflns.pdbx_ordinal                     1 
_reflns.pdbx_CC_half                     ? 
_reflns.pdbx_R_split                     ? 
# 
_reflns_shell.Rmerge_F_all                ? 
_reflns_shell.Rmerge_F_gt                 ? 
_reflns_shell.Rmerge_F_obs                ? 
_reflns_shell.Rmerge_I_all                ? 
_reflns_shell.Rmerge_I_gt                 ? 
_reflns_shell.Rmerge_I_obs                0.315 
_reflns_shell.d_res_high                  2.80 
_reflns_shell.d_res_low                   2.95 
_reflns_shell.meanI_over_sigI_all         ? 
_reflns_shell.meanI_over_sigI_gt          ? 
_reflns_shell.meanI_over_sigI_obs         7.3 
_reflns_shell.meanI_over_uI_all           ? 
_reflns_shell.meanI_over_uI_gt            ? 
_reflns_shell.number_measured_all         ? 
_reflns_shell.number_measured_gt          ? 
_reflns_shell.number_measured_obs         ? 
_reflns_shell.number_possible             ? 
_reflns_shell.number_unique_all           ? 
_reflns_shell.number_unique_gt            ? 
_reflns_shell.number_unique_obs           ? 
_reflns_shell.pdbx_CC_half                ? 
_reflns_shell.pdbx_R_split                ? 
_reflns_shell.pdbx_Rpim_I_all             ? 
_reflns_shell.pdbx_Rrim_I_all             ? 
_reflns_shell.pdbx_Rsym_value             ? 
_reflns_shell.pdbx_chi_squared            ? 
_reflns_shell.pdbx_diffrn_id              1 
_reflns_shell.pdbx_netI_over_sigmaI_all   ? 
_reflns_shell.pdbx_netI_over_sigmaI_obs   ? 
_reflns_shell.pdbx_ordinal                1 
_reflns_shell.pdbx_redundancy             12.4 
_reflns_shell.pdbx_rejects                ? 
_reflns_shell.percent_possible_all        100.0 
_reflns_shell.percent_possible_gt         ? 
_reflns_shell.percent_possible_obs        ? 
# 
_refine.pdbx_refine_id                           'X-RAY DIFFRACTION' 
_refine.entry_id                                 5BY2 
_refine.pdbx_diffrn_id                           1 
_refine.pdbx_TLS_residual_ADP_flag               ? 
_refine.ls_number_reflns_obs                     4643 
_refine.ls_number_reflns_all                     ? 
_refine.pdbx_ls_sigma_I                          ? 
_refine.pdbx_ls_sigma_F                          1.94 
_refine.pdbx_data_cutoff_high_absF               ? 
_refine.pdbx_data_cutoff_low_absF                ? 
_refine.pdbx_data_cutoff_high_rms_absF           ? 
_refine.ls_d_res_low                             44.280 
_refine.ls_d_res_high                            2.800 
_refine.ls_percent_reflns_obs                    99.83 
_refine.ls_R_factor_obs                          0.2121 
_refine.ls_R_factor_all                          ? 
_refine.ls_R_factor_R_work                       0.2092 
_refine.ls_R_factor_R_free                       0.2654 
_refine.ls_R_factor_R_free_error                 ? 
_refine.ls_R_factor_R_free_error_details         ? 
_refine.ls_percent_reflns_R_free                 4.63 
_refine.ls_number_reflns_R_free                  215 
_refine.ls_number_parameters                     ? 
_refine.ls_number_restraints                     ? 
_refine.occupancy_min                            ? 
_refine.occupancy_max                            ? 
_refine.correlation_coeff_Fo_to_Fc               ? 
_refine.correlation_coeff_Fo_to_Fc_free          ? 
_refine.B_iso_mean                               ? 
_refine.aniso_B[1][1]                            ? 
_refine.aniso_B[2][2]                            ? 
_refine.aniso_B[3][3]                            ? 
_refine.aniso_B[1][2]                            ? 
_refine.aniso_B[1][3]                            ? 
_refine.aniso_B[2][3]                            ? 
_refine.solvent_model_details                    'FLAT BULK SOLVENT MODEL' 
_refine.solvent_model_param_ksol                 ? 
_refine.solvent_model_param_bsol                 ? 
_refine.pdbx_solvent_vdw_probe_radii             1.11 
_refine.pdbx_solvent_ion_probe_radii             ? 
_refine.pdbx_solvent_shrinkage_radii             0.90 
_refine.pdbx_ls_cross_valid_method               THROUGHOUT 
_refine.details                                  ? 
_refine.pdbx_starting_model                      ? 
_refine.pdbx_method_to_determine_struct          ? 
_refine.pdbx_isotropic_thermal_model             ? 
_refine.pdbx_stereochemistry_target_values       ML 
_refine.pdbx_stereochem_target_val_spec_case     ? 
_refine.pdbx_R_Free_selection_details            RANDOM 
_refine.pdbx_overall_ESU_R                       ? 
_refine.pdbx_overall_ESU_R_Free                  ? 
_refine.overall_SU_ML                            0.37 
_refine.pdbx_overall_phase_error                 29.15 
_refine.overall_SU_B                             ? 
_refine.overall_SU_R_Cruickshank_DPI             ? 
_refine.pdbx_overall_SU_R_free_Cruickshank_DPI   ? 
_refine.pdbx_overall_SU_R_Blow_DPI               ? 
_refine.pdbx_overall_SU_R_free_Blow_DPI          ? 
# 
_refine_hist.pdbx_refine_id                   'X-RAY DIFFRACTION' 
_refine_hist.cycle_id                         LAST 
_refine_hist.pdbx_number_atoms_protein        1456 
_refine_hist.pdbx_number_atoms_nucleic_acid   0 
_refine_hist.pdbx_number_atoms_ligand         0 
_refine_hist.number_atoms_solvent             4 
_refine_hist.number_atoms_total               1460 
_refine_hist.d_res_high                       2.800 
_refine_hist.d_res_low                        44.280 
# 
loop_
_refine_ls_restr.type 
_refine_ls_restr.dev_ideal 
_refine_ls_restr.dev_ideal_target 
_refine_ls_restr.weight 
_refine_ls_restr.number 
_refine_ls_restr.pdbx_refine_id 
_refine_ls_restr.pdbx_restraint_function 
f_bond_d           0.008  ? ? 1476 'X-RAY DIFFRACTION' ? 
f_angle_d          1.053  ? ? 1999 'X-RAY DIFFRACTION' ? 
f_dihedral_angle_d 13.906 ? ? 540  'X-RAY DIFFRACTION' ? 
f_chiral_restr     0.050  ? ? 238  'X-RAY DIFFRACTION' ? 
f_plane_restr      0.005  ? ? 262  'X-RAY DIFFRACTION' ? 
# 
loop_
_refine_ls_shell.pdbx_refine_id 
_refine_ls_shell.pdbx_total_number_of_bins_used 
_refine_ls_shell.d_res_high 
_refine_ls_shell.d_res_low 
_refine_ls_shell.number_reflns_R_work 
_refine_ls_shell.R_factor_R_work 
_refine_ls_shell.percent_reflns_obs 
_refine_ls_shell.R_factor_R_free 
_refine_ls_shell.R_factor_R_free_error 
_refine_ls_shell.percent_reflns_R_free 
_refine_ls_shell.number_reflns_R_free 
_refine_ls_shell.number_reflns_all 
_refine_ls_shell.R_factor_all 
_refine_ls_shell.R_factor_obs 
_refine_ls_shell.number_reflns_obs 
'X-RAY DIFFRACTION' . 2.8000 3.5275  2169 0.2311 100.00 0.3269 . . 99  . . . . 
'X-RAY DIFFRACTION' . 3.5275 44.2855 2259 0.1998 100.00 0.2437 . . 116 . . . . 
# 
_struct.entry_id                     5BY2 
_struct.title                        'Sedoheptulose 7-phosphate isomerase from Colwellia psychrerythraea strain 34H' 
_struct.pdbx_model_details           ? 
_struct.pdbx_formula_weight          ? 
_struct.pdbx_formula_weight_method   ? 
_struct.pdbx_model_type_details      ? 
_struct.pdbx_CASP_flag               ? 
# 
_struct_keywords.entry_id        5BY2 
_struct_keywords.text            
'CpsGmhA, Sedoheptulose 7-phosphate isomerase, Psychrophile, Colwellia psychrerythraea strain 34H, ISOMERASE' 
_struct_keywords.pdbx_keywords   ISOMERASE 
# 
loop_
_struct_asym.id 
_struct_asym.pdbx_blank_PDB_chainid_flag 
_struct_asym.pdbx_modified 
_struct_asym.entity_id 
_struct_asym.details 
A N N 1 ? 
B N N 2 ? 
# 
_struct_ref.db_code                    GMHA_COLP3 
_struct_ref.db_name                    UNP 
_struct_ref.details                    ? 
_struct_ref.entity_id                  1 
_struct_ref.id                         1 
_struct_ref.seq_align                  ? 
_struct_ref.seq_dif                    ? 
_struct_ref.pdbx_db_accession          Q47VU0 
_struct_ref.pdbx_db_isoform            ? 
_struct_ref.pdbx_seq_one_letter_code   
;MLEQIKNNFTESIQTQIAASELLGPSIEHAGMMMVQCLLGGNKIISCGNGGSAGHAQHFCAQLLNKYETERPSLPAISLN
SDISTITSIANDYQYDEVFSKQIRALGHNGDVLLAISTSGNSRNVVKAIESAVSRDIPIIALTGFDGGDISGLLGEGDVE
IRVPSARTSRIQEVHLVVLHSLCEIIDTTLFPQGDS
;
_struct_ref.pdbx_align_begin           1 
_struct_ref.pdbx_align_end             ? 
# 
_struct_ref_seq.align_id                      1 
_struct_ref_seq.ref_id                        1 
_struct_ref_seq.pdbx_PDB_id_code              5BY2 
_struct_ref_seq.pdbx_strand_id                A 
_struct_ref_seq.seq_align_beg                 4 
_struct_ref_seq.pdbx_seq_align_beg_ins_code   ? 
_struct_ref_seq.seq_align_end                 199 
_struct_ref_seq.pdbx_seq_align_end_ins_code   ? 
_struct_ref_seq.pdbx_db_accession             Q47VU0 
_struct_ref_seq.db_align_beg                  1 
_struct_ref_seq.pdbx_db_align_beg_ins_code    ? 
_struct_ref_seq.db_align_end                  196 
_struct_ref_seq.pdbx_db_align_end_ins_code    ? 
_struct_ref_seq.pdbx_auth_seq_align_beg       1 
_struct_ref_seq.pdbx_auth_seq_align_end       196 
# 
loop_
_struct_ref_seq_dif.align_id 
_struct_ref_seq_dif.pdbx_pdb_id_code 
_struct_ref_seq_dif.mon_id 
_struct_ref_seq_dif.pdbx_pdb_strand_id 
_struct_ref_seq_dif.seq_num 
_struct_ref_seq_dif.pdbx_pdb_ins_code 
_struct_ref_seq_dif.pdbx_seq_db_name 
_struct_ref_seq_dif.pdbx_seq_db_accession_code 
_struct_ref_seq_dif.db_mon_id 
_struct_ref_seq_dif.pdbx_seq_db_seq_num 
_struct_ref_seq_dif.details 
_struct_ref_seq_dif.pdbx_auth_seq_num 
_struct_ref_seq_dif.pdbx_ordinal 
1 5BY2 GLY A 1 ? UNP Q47VU0 ? ? 'expression tag' -2 1 
1 5BY2 SER A 2 ? UNP Q47VU0 ? ? 'expression tag' -1 2 
1 5BY2 HIS A 3 ? UNP Q47VU0 ? ? 'expression tag' 0  3 
# 
_pdbx_struct_assembly.id                   1 
_pdbx_struct_assembly.details              author_and_software_defined_assembly 
_pdbx_struct_assembly.method_details       PISA 
_pdbx_struct_assembly.oligomeric_details   tetrameric 
_pdbx_struct_assembly.oligomeric_count     4 
# 
loop_
_pdbx_struct_assembly_prop.biol_id 
_pdbx_struct_assembly_prop.type 
_pdbx_struct_assembly_prop.value 
_pdbx_struct_assembly_prop.details 
1 'ABSA (A^2)' 13940 ? 
1 MORE         -74   ? 
1 'SSA (A^2)'  23710 ? 
# 
_pdbx_struct_assembly_gen.assembly_id       1 
_pdbx_struct_assembly_gen.oper_expression   1,2,3,4 
_pdbx_struct_assembly_gen.asym_id_list      A,B 
# 
loop_
_pdbx_struct_oper_list.id 
_pdbx_struct_oper_list.type 
_pdbx_struct_oper_list.name 
_pdbx_struct_oper_list.symmetry_operation 
_pdbx_struct_oper_list.matrix[1][1] 
_pdbx_struct_oper_list.matrix[1][2] 
_pdbx_struct_oper_list.matrix[1][3] 
_pdbx_struct_oper_list.vector[1] 
_pdbx_struct_oper_list.matrix[2][1] 
_pdbx_struct_oper_list.matrix[2][2] 
_pdbx_struct_oper_list.matrix[2][3] 
_pdbx_struct_oper_list.vector[2] 
_pdbx_struct_oper_list.matrix[3][1] 
_pdbx_struct_oper_list.matrix[3][2] 
_pdbx_struct_oper_list.matrix[3][3] 
_pdbx_struct_oper_list.vector[3] 
1 'identity operation'         1_555 x,y,z     1.0000000000  0.0000000000  0.0000000000  0.0000000000  0.0000000000  1.0000000000  0.0000000000  0.0000000000   0.0000000000  0.0000000000  1.0000000000  0.0000000000  
2 'crystal symmetry operation' 2_555 -x,-y,z   -0.3247040237 -0.3960582672 -0.8588976342 27.7344791062 -0.3960582672 -0.7677134819 0.5037398720  -0.2171242291  -0.8588976342 0.5037398720  0.0924175056  21.9059585720 
3 'crystal symmetry operation' 3_556 -x,y,-z+1 -0.8429179905 -0.4309003943 0.3222019732  28.2985708292 -0.4309003943 0.1820268303  -0.8838501475 11.8617711128  0.3222019732  -0.8838501475 -0.3391088398 2.0671675928  
4 'crystal symmetry operation' 4_556 x,-y,-z+1 0.1676220142  0.8269586615  0.5366956610  12.0723814259 0.8269586615  -0.4143133484 0.3801102755  -19.4901340200 0.5366956610  0.3801102755  -0.7533086658 3.7666725714 
# 
loop_
_struct_conf.conf_type_id 
_struct_conf.id 
_struct_conf.pdbx_PDB_helix_id 
_struct_conf.beg_label_comp_id 
_struct_conf.beg_label_asym_id 
_struct_conf.beg_label_seq_id 
_struct_conf.pdbx_beg_PDB_ins_code 
_struct_conf.end_label_comp_id 
_struct_conf.end_label_asym_id 
_struct_conf.end_label_seq_id 
_struct_conf.pdbx_end_PDB_ins_code 
_struct_conf.beg_auth_comp_id 
_struct_conf.beg_auth_asym_id 
_struct_conf.beg_auth_seq_id 
_struct_conf.end_auth_comp_id 
_struct_conf.end_auth_asym_id 
_struct_conf.end_auth_seq_id 
_struct_conf.pdbx_PDB_helix_class 
_struct_conf.details 
_struct_conf.pdbx_PDB_helix_length 
HELX_P HELX_P1 AA1 HIS A 3   ? LEU A 26  ? HIS A 0   LEU A 23  1 ? 24 
HELX_P HELX_P2 AA2 LEU A 26  ? GLY A 43  ? LEU A 23  GLY A 40  1 ? 18 
HELX_P HELX_P3 AA3 GLY A 54  ? LEU A 67  ? GLY A 51  LEU A 64  1 ? 14 
HELX_P HELX_P4 AA4 ASP A 85  ? ALA A 93  ? ASP A 82  ALA A 90  1 ? 9  
HELX_P HELX_P5 AA5 GLN A 97  ? VAL A 101 ? GLN A 94  VAL A 98  5 ? 5  
HELX_P HELX_P6 AA6 PHE A 102 ? GLY A 110 ? PHE A 99  GLY A 107 1 ? 9  
HELX_P HELX_P7 AA7 SER A 125 ? SER A 137 ? SER A 122 SER A 134 1 ? 13 
HELX_P HELX_P8 AA8 GLY A 150 ? LEU A 157 ? GLY A 147 LEU A 154 5 ? 8  
HELX_P HELX_P9 AA9 ARG A 170 ? PHE A 194 ? ARG A 167 PHE A 191 1 ? 25 
# 
_struct_conf_type.id          HELX_P 
_struct_conf_type.criteria    ? 
_struct_conf_type.reference   ? 
# 
_struct_mon_prot_cis.pdbx_id                1 
_struct_mon_prot_cis.label_comp_id          ASP 
_struct_mon_prot_cis.label_seq_id           95 
_struct_mon_prot_cis.label_asym_id          A 
_struct_mon_prot_cis.label_alt_id           . 
_struct_mon_prot_cis.pdbx_PDB_ins_code      ? 
_struct_mon_prot_cis.auth_comp_id           ASP 
_struct_mon_prot_cis.auth_seq_id            92 
_struct_mon_prot_cis.auth_asym_id           A 
_struct_mon_prot_cis.pdbx_label_comp_id_2   TYR 
_struct_mon_prot_cis.pdbx_label_seq_id_2    96 
_struct_mon_prot_cis.pdbx_label_asym_id_2   A 
_struct_mon_prot_cis.pdbx_PDB_ins_code_2    ? 
_struct_mon_prot_cis.pdbx_auth_comp_id_2    TYR 
_struct_mon_prot_cis.pdbx_auth_seq_id_2     93 
_struct_mon_prot_cis.pdbx_auth_asym_id_2    A 
_struct_mon_prot_cis.pdbx_PDB_model_num     1 
_struct_mon_prot_cis.pdbx_omega_angle       -25.69 
# 
_struct_sheet.id               AA1 
_struct_sheet.type             ? 
_struct_sheet.number_strands   5 
_struct_sheet.details          ? 
# 
loop_
_struct_sheet_order.sheet_id 
_struct_sheet_order.range_id_1 
_struct_sheet_order.range_id_2 
_struct_sheet_order.offset 
_struct_sheet_order.sense 
AA1 1 2 ? parallel 
AA1 2 3 ? parallel 
AA1 3 4 ? parallel 
AA1 4 5 ? parallel 
# 
loop_
_struct_sheet_range.sheet_id 
_struct_sheet_range.id 
_struct_sheet_range.beg_label_comp_id 
_struct_sheet_range.beg_label_asym_id 
_struct_sheet_range.beg_label_seq_id 
_struct_sheet_range.pdbx_beg_PDB_ins_code 
_struct_sheet_range.end_label_comp_id 
_struct_sheet_range.end_label_asym_id 
_struct_sheet_range.end_label_seq_id 
_struct_sheet_range.pdbx_end_PDB_ins_code 
_struct_sheet_range.beg_auth_comp_id 
_struct_sheet_range.beg_auth_asym_id 
_struct_sheet_range.beg_auth_seq_id 
_struct_sheet_range.end_auth_comp_id 
_struct_sheet_range.end_auth_asym_id 
_struct_sheet_range.end_auth_seq_id 
AA1 1 ALA A 79  ? SER A 81  ? ALA A 76  SER A 78  
AA1 2 ILE A 47  ? CYS A 50  ? ILE A 44  CYS A 47  
AA1 3 VAL A 115 ? ILE A 119 ? VAL A 112 ILE A 116 
AA1 4 ILE A 142 ? GLY A 147 ? ILE A 139 GLY A 144 
AA1 5 VAL A 162 ? VAL A 166 ? VAL A 159 VAL A 163 
# 
loop_
_pdbx_struct_sheet_hbond.sheet_id 
_pdbx_struct_sheet_hbond.range_id_1 
_pdbx_struct_sheet_hbond.range_id_2 
_pdbx_struct_sheet_hbond.range_1_label_atom_id 
_pdbx_struct_sheet_hbond.range_1_label_comp_id 
_pdbx_struct_sheet_hbond.range_1_label_asym_id 
_pdbx_struct_sheet_hbond.range_1_label_seq_id 
_pdbx_struct_sheet_hbond.range_1_PDB_ins_code 
_pdbx_struct_sheet_hbond.range_1_auth_atom_id 
_pdbx_struct_sheet_hbond.range_1_auth_comp_id 
_pdbx_struct_sheet_hbond.range_1_auth_asym_id 
_pdbx_struct_sheet_hbond.range_1_auth_seq_id 
_pdbx_struct_sheet_hbond.range_2_label_atom_id 
_pdbx_struct_sheet_hbond.range_2_label_comp_id 
_pdbx_struct_sheet_hbond.range_2_label_asym_id 
_pdbx_struct_sheet_hbond.range_2_label_seq_id 
_pdbx_struct_sheet_hbond.range_2_PDB_ins_code 
_pdbx_struct_sheet_hbond.range_2_auth_atom_id 
_pdbx_struct_sheet_hbond.range_2_auth_comp_id 
_pdbx_struct_sheet_hbond.range_2_auth_asym_id 
_pdbx_struct_sheet_hbond.range_2_auth_seq_id 
AA1 1 2 O ILE A 80  ? O ILE A 77  N SER A 49  ? N SER A 46  
AA1 2 3 N ILE A 48  ? N ILE A 45  O LEU A 117 ? O LEU A 114 
AA1 3 4 N LEU A 116 ? N LEU A 113 O ILE A 143 ? O ILE A 140 
AA1 4 5 N ALA A 144 ? N ALA A 141 O ILE A 164 ? O ILE A 161 
# 
loop_
_pdbx_validate_symm_contact.id 
_pdbx_validate_symm_contact.PDB_model_num 
_pdbx_validate_symm_contact.auth_atom_id_1 
_pdbx_validate_symm_contact.auth_asym_id_1 
_pdbx_validate_symm_contact.auth_comp_id_1 
_pdbx_validate_symm_contact.auth_seq_id_1 
_pdbx_validate_symm_contact.PDB_ins_code_1 
_pdbx_validate_symm_contact.label_alt_id_1 
_pdbx_validate_symm_contact.site_symmetry_1 
_pdbx_validate_symm_contact.auth_atom_id_2 
_pdbx_validate_symm_contact.auth_asym_id_2 
_pdbx_validate_symm_contact.auth_comp_id_2 
_pdbx_validate_symm_contact.auth_seq_id_2 
_pdbx_validate_symm_contact.PDB_ins_code_2 
_pdbx_validate_symm_contact.label_alt_id_2 
_pdbx_validate_symm_contact.site_symmetry_2 
_pdbx_validate_symm_contact.dist 
1 1 OD1 A ASN 91 ? ? 1_555 OH  A TYR 95 ? ? 2_555 2.06 
2 1 ND2 A ASN 65 ? ? 1_555 OD2 A ASP 92 ? ? 3_556 2.10 
# 
_pdbx_validate_rmsd_bond.id                        1 
_pdbx_validate_rmsd_bond.PDB_model_num             1 
_pdbx_validate_rmsd_bond.auth_atom_id_1            CE2 
_pdbx_validate_rmsd_bond.auth_asym_id_1            A 
_pdbx_validate_rmsd_bond.auth_comp_id_1            TYR 
_pdbx_validate_rmsd_bond.auth_seq_id_1             93 
_pdbx_validate_rmsd_bond.PDB_ins_code_1            ? 
_pdbx_validate_rmsd_bond.label_alt_id_1            ? 
_pdbx_validate_rmsd_bond.auth_atom_id_2            CD2 
_pdbx_validate_rmsd_bond.auth_asym_id_2            A 
_pdbx_validate_rmsd_bond.auth_comp_id_2            TYR 
_pdbx_validate_rmsd_bond.auth_seq_id_2             93 
_pdbx_validate_rmsd_bond.PDB_ins_code_2            ? 
_pdbx_validate_rmsd_bond.label_alt_id_2            ? 
_pdbx_validate_rmsd_bond.bond_value                1.489 
_pdbx_validate_rmsd_bond.bond_target_value         1.389 
_pdbx_validate_rmsd_bond.bond_deviation            0.100 
_pdbx_validate_rmsd_bond.bond_standard_deviation   0.015 
_pdbx_validate_rmsd_bond.linker_flag               N 
# 
loop_
_pdbx_validate_rmsd_angle.id 
_pdbx_validate_rmsd_angle.PDB_model_num 
_pdbx_validate_rmsd_angle.auth_atom_id_1 
_pdbx_validate_rmsd_angle.auth_asym_id_1 
_pdbx_validate_rmsd_angle.auth_comp_id_1 
_pdbx_validate_rmsd_angle.auth_seq_id_1 
_pdbx_validate_rmsd_angle.PDB_ins_code_1 
_pdbx_validate_rmsd_angle.label_alt_id_1 
_pdbx_validate_rmsd_angle.auth_atom_id_2 
_pdbx_validate_rmsd_angle.auth_asym_id_2 
_pdbx_validate_rmsd_angle.auth_comp_id_2 
_pdbx_validate_rmsd_angle.auth_seq_id_2 
_pdbx_validate_rmsd_angle.PDB_ins_code_2 
_pdbx_validate_rmsd_angle.label_alt_id_2 
_pdbx_validate_rmsd_angle.auth_atom_id_3 
_pdbx_validate_rmsd_angle.auth_asym_id_3 
_pdbx_validate_rmsd_angle.auth_comp_id_3 
_pdbx_validate_rmsd_angle.auth_seq_id_3 
_pdbx_validate_rmsd_angle.PDB_ins_code_3 
_pdbx_validate_rmsd_angle.label_alt_id_3 
_pdbx_validate_rmsd_angle.angle_value 
_pdbx_validate_rmsd_angle.angle_target_value 
_pdbx_validate_rmsd_angle.angle_deviation 
_pdbx_validate_rmsd_angle.angle_standard_deviation 
_pdbx_validate_rmsd_angle.linker_flag 
1 1 CB A ASP 92 ? ? CG A ASP 92 ? ? OD1 A ASP 92 ? ? 124.88 118.30 6.58  0.90 N 
2 1 CB A ASP 92 ? ? CG A ASP 92 ? ? OD2 A ASP 92 ? ? 111.47 118.30 -6.83 0.90 N 
# 
loop_
_pdbx_validate_torsion.id 
_pdbx_validate_torsion.PDB_model_num 
_pdbx_validate_torsion.auth_comp_id 
_pdbx_validate_torsion.auth_asym_id 
_pdbx_validate_torsion.auth_seq_id 
_pdbx_validate_torsion.PDB_ins_code 
_pdbx_validate_torsion.label_alt_id 
_pdbx_validate_torsion.phi 
_pdbx_validate_torsion.psi 
1 1 LEU A 64  ? ? -67.52  3.28    
2 1 ASN A 65  ? ? -143.65 -95.58  
3 1 TYR A 67  ? ? -104.43 -73.47  
4 1 TYR A 93  ? ? -115.40 66.95   
5 1 PHE A 145 ? ? 54.98   -125.63 
6 1 PRO A 164 ? ? -68.39  70.62   
7 1 PRO A 192 ? ? -57.49  86.88   
# 
loop_
_pdbx_validate_peptide_omega.id 
_pdbx_validate_peptide_omega.PDB_model_num 
_pdbx_validate_peptide_omega.auth_comp_id_1 
_pdbx_validate_peptide_omega.auth_asym_id_1 
_pdbx_validate_peptide_omega.auth_seq_id_1 
_pdbx_validate_peptide_omega.PDB_ins_code_1 
_pdbx_validate_peptide_omega.label_alt_id_1 
_pdbx_validate_peptide_omega.auth_comp_id_2 
_pdbx_validate_peptide_omega.auth_asym_id_2 
_pdbx_validate_peptide_omega.auth_seq_id_2 
_pdbx_validate_peptide_omega.PDB_ins_code_2 
_pdbx_validate_peptide_omega.label_alt_id_2 
_pdbx_validate_peptide_omega.omega 
1 1 ALA A 90  ? ? ASN A 91  ? ? 136.68 
2 1 ASN A 91  ? ? ASP A 92  ? ? 123.40 
3 1 GLU A 156 ? ? GLY A 157 ? ? 144.59 
# 
_pdbx_struct_special_symmetry.id              1 
_pdbx_struct_special_symmetry.PDB_model_num   1 
_pdbx_struct_special_symmetry.auth_asym_id    A 
_pdbx_struct_special_symmetry.auth_comp_id    HOH 
_pdbx_struct_special_symmetry.auth_seq_id     202 
_pdbx_struct_special_symmetry.PDB_ins_code    ? 
_pdbx_struct_special_symmetry.label_asym_id   B 
_pdbx_struct_special_symmetry.label_comp_id   HOH 
_pdbx_struct_special_symmetry.label_seq_id    . 
# 
loop_
_pdbx_unobs_or_zero_occ_residues.id 
_pdbx_unobs_or_zero_occ_residues.PDB_model_num 
_pdbx_unobs_or_zero_occ_residues.polymer_flag 
_pdbx_unobs_or_zero_occ_residues.occupancy_flag 
_pdbx_unobs_or_zero_occ_residues.auth_asym_id 
_pdbx_unobs_or_zero_occ_residues.auth_comp_id 
_pdbx_unobs_or_zero_occ_residues.auth_seq_id 
_pdbx_unobs_or_zero_occ_residues.PDB_ins_code 
_pdbx_unobs_or_zero_occ_residues.label_asym_id 
_pdbx_unobs_or_zero_occ_residues.label_comp_id 
_pdbx_unobs_or_zero_occ_residues.label_seq_id 
1 1 Y 1 A GLY -2  ? A GLY 1   
2 1 Y 1 A SER -1  ? A SER 2   
3 1 Y 1 A GLY 194 ? A GLY 197 
4 1 Y 1 A ASP 195 ? A ASP 198 
5 1 Y 1 A SER 196 ? A SER 199 
# 
loop_
_chem_comp_atom.comp_id 
_chem_comp_atom.atom_id 
_chem_comp_atom.type_symbol 
_chem_comp_atom.pdbx_aromatic_flag 
_chem_comp_atom.pdbx_stereo_config 
_chem_comp_atom.pdbx_ordinal 
ALA N    N N N 1   
ALA CA   C N S 2   
ALA C    C N N 3   
ALA O    O N N 4   
ALA CB   C N N 5   
ALA OXT  O N N 6   
ALA H    H N N 7   
ALA H2   H N N 8   
ALA HA   H N N 9   
ALA HB1  H N N 10  
ALA HB2  H N N 11  
ALA HB3  H N N 12  
ALA HXT  H N N 13  
ARG N    N N N 14  
ARG CA   C N S 15  
ARG C    C N N 16  
ARG O    O N N 17  
ARG CB   C N N 18  
ARG CG   C N N 19  
ARG CD   C N N 20  
ARG NE   N N N 21  
ARG CZ   C N N 22  
ARG NH1  N N N 23  
ARG NH2  N N N 24  
ARG OXT  O N N 25  
ARG H    H N N 26  
ARG H2   H N N 27  
ARG HA   H N N 28  
ARG HB2  H N N 29  
ARG HB3  H N N 30  
ARG HG2  H N N 31  
ARG HG3  H N N 32  
ARG HD2  H N N 33  
ARG HD3  H N N 34  
ARG HE   H N N 35  
ARG HH11 H N N 36  
ARG HH12 H N N 37  
ARG HH21 H N N 38  
ARG HH22 H N N 39  
ARG HXT  H N N 40  
ASN N    N N N 41  
ASN CA   C N S 42  
ASN C    C N N 43  
ASN O    O N N 44  
ASN CB   C N N 45  
ASN CG   C N N 46  
ASN OD1  O N N 47  
ASN ND2  N N N 48  
ASN OXT  O N N 49  
ASN H    H N N 50  
ASN H2   H N N 51  
ASN HA   H N N 52  
ASN HB2  H N N 53  
ASN HB3  H N N 54  
ASN HD21 H N N 55  
ASN HD22 H N N 56  
ASN HXT  H N N 57  
ASP N    N N N 58  
ASP CA   C N S 59  
ASP C    C N N 60  
ASP O    O N N 61  
ASP CB   C N N 62  
ASP CG   C N N 63  
ASP OD1  O N N 64  
ASP OD2  O N N 65  
ASP OXT  O N N 66  
ASP H    H N N 67  
ASP H2   H N N 68  
ASP HA   H N N 69  
ASP HB2  H N N 70  
ASP HB3  H N N 71  
ASP HD2  H N N 72  
ASP HXT  H N N 73  
CYS N    N N N 74  
CYS CA   C N R 75  
CYS C    C N N 76  
CYS O    O N N 77  
CYS CB   C N N 78  
CYS SG   S N N 79  
CYS OXT  O N N 80  
CYS H    H N N 81  
CYS H2   H N N 82  
CYS HA   H N N 83  
CYS HB2  H N N 84  
CYS HB3  H N N 85  
CYS HG   H N N 86  
CYS HXT  H N N 87  
GLN N    N N N 88  
GLN CA   C N S 89  
GLN C    C N N 90  
GLN O    O N N 91  
GLN CB   C N N 92  
GLN CG   C N N 93  
GLN CD   C N N 94  
GLN OE1  O N N 95  
GLN NE2  N N N 96  
GLN OXT  O N N 97  
GLN H    H N N 98  
GLN H2   H N N 99  
GLN HA   H N N 100 
GLN HB2  H N N 101 
GLN HB3  H N N 102 
GLN HG2  H N N 103 
GLN HG3  H N N 104 
GLN HE21 H N N 105 
GLN HE22 H N N 106 
GLN HXT  H N N 107 
GLU N    N N N 108 
GLU CA   C N S 109 
GLU C    C N N 110 
GLU O    O N N 111 
GLU CB   C N N 112 
GLU CG   C N N 113 
GLU CD   C N N 114 
GLU OE1  O N N 115 
GLU OE2  O N N 116 
GLU OXT  O N N 117 
GLU H    H N N 118 
GLU H2   H N N 119 
GLU HA   H N N 120 
GLU HB2  H N N 121 
GLU HB3  H N N 122 
GLU HG2  H N N 123 
GLU HG3  H N N 124 
GLU HE2  H N N 125 
GLU HXT  H N N 126 
GLY N    N N N 127 
GLY CA   C N N 128 
GLY C    C N N 129 
GLY O    O N N 130 
GLY OXT  O N N 131 
GLY H    H N N 132 
GLY H2   H N N 133 
GLY HA2  H N N 134 
GLY HA3  H N N 135 
GLY HXT  H N N 136 
HIS N    N N N 137 
HIS CA   C N S 138 
HIS C    C N N 139 
HIS O    O N N 140 
HIS CB   C N N 141 
HIS CG   C Y N 142 
HIS ND1  N Y N 143 
HIS CD2  C Y N 144 
HIS CE1  C Y N 145 
HIS NE2  N Y N 146 
HIS OXT  O N N 147 
HIS H    H N N 148 
HIS H2   H N N 149 
HIS HA   H N N 150 
HIS HB2  H N N 151 
HIS HB3  H N N 152 
HIS HD1  H N N 153 
HIS HD2  H N N 154 
HIS HE1  H N N 155 
HIS HE2  H N N 156 
HIS HXT  H N N 157 
HOH O    O N N 158 
HOH H1   H N N 159 
HOH H2   H N N 160 
ILE N    N N N 161 
ILE CA   C N S 162 
ILE C    C N N 163 
ILE O    O N N 164 
ILE CB   C N S 165 
ILE CG1  C N N 166 
ILE CG2  C N N 167 
ILE CD1  C N N 168 
ILE OXT  O N N 169 
ILE H    H N N 170 
ILE H2   H N N 171 
ILE HA   H N N 172 
ILE HB   H N N 173 
ILE HG12 H N N 174 
ILE HG13 H N N 175 
ILE HG21 H N N 176 
ILE HG22 H N N 177 
ILE HG23 H N N 178 
ILE HD11 H N N 179 
ILE HD12 H N N 180 
ILE HD13 H N N 181 
ILE HXT  H N N 182 
LEU N    N N N 183 
LEU CA   C N S 184 
LEU C    C N N 185 
LEU O    O N N 186 
LEU CB   C N N 187 
LEU CG   C N N 188 
LEU CD1  C N N 189 
LEU CD2  C N N 190 
LEU OXT  O N N 191 
LEU H    H N N 192 
LEU H2   H N N 193 
LEU HA   H N N 194 
LEU HB2  H N N 195 
LEU HB3  H N N 196 
LEU HG   H N N 197 
LEU HD11 H N N 198 
LEU HD12 H N N 199 
LEU HD13 H N N 200 
LEU HD21 H N N 201 
LEU HD22 H N N 202 
LEU HD23 H N N 203 
LEU HXT  H N N 204 
LYS N    N N N 205 
LYS CA   C N S 206 
LYS C    C N N 207 
LYS O    O N N 208 
LYS CB   C N N 209 
LYS CG   C N N 210 
LYS CD   C N N 211 
LYS CE   C N N 212 
LYS NZ   N N N 213 
LYS OXT  O N N 214 
LYS H    H N N 215 
LYS H2   H N N 216 
LYS HA   H N N 217 
LYS HB2  H N N 218 
LYS HB3  H N N 219 
LYS HG2  H N N 220 
LYS HG3  H N N 221 
LYS HD2  H N N 222 
LYS HD3  H N N 223 
LYS HE2  H N N 224 
LYS HE3  H N N 225 
LYS HZ1  H N N 226 
LYS HZ2  H N N 227 
LYS HZ3  H N N 228 
LYS HXT  H N N 229 
MET N    N N N 230 
MET CA   C N S 231 
MET C    C N N 232 
MET O    O N N 233 
MET CB   C N N 234 
MET CG   C N N 235 
MET SD   S N N 236 
MET CE   C N N 237 
MET OXT  O N N 238 
MET H    H N N 239 
MET H2   H N N 240 
MET HA   H N N 241 
MET HB2  H N N 242 
MET HB3  H N N 243 
MET HG2  H N N 244 
MET HG3  H N N 245 
MET HE1  H N N 246 
MET HE2  H N N 247 
MET HE3  H N N 248 
MET HXT  H N N 249 
PHE N    N N N 250 
PHE CA   C N S 251 
PHE C    C N N 252 
PHE O    O N N 253 
PHE CB   C N N 254 
PHE CG   C Y N 255 
PHE CD1  C Y N 256 
PHE CD2  C Y N 257 
PHE CE1  C Y N 258 
PHE CE2  C Y N 259 
PHE CZ   C Y N 260 
PHE OXT  O N N 261 
PHE H    H N N 262 
PHE H2   H N N 263 
PHE HA   H N N 264 
PHE HB2  H N N 265 
PHE HB3  H N N 266 
PHE HD1  H N N 267 
PHE HD2  H N N 268 
PHE HE1  H N N 269 
PHE HE2  H N N 270 
PHE HZ   H N N 271 
PHE HXT  H N N 272 
PRO N    N N N 273 
PRO CA   C N S 274 
PRO C    C N N 275 
PRO O    O N N 276 
PRO CB   C N N 277 
PRO CG   C N N 278 
PRO CD   C N N 279 
PRO OXT  O N N 280 
PRO H    H N N 281 
PRO HA   H N N 282 
PRO HB2  H N N 283 
PRO HB3  H N N 284 
PRO HG2  H N N 285 
PRO HG3  H N N 286 
PRO HD2  H N N 287 
PRO HD3  H N N 288 
PRO HXT  H N N 289 
SER N    N N N 290 
SER CA   C N S 291 
SER C    C N N 292 
SER O    O N N 293 
SER CB   C N N 294 
SER OG   O N N 295 
SER OXT  O N N 296 
SER H    H N N 297 
SER H2   H N N 298 
SER HA   H N N 299 
SER HB2  H N N 300 
SER HB3  H N N 301 
SER HG   H N N 302 
SER HXT  H N N 303 
THR N    N N N 304 
THR CA   C N S 305 
THR C    C N N 306 
THR O    O N N 307 
THR CB   C N R 308 
THR OG1  O N N 309 
THR CG2  C N N 310 
THR OXT  O N N 311 
THR H    H N N 312 
THR H2   H N N 313 
THR HA   H N N 314 
THR HB   H N N 315 
THR HG1  H N N 316 
THR HG21 H N N 317 
THR HG22 H N N 318 
THR HG23 H N N 319 
THR HXT  H N N 320 
TYR N    N N N 321 
TYR CA   C N S 322 
TYR C    C N N 323 
TYR O    O N N 324 
TYR CB   C N N 325 
TYR CG   C Y N 326 
TYR CD1  C Y N 327 
TYR CD2  C Y N 328 
TYR CE1  C Y N 329 
TYR CE2  C Y N 330 
TYR CZ   C Y N 331 
TYR OH   O N N 332 
TYR OXT  O N N 333 
TYR H    H N N 334 
TYR H2   H N N 335 
TYR HA   H N N 336 
TYR HB2  H N N 337 
TYR HB3  H N N 338 
TYR HD1  H N N 339 
TYR HD2  H N N 340 
TYR HE1  H N N 341 
TYR HE2  H N N 342 
TYR HH   H N N 343 
TYR HXT  H N N 344 
VAL N    N N N 345 
VAL CA   C N S 346 
VAL C    C N N 347 
VAL O    O N N 348 
VAL CB   C N N 349 
VAL CG1  C N N 350 
VAL CG2  C N N 351 
VAL OXT  O N N 352 
VAL H    H N N 353 
VAL H2   H N N 354 
VAL HA   H N N 355 
VAL HB   H N N 356 
VAL HG11 H N N 357 
VAL HG12 H N N 358 
VAL HG13 H N N 359 
VAL HG21 H N N 360 
VAL HG22 H N N 361 
VAL HG23 H N N 362 
VAL HXT  H N N 363 
# 
loop_
_chem_comp_bond.comp_id 
_chem_comp_bond.atom_id_1 
_chem_comp_bond.atom_id_2 
_chem_comp_bond.value_order 
_chem_comp_bond.pdbx_aromatic_flag 
_chem_comp_bond.pdbx_stereo_config 
_chem_comp_bond.pdbx_ordinal 
ALA N   CA   sing N N 1   
ALA N   H    sing N N 2   
ALA N   H2   sing N N 3   
ALA CA  C    sing N N 4   
ALA CA  CB   sing N N 5   
ALA CA  HA   sing N N 6   
ALA C   O    doub N N 7   
ALA C   OXT  sing N N 8   
ALA CB  HB1  sing N N 9   
ALA CB  HB2  sing N N 10  
ALA CB  HB3  sing N N 11  
ALA OXT HXT  sing N N 12  
ARG N   CA   sing N N 13  
ARG N   H    sing N N 14  
ARG N   H2   sing N N 15  
ARG CA  C    sing N N 16  
ARG CA  CB   sing N N 17  
ARG CA  HA   sing N N 18  
ARG C   O    doub N N 19  
ARG C   OXT  sing N N 20  
ARG CB  CG   sing N N 21  
ARG CB  HB2  sing N N 22  
ARG CB  HB3  sing N N 23  
ARG CG  CD   sing N N 24  
ARG CG  HG2  sing N N 25  
ARG CG  HG3  sing N N 26  
ARG CD  NE   sing N N 27  
ARG CD  HD2  sing N N 28  
ARG CD  HD3  sing N N 29  
ARG NE  CZ   sing N N 30  
ARG NE  HE   sing N N 31  
ARG CZ  NH1  sing N N 32  
ARG CZ  NH2  doub N N 33  
ARG NH1 HH11 sing N N 34  
ARG NH1 HH12 sing N N 35  
ARG NH2 HH21 sing N N 36  
ARG NH2 HH22 sing N N 37  
ARG OXT HXT  sing N N 38  
ASN N   CA   sing N N 39  
ASN N   H    sing N N 40  
ASN N   H2   sing N N 41  
ASN CA  C    sing N N 42  
ASN CA  CB   sing N N 43  
ASN CA  HA   sing N N 44  
ASN C   O    doub N N 45  
ASN C   OXT  sing N N 46  
ASN CB  CG   sing N N 47  
ASN CB  HB2  sing N N 48  
ASN CB  HB3  sing N N 49  
ASN CG  OD1  doub N N 50  
ASN CG  ND2  sing N N 51  
ASN ND2 HD21 sing N N 52  
ASN ND2 HD22 sing N N 53  
ASN OXT HXT  sing N N 54  
ASP N   CA   sing N N 55  
ASP N   H    sing N N 56  
ASP N   H2   sing N N 57  
ASP CA  C    sing N N 58  
ASP CA  CB   sing N N 59  
ASP CA  HA   sing N N 60  
ASP C   O    doub N N 61  
ASP C   OXT  sing N N 62  
ASP CB  CG   sing N N 63  
ASP CB  HB2  sing N N 64  
ASP CB  HB3  sing N N 65  
ASP CG  OD1  doub N N 66  
ASP CG  OD2  sing N N 67  
ASP OD2 HD2  sing N N 68  
ASP OXT HXT  sing N N 69  
CYS N   CA   sing N N 70  
CYS N   H    sing N N 71  
CYS N   H2   sing N N 72  
CYS CA  C    sing N N 73  
CYS CA  CB   sing N N 74  
CYS CA  HA   sing N N 75  
CYS C   O    doub N N 76  
CYS C   OXT  sing N N 77  
CYS CB  SG   sing N N 78  
CYS CB  HB2  sing N N 79  
CYS CB  HB3  sing N N 80  
CYS SG  HG   sing N N 81  
CYS OXT HXT  sing N N 82  
GLN N   CA   sing N N 83  
GLN N   H    sing N N 84  
GLN N   H2   sing N N 85  
GLN CA  C    sing N N 86  
GLN CA  CB   sing N N 87  
GLN CA  HA   sing N N 88  
GLN C   O    doub N N 89  
GLN C   OXT  sing N N 90  
GLN CB  CG   sing N N 91  
GLN CB  HB2  sing N N 92  
GLN CB  HB3  sing N N 93  
GLN CG  CD   sing N N 94  
GLN CG  HG2  sing N N 95  
GLN CG  HG3  sing N N 96  
GLN CD  OE1  doub N N 97  
GLN CD  NE2  sing N N 98  
GLN NE2 HE21 sing N N 99  
GLN NE2 HE22 sing N N 100 
GLN OXT HXT  sing N N 101 
GLU N   CA   sing N N 102 
GLU N   H    sing N N 103 
GLU N   H2   sing N N 104 
GLU CA  C    sing N N 105 
GLU CA  CB   sing N N 106 
GLU CA  HA   sing N N 107 
GLU C   O    doub N N 108 
GLU C   OXT  sing N N 109 
GLU CB  CG   sing N N 110 
GLU CB  HB2  sing N N 111 
GLU CB  HB3  sing N N 112 
GLU CG  CD   sing N N 113 
GLU CG  HG2  sing N N 114 
GLU CG  HG3  sing N N 115 
GLU CD  OE1  doub N N 116 
GLU CD  OE2  sing N N 117 
GLU OE2 HE2  sing N N 118 
GLU OXT HXT  sing N N 119 
GLY N   CA   sing N N 120 
GLY N   H    sing N N 121 
GLY N   H2   sing N N 122 
GLY CA  C    sing N N 123 
GLY CA  HA2  sing N N 124 
GLY CA  HA3  sing N N 125 
GLY C   O    doub N N 126 
GLY C   OXT  sing N N 127 
GLY OXT HXT  sing N N 128 
HIS N   CA   sing N N 129 
HIS N   H    sing N N 130 
HIS N   H2   sing N N 131 
HIS CA  C    sing N N 132 
HIS CA  CB   sing N N 133 
HIS CA  HA   sing N N 134 
HIS C   O    doub N N 135 
HIS C   OXT  sing N N 136 
HIS CB  CG   sing N N 137 
HIS CB  HB2  sing N N 138 
HIS CB  HB3  sing N N 139 
HIS CG  ND1  sing Y N 140 
HIS CG  CD2  doub Y N 141 
HIS ND1 CE1  doub Y N 142 
HIS ND1 HD1  sing N N 143 
HIS CD2 NE2  sing Y N 144 
HIS CD2 HD2  sing N N 145 
HIS CE1 NE2  sing Y N 146 
HIS CE1 HE1  sing N N 147 
HIS NE2 HE2  sing N N 148 
HIS OXT HXT  sing N N 149 
HOH O   H1   sing N N 150 
HOH O   H2   sing N N 151 
ILE N   CA   sing N N 152 
ILE N   H    sing N N 153 
ILE N   H2   sing N N 154 
ILE CA  C    sing N N 155 
ILE CA  CB   sing N N 156 
ILE CA  HA   sing N N 157 
ILE C   O    doub N N 158 
ILE C   OXT  sing N N 159 
ILE CB  CG1  sing N N 160 
ILE CB  CG2  sing N N 161 
ILE CB  HB   sing N N 162 
ILE CG1 CD1  sing N N 163 
ILE CG1 HG12 sing N N 164 
ILE CG1 HG13 sing N N 165 
ILE CG2 HG21 sing N N 166 
ILE CG2 HG22 sing N N 167 
ILE CG2 HG23 sing N N 168 
ILE CD1 HD11 sing N N 169 
ILE CD1 HD12 sing N N 170 
ILE CD1 HD13 sing N N 171 
ILE OXT HXT  sing N N 172 
LEU N   CA   sing N N 173 
LEU N   H    sing N N 174 
LEU N   H2   sing N N 175 
LEU CA  C    sing N N 176 
LEU CA  CB   sing N N 177 
LEU CA  HA   sing N N 178 
LEU C   O    doub N N 179 
LEU C   OXT  sing N N 180 
LEU CB  CG   sing N N 181 
LEU CB  HB2  sing N N 182 
LEU CB  HB3  sing N N 183 
LEU CG  CD1  sing N N 184 
LEU CG  CD2  sing N N 185 
LEU CG  HG   sing N N 186 
LEU CD1 HD11 sing N N 187 
LEU CD1 HD12 sing N N 188 
LEU CD1 HD13 sing N N 189 
LEU CD2 HD21 sing N N 190 
LEU CD2 HD22 sing N N 191 
LEU CD2 HD23 sing N N 192 
LEU OXT HXT  sing N N 193 
LYS N   CA   sing N N 194 
LYS N   H    sing N N 195 
LYS N   H2   sing N N 196 
LYS CA  C    sing N N 197 
LYS CA  CB   sing N N 198 
LYS CA  HA   sing N N 199 
LYS C   O    doub N N 200 
LYS C   OXT  sing N N 201 
LYS CB  CG   sing N N 202 
LYS CB  HB2  sing N N 203 
LYS CB  HB3  sing N N 204 
LYS CG  CD   sing N N 205 
LYS CG  HG2  sing N N 206 
LYS CG  HG3  sing N N 207 
LYS CD  CE   sing N N 208 
LYS CD  HD2  sing N N 209 
LYS CD  HD3  sing N N 210 
LYS CE  NZ   sing N N 211 
LYS CE  HE2  sing N N 212 
LYS CE  HE3  sing N N 213 
LYS NZ  HZ1  sing N N 214 
LYS NZ  HZ2  sing N N 215 
LYS NZ  HZ3  sing N N 216 
LYS OXT HXT  sing N N 217 
MET N   CA   sing N N 218 
MET N   H    sing N N 219 
MET N   H2   sing N N 220 
MET CA  C    sing N N 221 
MET CA  CB   sing N N 222 
MET CA  HA   sing N N 223 
MET C   O    doub N N 224 
MET C   OXT  sing N N 225 
MET CB  CG   sing N N 226 
MET CB  HB2  sing N N 227 
MET CB  HB3  sing N N 228 
MET CG  SD   sing N N 229 
MET CG  HG2  sing N N 230 
MET CG  HG3  sing N N 231 
MET SD  CE   sing N N 232 
MET CE  HE1  sing N N 233 
MET CE  HE2  sing N N 234 
MET CE  HE3  sing N N 235 
MET OXT HXT  sing N N 236 
PHE N   CA   sing N N 237 
PHE N   H    sing N N 238 
PHE N   H2   sing N N 239 
PHE CA  C    sing N N 240 
PHE CA  CB   sing N N 241 
PHE CA  HA   sing N N 242 
PHE C   O    doub N N 243 
PHE C   OXT  sing N N 244 
PHE CB  CG   sing N N 245 
PHE CB  HB2  sing N N 246 
PHE CB  HB3  sing N N 247 
PHE CG  CD1  doub Y N 248 
PHE CG  CD2  sing Y N 249 
PHE CD1 CE1  sing Y N 250 
PHE CD1 HD1  sing N N 251 
PHE CD2 CE2  doub Y N 252 
PHE CD2 HD2  sing N N 253 
PHE CE1 CZ   doub Y N 254 
PHE CE1 HE1  sing N N 255 
PHE CE2 CZ   sing Y N 256 
PHE CE2 HE2  sing N N 257 
PHE CZ  HZ   sing N N 258 
PHE OXT HXT  sing N N 259 
PRO N   CA   sing N N 260 
PRO N   CD   sing N N 261 
PRO N   H    sing N N 262 
PRO CA  C    sing N N 263 
PRO CA  CB   sing N N 264 
PRO CA  HA   sing N N 265 
PRO C   O    doub N N 266 
PRO C   OXT  sing N N 267 
PRO CB  CG   sing N N 268 
PRO CB  HB2  sing N N 269 
PRO CB  HB3  sing N N 270 
PRO CG  CD   sing N N 271 
PRO CG  HG2  sing N N 272 
PRO CG  HG3  sing N N 273 
PRO CD  HD2  sing N N 274 
PRO CD  HD3  sing N N 275 
PRO OXT HXT  sing N N 276 
SER N   CA   sing N N 277 
SER N   H    sing N N 278 
SER N   H2   sing N N 279 
SER CA  C    sing N N 280 
SER CA  CB   sing N N 281 
SER CA  HA   sing N N 282 
SER C   O    doub N N 283 
SER C   OXT  sing N N 284 
SER CB  OG   sing N N 285 
SER CB  HB2  sing N N 286 
SER CB  HB3  sing N N 287 
SER OG  HG   sing N N 288 
SER OXT HXT  sing N N 289 
THR N   CA   sing N N 290 
THR N   H    sing N N 291 
THR N   H2   sing N N 292 
THR CA  C    sing N N 293 
THR CA  CB   sing N N 294 
THR CA  HA   sing N N 295 
THR C   O    doub N N 296 
THR C   OXT  sing N N 297 
THR CB  OG1  sing N N 298 
THR CB  CG2  sing N N 299 
THR CB  HB   sing N N 300 
THR OG1 HG1  sing N N 301 
THR CG2 HG21 sing N N 302 
THR CG2 HG22 sing N N 303 
THR CG2 HG23 sing N N 304 
THR OXT HXT  sing N N 305 
TYR N   CA   sing N N 306 
TYR N   H    sing N N 307 
TYR N   H2   sing N N 308 
TYR CA  C    sing N N 309 
TYR CA  CB   sing N N 310 
TYR CA  HA   sing N N 311 
TYR C   O    doub N N 312 
TYR C   OXT  sing N N 313 
TYR CB  CG   sing N N 314 
TYR CB  HB2  sing N N 315 
TYR CB  HB3  sing N N 316 
TYR CG  CD1  doub Y N 317 
TYR CG  CD2  sing Y N 318 
TYR CD1 CE1  sing Y N 319 
TYR CD1 HD1  sing N N 320 
TYR CD2 CE2  doub Y N 321 
TYR CD2 HD2  sing N N 322 
TYR CE1 CZ   doub Y N 323 
TYR CE1 HE1  sing N N 324 
TYR CE2 CZ   sing Y N 325 
TYR CE2 HE2  sing N N 326 
TYR CZ  OH   sing N N 327 
TYR OH  HH   sing N N 328 
TYR OXT HXT  sing N N 329 
VAL N   CA   sing N N 330 
VAL N   H    sing N N 331 
VAL N   H2   sing N N 332 
VAL CA  C    sing N N 333 
VAL CA  CB   sing N N 334 
VAL CA  HA   sing N N 335 
VAL C   O    doub N N 336 
VAL C   OXT  sing N N 337 
VAL CB  CG1  sing N N 338 
VAL CB  CG2  sing N N 339 
VAL CB  HB   sing N N 340 
VAL CG1 HG11 sing N N 341 
VAL CG1 HG12 sing N N 342 
VAL CG1 HG13 sing N N 343 
VAL CG2 HG21 sing N N 344 
VAL CG2 HG22 sing N N 345 
VAL CG2 HG23 sing N N 346 
VAL OXT HXT  sing N N 347 
# 
_atom_sites.entry_id                    5BY2 
_atom_sites.fract_transf_matrix[1][1]   -0.01042275 
_atom_sites.fract_transf_matrix[1][2]   -0.00738183 
_atom_sites.fract_transf_matrix[1][3]   -0.00479080 
_atom_sites.fract_transf_matrix[2][1]   -0.00256374 
_atom_sites.fract_transf_matrix[2][2]   0.00703274 
_atom_sites.fract_transf_matrix[2][3]   -0.00525867 
_atom_sites.fract_transf_matrix[3][1]   0.01312299 
_atom_sites.fract_transf_matrix[3][2]   -0.00769658 
_atom_sites.fract_transf_matrix[3][3]   -0.01669092 
_atom_sites.fract_transf_vector[1]      0.196207 
_atom_sites.fract_transf_vector[2]      0.093914 
_atom_sites.fract_transf_vector[3]      0.377228 
# 
loop_
_atom_type.symbol 
C 
N 
O 
S 
# 
loop_
_atom_site.group_PDB 
_atom_site.id 
_atom_site.type_symbol 
_atom_site.label_atom_id 
_atom_site.label_alt_id 
_atom_site.label_comp_id 
_atom_site.label_asym_id 
_atom_site.label_entity_id 
_atom_site.label_seq_id 
_atom_site.pdbx_PDB_ins_code 
_atom_site.Cartn_x 
_atom_site.Cartn_y 
_atom_site.Cartn_z 
_atom_site.occupancy 
_atom_site.B_iso_or_equiv 
_atom_site.pdbx_formal_charge 
_atom_site.auth_seq_id 
_atom_site.auth_comp_id 
_atom_site.auth_asym_id 
_atom_site.auth_atom_id 
_atom_site.pdbx_PDB_model_num 
ATOM   1    N N   . HIS A 1 3   ? -3.730  -32.181 14.349  1.00 40.18  ? 0   HIS A N   1 
ATOM   2    C CA  . HIS A 1 3   ? -2.915  -32.655 13.238  1.00 49.25  ? 0   HIS A CA  1 
ATOM   3    C C   . HIS A 1 3   ? -2.492  -31.493 12.353  1.00 59.13  ? 0   HIS A C   1 
ATOM   4    O O   . HIS A 1 3   ? -3.323  -30.688 11.926  1.00 55.43  ? 0   HIS A O   1 
ATOM   5    C CB  . HIS A 1 3   ? -3.672  -33.697 12.416  1.00 54.87  ? 0   HIS A CB  1 
ATOM   6    C CG  . HIS A 1 3   ? -2.870  -34.284 11.305  1.00 59.63  ? 0   HIS A CG  1 
ATOM   7    N ND1 . HIS A 1 3   ? -1.678  -34.951 11.513  1.00 69.14  ? 0   HIS A ND1 1 
ATOM   8    C CD2 . HIS A 1 3   ? -3.084  -34.329 9.965   1.00 62.04  ? 0   HIS A CD2 1 
ATOM   9    C CE1 . HIS A 1 3   ? -1.193  -35.368 10.362  1.00 66.07  ? 0   HIS A CE1 1 
ATOM   10   N NE2 . HIS A 1 3   ? -2.036  -35.006 9.404   1.00 72.89  ? 0   HIS A NE2 1 
ATOM   11   N N   . MET A 1 4   ? -1.195  -31.420 12.080  1.00 59.56  ? 1   MET A N   1 
ATOM   12   C CA  . MET A 1 4   ? -0.613  -30.288 11.371  1.00 52.77  ? 1   MET A CA  1 
ATOM   13   C C   . MET A 1 4   ? -1.103  -30.165 9.933   1.00 51.40  ? 1   MET A C   1 
ATOM   14   O O   . MET A 1 4   ? -1.416  -29.073 9.463   1.00 49.68  ? 1   MET A O   1 
ATOM   15   C CB  . MET A 1 4   ? 0.911   -30.394 11.382  1.00 51.97  ? 1   MET A CB  1 
ATOM   16   C CG  . MET A 1 4   ? 1.532   -30.320 12.761  1.00 52.94  ? 1   MET A CG  1 
ATOM   17   S SD  . MET A 1 4   ? 3.330   -30.454 12.693  1.00 67.88  ? 1   MET A SD  1 
ATOM   18   C CE  . MET A 1 4   ? 3.748   -30.123 14.404  1.00 59.60  ? 1   MET A CE  1 
ATOM   19   N N   . LEU A 1 5   ? -1.169  -31.298 9.244   1.00 50.87  ? 2   LEU A N   1 
ATOM   20   C CA  . LEU A 1 5   ? -1.452  -31.318 7.816   1.00 49.55  ? 2   LEU A CA  1 
ATOM   21   C C   . LEU A 1 5   ? -2.833  -30.762 7.471   1.00 49.93  ? 2   LEU A C   1 
ATOM   22   O O   . LEU A 1 5   ? -3.041  -30.238 6.379   1.00 52.18  ? 2   LEU A O   1 
ATOM   23   C CB  . LEU A 1 5   ? -1.312  -32.747 7.286   1.00 48.07  ? 2   LEU A CB  1 
ATOM   24   C CG  . LEU A 1 5   ? -1.533  -33.007 5.801   1.00 46.90  ? 2   LEU A CG  1 
ATOM   25   C CD1 . LEU A 1 5   ? -0.554  -32.199 4.975   1.00 49.26  ? 2   LEU A CD1 1 
ATOM   26   C CD2 . LEU A 1 5   ? -1.401  -34.492 5.503   1.00 41.42  ? 2   LEU A CD2 1 
ATOM   27   N N   . GLU A 1 6   ? -3.779  -30.863 8.396   1.00 51.10  ? 3   GLU A N   1 
ATOM   28   C CA  . GLU A 1 6   ? -5.120  -30.376 8.109   1.00 50.74  ? 3   GLU A CA  1 
ATOM   29   C C   . GLU A 1 6   ? -5.232  -28.878 8.365   1.00 49.15  ? 3   GLU A C   1 
ATOM   30   O O   . GLU A 1 6   ? -5.960  -28.178 7.662   1.00 53.87  ? 3   GLU A O   1 
ATOM   31   C CB  . GLU A 1 6   ? -6.169  -31.134 8.926   1.00 57.27  ? 3   GLU A CB  1 
ATOM   32   C CG  . GLU A 1 6   ? -7.599  -30.727 8.590   1.00 63.12  ? 3   GLU A CG  1 
ATOM   33   C CD  . GLU A 1 6   ? -8.552  -31.903 8.533   1.00 77.37  ? 3   GLU A CD  1 
ATOM   34   O OE1 . GLU A 1 6   ? -8.195  -32.981 9.053   1.00 78.17  ? 3   GLU A OE1 1 
ATOM   35   O OE2 . GLU A 1 6   ? -9.657  -31.751 7.968   1.00 86.60  ? 3   GLU A OE2 1 
ATOM   36   N N   . GLN A 1 7   ? -4.511  -28.372 9.358   1.00 46.83  ? 4   GLN A N   1 
ATOM   37   C CA  . GLN A 1 7   ? -4.542  -26.935 9.598   1.00 50.67  ? 4   GLN A CA  1 
ATOM   38   C C   . GLN A 1 7   ? -3.669  -26.215 8.576   1.00 43.68  ? 4   GLN A C   1 
ATOM   39   O O   . GLN A 1 7   ? -3.805  -25.010 8.377   1.00 45.22  ? 4   GLN A O   1 
ATOM   40   C CB  . GLN A 1 7   ? -4.113  -26.599 11.028  1.00 49.27  ? 4   GLN A CB  1 
ATOM   41   C CG  . GLN A 1 7   ? -2.657  -26.826 11.340  1.00 54.38  ? 4   GLN A CG  1 
ATOM   42   C CD  . GLN A 1 7   ? -2.303  -26.327 12.725  1.00 55.30  ? 4   GLN A CD  1 
ATOM   43   O OE1 . GLN A 1 7   ? -3.091  -25.630 13.361  1.00 51.41  ? 4   GLN A OE1 1 
ATOM   44   N NE2 . GLN A 1 7   ? -1.113  -26.682 13.201  1.00 57.14  ? 4   GLN A NE2 1 
ATOM   45   N N   . ILE A 1 8   ? -2.788  -26.962 7.917   1.00 41.55  ? 5   ILE A N   1 
ATOM   46   C CA  . ILE A 1 8   ? -2.079  -26.449 6.748   1.00 37.71  ? 5   ILE A CA  1 
ATOM   47   C C   . ILE A 1 8   ? -3.062  -26.196 5.616   1.00 42.35  ? 5   ILE A C   1 
ATOM   48   O O   . ILE A 1 8   ? -3.123  -25.097 5.065   1.00 45.17  ? 5   ILE A O   1 
ATOM   49   C CB  . ILE A 1 8   ? -1.000  -27.420 6.261   1.00 38.40  ? 5   ILE A CB  1 
ATOM   50   C CG1 . ILE A 1 8   ? 0.177   -27.430 7.231   1.00 48.01  ? 5   ILE A CG1 1 
ATOM   51   C CG2 . ILE A 1 8   ? -0.517  -27.033 4.876   1.00 34.45  ? 5   ILE A CG2 1 
ATOM   52   C CD1 . ILE A 1 8   ? 1.235   -28.444 6.878   1.00 46.51  ? 5   ILE A CD1 1 
ATOM   53   N N   . LYS A 1 9   ? -3.836  -27.224 5.278   1.00 39.78  ? 6   LYS A N   1 
ATOM   54   C CA  . LYS A 1 9   ? -4.853  -27.110 4.242   1.00 38.85  ? 6   LYS A CA  1 
ATOM   55   C C   . LYS A 1 9   ? -5.881  -26.035 4.579   1.00 43.03  ? 6   LYS A C   1 
ATOM   56   O O   . LYS A 1 9   ? -6.405  -25.373 3.682   1.00 40.90  ? 6   LYS A O   1 
ATOM   57   C CB  . LYS A 1 9   ? -5.554  -28.450 4.029   1.00 47.80  ? 6   LYS A CB  1 
ATOM   58   C CG  . LYS A 1 9   ? -4.691  -29.495 3.357   1.00 54.22  ? 6   LYS A CG  1 
ATOM   59   C CD  . LYS A 1 9   ? -5.491  -30.752 3.047   1.00 66.98  ? 6   LYS A CD  1 
ATOM   60   C CE  . LYS A 1 9   ? -6.072  -31.364 4.310   1.00 63.70  ? 6   LYS A CE  1 
ATOM   61   N NZ  . LYS A 1 9   ? -6.871  -32.584 4.013   1.00 73.77  ? 6   LYS A NZ  1 
ATOM   62   N N   . ASN A 1 10  ? -6.170  -25.864 5.866   1.00 42.37  ? 7   ASN A N   1 
ATOM   63   C CA  . ASN A 1 10  ? -7.089  -24.818 6.294   1.00 41.36  ? 7   ASN A CA  1 
ATOM   64   C C   . ASN A 1 10  ? -6.579  -23.440 5.899   1.00 42.06  ? 7   ASN A C   1 
ATOM   65   O O   . ASN A 1 10  ? -7.348  -22.594 5.439   1.00 43.51  ? 7   ASN A O   1 
ATOM   66   C CB  . ASN A 1 10  ? -7.319  -24.876 7.804   1.00 42.58  ? 7   ASN A CB  1 
ATOM   67   C CG  . ASN A 1 10  ? -8.186  -26.048 8.217   1.00 52.97  ? 7   ASN A CG  1 
ATOM   68   O OD1 . ASN A 1 10  ? -8.935  -26.597 7.409   1.00 62.01  ? 7   ASN A OD1 1 
ATOM   69   N ND2 . ASN A 1 10  ? -8.095  -26.433 9.484   1.00 54.25  ? 7   ASN A ND2 1 
ATOM   70   N N   . ASN A 1 11  ? -5.279  -23.215 6.067   1.00 37.88  ? 8   ASN A N   1 
ATOM   71   C CA  . ASN A 1 11  ? -4.696  -21.930 5.707   1.00 35.46  ? 8   ASN A CA  1 
ATOM   72   C C   . ASN A 1 11  ? -4.776  -21.709 4.210   1.00 32.89  ? 8   ASN A C   1 
ATOM   73   O O   . ASN A 1 11  ? -5.012  -20.593 3.756   1.00 34.29  ? 8   ASN A O   1 
ATOM   74   C CB  . ASN A 1 11  ? -3.249  -21.833 6.185   1.00 35.40  ? 8   ASN A CB  1 
ATOM   75   C CG  . ASN A 1 11  ? -3.146  -21.602 7.676   1.00 43.20  ? 8   ASN A CG  1 
ATOM   76   O OD1 . ASN A 1 11  ? -4.033  -21.986 8.439   1.00 50.73  ? 8   ASN A OD1 1 
ATOM   77   N ND2 . ASN A 1 11  ? -2.064  -20.965 8.101   1.00 44.64  ? 8   ASN A ND2 1 
ATOM   78   N N   . PHE A 1 12  ? -4.593  -22.780 3.444   1.00 33.44  ? 9   PHE A N   1 
ATOM   79   C CA  . PHE A 1 12  ? -4.734  -22.707 1.994   1.00 31.97  ? 9   PHE A CA  1 
ATOM   80   C C   . PHE A 1 12  ? -6.190  -22.523 1.601   1.00 31.01  ? 9   PHE A C   1 
ATOM   81   O O   . PHE A 1 12  ? -6.505  -21.741 0.712   1.00 33.47  ? 9   PHE A O   1 
ATOM   82   C CB  . PHE A 1 12  ? -4.172  -23.959 1.325   1.00 30.81  ? 9   PHE A CB  1 
ATOM   83   C CG  . PHE A 1 12  ? -2.697  -23.912 1.111   1.00 29.99  ? 9   PHE A CG  1 
ATOM   84   C CD1 . PHE A 1 12  ? -2.172  -23.329 -0.027  1.00 29.99  ? 9   PHE A CD1 1 
ATOM   85   C CD2 . PHE A 1 12  ? -1.832  -24.442 2.051   1.00 36.66  ? 9   PHE A CD2 1 
ATOM   86   C CE1 . PHE A 1 12  ? -0.810  -23.280 -0.226  1.00 34.61  ? 9   PHE A CE1 1 
ATOM   87   C CE2 . PHE A 1 12  ? -0.464  -24.399 1.859   1.00 36.37  ? 9   PHE A CE2 1 
ATOM   88   C CZ  . PHE A 1 12  ? 0.048   -23.817 0.720   1.00 37.46  ? 9   PHE A CZ  1 
ATOM   89   N N   . THR A 1 13  ? -7.076  -23.252 2.265   1.00 29.05  ? 10  THR A N   1 
ATOM   90   C CA  . THR A 1 13  ? -8.493  -23.148 1.972   1.00 28.74  ? 10  THR A CA  1 
ATOM   91   C C   . THR A 1 13  ? -8.996  -21.745 2.277   1.00 32.05  ? 10  THR A C   1 
ATOM   92   O O   . THR A 1 13  ? -9.683  -21.132 1.462   1.00 30.49  ? 10  THR A O   1 
ATOM   93   C CB  . THR A 1 13  ? -9.312  -24.167 2.776   1.00 36.84  ? 10  THR A CB  1 
ATOM   94   O OG1 . THR A 1 13  ? -8.854  -25.492 2.477   1.00 38.47  ? 10  THR A OG1 1 
ATOM   95   C CG2 . THR A 1 13  ? -10.786 -24.056 2.432   1.00 36.03  ? 10  THR A CG2 1 
ATOM   96   N N   . GLU A 1 14  ? -8.640  -21.232 3.450   1.00 33.15  ? 11  GLU A N   1 
ATOM   97   C CA  . GLU A 1 14  ? -9.131  -19.928 3.872   1.00 33.64  ? 11  GLU A CA  1 
ATOM   98   C C   . GLU A 1 14  ? -8.556  -18.826 2.988   1.00 32.94  ? 11  GLU A C   1 
ATOM   99   O O   . GLU A 1 14  ? -9.226  -17.834 2.701   1.00 30.35  ? 11  GLU A O   1 
ATOM   100  C CB  . GLU A 1 14  ? -8.792  -19.674 5.341   1.00 31.85  ? 11  GLU A CB  1 
ATOM   101  C CG  . GLU A 1 14  ? -9.475  -18.445 5.920   1.00 38.56  ? 11  GLU A CG  1 
ATOM   102  C CD  . GLU A 1 14  ? -9.144  -18.219 7.381   1.00 45.71  ? 11  GLU A CD  1 
ATOM   103  O OE1 . GLU A 1 14  ? -8.304  -18.965 7.928   1.00 52.03  ? 11  GLU A OE1 1 
ATOM   104  O OE2 . GLU A 1 14  ? -9.723  -17.288 7.981   1.00 51.66  ? 11  GLU A OE2 1 
ATOM   105  N N   . SER A 1 15  ? -7.315  -19.015 2.553   1.00 32.36  ? 12  SER A N   1 
ATOM   106  C CA  . SER A 1 15  ? -6.652  -18.058 1.680   1.00 28.22  ? 12  SER A CA  1 
ATOM   107  C C   . SER A 1 15  ? -7.380  -17.975 0.350   1.00 26.76  ? 12  SER A C   1 
ATOM   108  O O   . SER A 1 15  ? -7.756  -16.898 -0.097  1.00 31.59  ? 12  SER A O   1 
ATOM   109  C CB  . SER A 1 15  ? -5.191  -18.448 1.464   1.00 30.87  ? 12  SER A CB  1 
ATOM   110  O OG  . SER A 1 15  ? -4.558  -17.577 0.546   1.00 40.15  ? 12  SER A OG  1 
ATOM   111  N N   . ILE A 1 16  ? -7.580  -19.130 -0.269  1.00 32.10  ? 13  ILE A N   1 
ATOM   112  C CA  . ILE A 1 16  ? -8.299  -19.227 -1.534  1.00 32.33  ? 13  ILE A CA  1 
ATOM   113  C C   . ILE A 1 16  ? -9.693  -18.614 -1.435  1.00 31.75  ? 13  ILE A C   1 
ATOM   114  O O   . ILE A 1 16  ? -10.097 -17.837 -2.298  1.00 33.49  ? 13  ILE A O   1 
ATOM   115  C CB  . ILE A 1 16  ? -8.404  -20.693 -1.986  1.00 26.61  ? 13  ILE A CB  1 
ATOM   116  C CG1 . ILE A 1 16  ? -7.010  -21.229 -2.309  1.00 25.53  ? 13  ILE A CG1 1 
ATOM   117  C CG2 . ILE A 1 16  ? -9.296  -20.815 -3.201  1.00 31.13  ? 13  ILE A CG2 1 
ATOM   118  C CD1 . ILE A 1 16  ? -6.923  -22.724 -2.368  1.00 29.62  ? 13  ILE A CD1 1 
ATOM   119  N N   . GLN A 1 17  ? -10.417 -18.948 -0.374  1.00 30.00  ? 14  GLN A N   1 
ATOM   120  C CA  . GLN A 1 17  ? -11.742 -18.381 -0.152  1.00 29.94  ? 14  GLN A CA  1 
ATOM   121  C C   . GLN A 1 17  ? -11.689 -16.862 -0.029  1.00 28.32  ? 14  GLN A C   1 
ATOM   122  O O   . GLN A 1 17  ? -12.545 -16.164 -0.573  1.00 31.75  ? 14  GLN A O   1 
ATOM   123  C CB  . GLN A 1 17  ? -12.383 -18.993 1.093   1.00 30.07  ? 14  GLN A CB  1 
ATOM   124  C CG  . GLN A 1 17  ? -12.965 -20.385 0.873   1.00 33.12  ? 14  GLN A CG  1 
ATOM   125  C CD  . GLN A 1 17  ? -13.469 -21.016 2.163   1.00 47.86  ? 14  GLN A CD  1 
ATOM   126  O OE1 . GLN A 1 17  ? -12.996 -20.686 3.251   1.00 47.84  ? 14  GLN A OE1 1 
ATOM   127  N NE2 . GLN A 1 17  ? -14.432 -21.927 2.046   1.00 43.33  ? 14  GLN A NE2 1 
ATOM   128  N N   . THR A 1 18  ? -10.681 -16.349 0.673   1.00 27.76  ? 15  THR A N   1 
ATOM   129  C CA  . THR A 1 18  ? -10.522 -14.902 0.811   1.00 29.96  ? 15  THR A CA  1 
ATOM   130  C C   . THR A 1 18  ? -10.138 -14.279 -0.529  1.00 32.45  ? 15  THR A C   1 
ATOM   131  O O   . THR A 1 18  ? -10.672 -13.236 -0.912  1.00 25.62  ? 15  THR A O   1 
ATOM   132  C CB  . THR A 1 18  ? -9.459  -14.534 1.859   1.00 27.08  ? 15  THR A CB  1 
ATOM   133  O OG1 . THR A 1 18  ? -9.708  -15.250 3.073   1.00 30.87  ? 15  THR A OG1 1 
ATOM   134  C CG2 . THR A 1 18  ? -9.498  -13.047 2.146   1.00 24.18  ? 15  THR A CG2 1 
ATOM   135  N N   . GLN A 1 19  ? -9.210  -14.932 -1.230  1.00 30.62  ? 16  GLN A N   1 
ATOM   136  C CA  . GLN A 1 19  ? -8.781  -14.511 -2.561  1.00 28.31  ? 16  GLN A CA  1 
ATOM   137  C C   . GLN A 1 19  ? -9.958  -14.382 -3.510  1.00 32.39  ? 16  GLN A C   1 
ATOM   138  O O   . GLN A 1 19  ? -10.061 -13.413 -4.261  1.00 34.17  ? 16  GLN A O   1 
ATOM   139  C CB  . GLN A 1 19  ? -7.776  -15.505 -3.142  1.00 35.25  ? 16  GLN A CB  1 
ATOM   140  C CG  . GLN A 1 19  ? -6.398  -15.443 -2.525  1.00 41.07  ? 16  GLN A CG  1 
ATOM   141  C CD  . GLN A 1 19  ? -5.681  -14.163 -2.866  1.00 46.60  ? 16  GLN A CD  1 
ATOM   142  O OE1 . GLN A 1 19  ? -6.007  -13.501 -3.850  1.00 53.75  ? 16  GLN A OE1 1 
ATOM   143  N NE2 . GLN A 1 19  ? -4.700  -13.798 -2.048  1.00 45.10  ? 16  GLN A NE2 1 
ATOM   144  N N   . ILE A 1 20  ? -10.838 -15.376 -3.476  1.00 30.81  ? 17  ILE A N   1 
ATOM   145  C CA  . ILE A 1 20  ? -12.009 -15.393 -4.341  1.00 33.45  ? 17  ILE A CA  1 
ATOM   146  C C   . ILE A 1 20  ? -12.948 -14.248 -4.018  1.00 33.56  ? 17  ILE A C   1 
ATOM   147  O O   . ILE A 1 20  ? -13.346 -13.497 -4.907  1.00 36.56  ? 17  ILE A O   1 
ATOM   148  C CB  . ILE A 1 20  ? -12.775 -16.709 -4.215  1.00 31.38  ? 17  ILE A CB  1 
ATOM   149  C CG1 . ILE A 1 20  ? -11.945 -17.847 -4.801  1.00 28.92  ? 17  ILE A CG1 1 
ATOM   150  C CG2 . ILE A 1 20  ? -14.109 -16.609 -4.921  1.00 27.71  ? 17  ILE A CG2 1 
ATOM   151  C CD1 . ILE A 1 20  ? -12.510 -19.206 -4.524  1.00 33.99  ? 17  ILE A CD1 1 
ATOM   152  N N   . ALA A 1 21  ? -13.298 -14.122 -2.743  1.00 30.74  ? 18  ALA A N   1 
ATOM   153  C CA  . ALA A 1 21  ? -14.177 -13.051 -2.305  1.00 32.24  ? 18  ALA A CA  1 
ATOM   154  C C   . ALA A 1 21  ? -13.581 -11.699 -2.667  1.00 35.08  ? 18  ALA A C   1 
ATOM   155  O O   . ALA A 1 21  ? -14.292 -10.794 -3.098  1.00 39.75  ? 18  ALA A O   1 
ATOM   156  C CB  . ALA A 1 21  ? -14.427 -13.142 -0.813  1.00 30.91  ? 18  ALA A CB  1 
ATOM   157  N N   . ALA A 1 22  ? -12.269 -11.569 -2.506  1.00 36.43  ? 19  ALA A N   1 
ATOM   158  C CA  . ALA A 1 22  ? -11.601 -10.311 -2.803  1.00 34.96  ? 19  ALA A CA  1 
ATOM   159  C C   . ALA A 1 22  ? -11.712 -9.976  -4.288  1.00 37.28  ? 19  ALA A C   1 
ATOM   160  O O   . ALA A 1 22  ? -11.975 -8.831  -4.654  1.00 39.08  ? 19  ALA A O   1 
ATOM   161  C CB  . ALA A 1 22  ? -10.146 -10.364 -2.375  1.00 29.51  ? 19  ALA A CB  1 
ATOM   162  N N   . SER A 1 23  ? -11.523 -10.983 -5.137  1.00 37.54  ? 20  SER A N   1 
ATOM   163  C CA  . SER A 1 23  ? -11.584 -10.794 -6.584  1.00 37.16  ? 20  SER A CA  1 
ATOM   164  C C   . SER A 1 23  ? -12.958 -10.328 -7.038  1.00 42.61  ? 20  SER A C   1 
ATOM   165  O O   . SER A 1 23  ? -13.083 -9.534  -7.970  1.00 45.96  ? 20  SER A O   1 
ATOM   166  C CB  . SER A 1 23  ? -11.240 -12.089 -7.309  1.00 35.35  ? 20  SER A CB  1 
ATOM   167  O OG  . SER A 1 23  ? -12.324 -12.993 -7.217  1.00 37.77  ? 20  SER A OG  1 
ATOM   168  N N   . GLU A 1 24  ? -13.989 -10.837 -6.376  1.00 44.11  ? 21  GLU A N   1 
ATOM   169  C CA  . GLU A 1 24  ? -15.362 -10.541 -6.755  1.00 45.04  ? 21  GLU A CA  1 
ATOM   170  C C   . GLU A 1 24  ? -15.774 -9.133  -6.324  1.00 45.74  ? 21  GLU A C   1 
ATOM   171  O O   . GLU A 1 24  ? -16.785 -8.608  -6.789  1.00 53.61  ? 21  GLU A O   1 
ATOM   172  C CB  . GLU A 1 24  ? -16.310 -11.583 -6.148  1.00 40.47  ? 21  GLU A CB  1 
ATOM   173  C CG  . GLU A 1 24  ? -17.669 -11.676 -6.829  1.00 56.93  ? 21  GLU A CG  1 
ATOM   174  C CD  . GLU A 1 24  ? -17.587 -12.268 -8.228  1.00 63.68  ? 21  GLU A CD  1 
ATOM   175  O OE1 . GLU A 1 24  ? -18.455 -11.945 -9.067  1.00 63.58  ? 21  GLU A OE1 1 
ATOM   176  O OE2 . GLU A 1 24  ? -16.656 -13.060 -8.490  1.00 63.50  ? 21  GLU A OE2 1 
ATOM   177  N N   . LEU A 1 25  ? -14.977 -8.519  -5.453  1.00 43.58  ? 22  LEU A N   1 
ATOM   178  C CA  . LEU A 1 25  ? -15.379 -7.284  -4.783  1.00 37.48  ? 22  LEU A CA  1 
ATOM   179  C C   . LEU A 1 25  ? -14.412 -6.116  -4.974  1.00 33.54  ? 22  LEU A C   1 
ATOM   180  O O   . LEU A 1 25  ? -14.836 -4.969  -5.077  1.00 34.92  ? 22  LEU A O   1 
ATOM   181  C CB  . LEU A 1 25  ? -15.553 -7.552  -3.288  1.00 36.61  ? 22  LEU A CB  1 
ATOM   182  C CG  . LEU A 1 25  ? -16.054 -6.401  -2.417  1.00 45.52  ? 22  LEU A CG  1 
ATOM   183  C CD1 . LEU A 1 25  ? -17.522 -6.116  -2.695  1.00 53.21  ? 22  LEU A CD1 1 
ATOM   184  C CD2 . LEU A 1 25  ? -15.829 -6.707  -0.940  1.00 45.81  ? 22  LEU A CD2 1 
ATOM   185  N N   . LEU A 1 26  ? -13.115 -6.407  -5.012  1.00 34.89  ? 23  LEU A N   1 
ATOM   186  C CA  . LEU A 1 26  ? -12.097 -5.361  -5.055  1.00 34.03  ? 23  LEU A CA  1 
ATOM   187  C C   . LEU A 1 26  ? -11.670 -5.001  -6.473  1.00 35.57  ? 23  LEU A C   1 
ATOM   188  O O   . LEU A 1 26  ? -10.704 -4.267  -6.668  1.00 34.68  ? 23  LEU A O   1 
ATOM   189  C CB  . LEU A 1 26  ? -10.870 -5.784  -4.248  1.00 36.69  ? 23  LEU A CB  1 
ATOM   190  C CG  . LEU A 1 26  ? -11.115 -6.058  -2.766  1.00 33.90  ? 23  LEU A CG  1 
ATOM   191  C CD1 . LEU A 1 26  ? -9.819  -6.440  -2.071  1.00 33.13  ? 23  LEU A CD1 1 
ATOM   192  C CD2 . LEU A 1 26  ? -11.749 -4.851  -2.114  1.00 30.29  ? 23  LEU A CD2 1 
ATOM   193  N N   . GLY A 1 27  ? -12.395 -5.519  -7.457  1.00 37.13  ? 24  GLY A N   1 
ATOM   194  C CA  . GLY A 1 27  ? -12.101 -5.256  -8.853  1.00 36.22  ? 24  GLY A CA  1 
ATOM   195  C C   . GLY A 1 27  ? -11.925 -3.792  -9.215  1.00 41.29  ? 24  GLY A C   1 
ATOM   196  O O   . GLY A 1 27  ? -10.814 -3.365  -9.526  1.00 43.90  ? 24  GLY A O   1 
ATOM   197  N N   . PRO A 1 28  ? -13.024 -3.019  -9.194  1.00 42.81  ? 25  PRO A N   1 
ATOM   198  C CA  . PRO A 1 28  ? -13.029 -1.591  -9.531  1.00 39.36  ? 25  PRO A CA  1 
ATOM   199  C C   . PRO A 1 28  ? -12.055 -0.741  -8.712  1.00 40.38  ? 25  PRO A C   1 
ATOM   200  O O   . PRO A 1 28  ? -11.419 0.153   -9.272  1.00 44.83  ? 25  PRO A O   1 
ATOM   201  C CB  . PRO A 1 28  ? -14.471 -1.176  -9.238  1.00 35.58  ? 25  PRO A CB  1 
ATOM   202  C CG  . PRO A 1 28  ? -15.253 -2.403  -9.466  1.00 40.52  ? 25  PRO A CG  1 
ATOM   203  C CD  . PRO A 1 28  ? -14.389 -3.529  -8.979  1.00 43.70  ? 25  PRO A CD  1 
ATOM   204  N N   . SER A 1 29  ? -11.948 -1.005  -7.413  1.00 39.24  ? 26  SER A N   1 
ATOM   205  C CA  . SER A 1 29  ? -11.068 -0.221  -6.546  1.00 39.83  ? 26  SER A CA  1 
ATOM   206  C C   . SER A 1 29  ? -9.608  -0.347  -6.971  1.00 40.64  ? 26  SER A C   1 
ATOM   207  O O   . SER A 1 29  ? -8.867  0.638   -7.004  1.00 41.33  ? 26  SER A O   1 
ATOM   208  C CB  . SER A 1 29  ? -11.224 -0.654  -5.090  1.00 39.09  ? 26  SER A CB  1 
ATOM   209  O OG  . SER A 1 29  ? -12.571 -0.547  -4.668  1.00 54.22  ? 26  SER A OG  1 
ATOM   210  N N   . ILE A 1 30  ? -9.195  -1.564  -7.299  1.00 27.32  ? 27  ILE A N   1 
ATOM   211  C CA  . ILE A 1 30  ? -7.830  -1.784  -7.737  1.00 34.39  ? 27  ILE A CA  1 
ATOM   212  C C   . ILE A 1 30  ? -7.600  -1.103  -9.086  1.00 34.64  ? 27  ILE A C   1 
ATOM   213  O O   . ILE A 1 30  ? -6.541  -0.528  -9.330  1.00 33.63  ? 27  ILE A O   1 
ATOM   214  C CB  . ILE A 1 30  ? -7.507  -3.286  -7.825  1.00 34.57  ? 27  ILE A CB  1 
ATOM   215  C CG1 . ILE A 1 30  ? -7.670  -3.929  -6.447  1.00 27.98  ? 27  ILE A CG1 1 
ATOM   216  C CG2 . ILE A 1 30  ? -6.091  -3.502  -8.319  1.00 30.43  ? 27  ILE A CG2 1 
ATOM   217  C CD1 . ILE A 1 30  ? -7.584  -5.432  -6.461  1.00 30.00  ? 27  ILE A CD1 1 
ATOM   218  N N   . GLU A 1 31  ? -8.610  -1.146  -9.948  1.00 39.30  ? 28  GLU A N   1 
ATOM   219  C CA  . GLU A 1 31  ? -8.524  -0.499  -11.250 1.00 37.57  ? 28  GLU A CA  1 
ATOM   220  C C   . GLU A 1 31  ? -8.264  0.995   -11.109 1.00 39.62  ? 28  GLU A C   1 
ATOM   221  O O   . GLU A 1 31  ? -7.341  1.534   -11.724 1.00 39.91  ? 28  GLU A O   1 
ATOM   222  C CB  . GLU A 1 31  ? -9.803  -0.728  -12.050 1.00 43.16  ? 28  GLU A CB  1 
ATOM   223  C CG  . GLU A 1 31  ? -9.646  -0.470  -13.542 1.00 50.58  ? 28  GLU A CG  1 
ATOM   224  C CD  . GLU A 1 31  ? -10.944 -0.055  -14.206 1.00 64.64  ? 28  GLU A CD  1 
ATOM   225  O OE1 . GLU A 1 31  ? -11.960 0.104   -13.489 1.00 59.25  ? 28  GLU A OE1 1 
ATOM   226  O OE2 . GLU A 1 31  ? -10.948 0.104   -15.448 1.00 74.41  ? 28  GLU A OE2 1 
ATOM   227  N N   . HIS A 1 32  ? -9.078  1.656   -10.289 1.00 40.09  ? 29  HIS A N   1 
ATOM   228  C CA  . HIS A 1 32  ? -8.947  3.094   -10.079 1.00 43.39  ? 29  HIS A CA  1 
ATOM   229  C C   . HIS A 1 32  ? -7.580  3.447   -9.510  1.00 42.84  ? 29  HIS A C   1 
ATOM   230  O O   . HIS A 1 32  ? -6.937  4.396   -9.963  1.00 39.76  ? 29  HIS A O   1 
ATOM   231  C CB  . HIS A 1 32  ? -10.047 3.610   -9.152  1.00 44.64  ? 29  HIS A CB  1 
ATOM   232  C CG  . HIS A 1 32  ? -10.019 5.095   -8.954  1.00 59.72  ? 29  HIS A CG  1 
ATOM   233  N ND1 . HIS A 1 32  ? -9.365  5.948   -9.819  1.00 65.41  ? 29  HIS A ND1 1 
ATOM   234  C CD2 . HIS A 1 32  ? -10.576 5.880   -8.002  1.00 64.09  ? 29  HIS A CD2 1 
ATOM   235  C CE1 . HIS A 1 32  ? -9.512  7.192   -9.401  1.00 67.91  ? 29  HIS A CE1 1 
ATOM   236  N NE2 . HIS A 1 32  ? -10.242 7.179   -8.299  1.00 73.12  ? 29  HIS A NE2 1 
ATOM   237  N N   . ALA A 1 33  ? -7.139  2.672   -8.524  1.00 40.56  ? 30  ALA A N   1 
ATOM   238  C CA  . ALA A 1 33  ? -5.832  2.881   -7.911  1.00 38.04  ? 30  ALA A CA  1 
ATOM   239  C C   . ALA A 1 33  ? -4.722  2.758   -8.943  1.00 32.24  ? 30  ALA A C   1 
ATOM   240  O O   . ALA A 1 33  ? -3.741  3.494   -8.905  1.00 33.08  ? 30  ALA A O   1 
ATOM   241  C CB  . ALA A 1 33  ? -5.613  1.894   -6.780  1.00 38.87  ? 30  ALA A CB  1 
ATOM   242  N N   . GLY A 1 34  ? -4.885  1.820   -9.866  1.00 33.71  ? 31  GLY A N   1 
ATOM   243  C CA  . GLY A 1 34  ? -3.896  1.608   -10.901 1.00 34.64  ? 31  GLY A CA  1 
ATOM   244  C C   . GLY A 1 34  ? -3.797  2.816   -11.802 1.00 40.71  ? 31  GLY A C   1 
ATOM   245  O O   . GLY A 1 34  ? -2.705  3.288   -12.107 1.00 38.08  ? 31  GLY A O   1 
ATOM   246  N N   . MET A 1 35  ? -4.952  3.322   -12.221 1.00 46.53  ? 32  MET A N   1 
ATOM   247  C CA  . MET A 1 35  ? -5.001  4.480   -13.101 1.00 50.93  ? 32  MET A CA  1 
ATOM   248  C C   . MET A 1 35  ? -4.436  5.710   -12.389 1.00 46.99  ? 32  MET A C   1 
ATOM   249  O O   . MET A 1 35  ? -3.728  6.519   -12.991 1.00 44.09  ? 32  MET A O   1 
ATOM   250  C CB  . MET A 1 35  ? -6.440  4.701   -13.594 1.00 55.66  ? 32  MET A CB  1 
ATOM   251  C CG  . MET A 1 35  ? -6.689  4.032   -14.952 1.00 64.75  ? 32  MET A CG  1 
ATOM   252  S SD  . MET A 1 35  ? -8.385  3.629   -15.456 1.00 87.05  ? 32  MET A SD  1 
ATOM   253  C CE  . MET A 1 35  ? -9.381  4.761   -14.499 1.00 44.83  ? 32  MET A CE  1 
ATOM   254  N N   . MET A 1 36  ? -4.712  5.823   -11.097 1.00 40.86  ? 33  MET A N   1 
ATOM   255  C CA  . MET A 1 36  ? -4.157  6.911   -10.307 1.00 37.29  ? 33  MET A CA  1 
ATOM   256  C C   . MET A 1 36  ? -2.643  6.825   -10.220 1.00 42.32  ? 33  MET A C   1 
ATOM   257  O O   . MET A 1 36  ? -1.950  7.842   -10.246 1.00 40.71  ? 33  MET A O   1 
ATOM   258  C CB  . MET A 1 36  ? -4.760  6.913   -8.909  1.00 38.22  ? 33  MET A CB  1 
ATOM   259  C CG  . MET A 1 36  ? -6.007  7.761   -8.808  1.00 54.37  ? 33  MET A CG  1 
ATOM   260  S SD  . MET A 1 36  ? -6.858  7.496   -7.251  1.00 67.32  ? 33  MET A SD  1 
ATOM   261  C CE  . MET A 1 36  ? -5.465  7.363   -6.145  1.00 43.32  ? 33  MET A CE  1 
ATOM   262  N N   . MET A 1 37  ? -2.129  5.607   -10.115 1.00 38.46  ? 34  MET A N   1 
ATOM   263  C CA  . MET A 1 37  ? -0.692  5.412   -10.064 1.00 34.31  ? 34  MET A CA  1 
ATOM   264  C C   . MET A 1 37  ? -0.063  5.729   -11.411 1.00 38.85  ? 34  MET A C   1 
ATOM   265  O O   . MET A 1 37  ? 0.975   6.382   -11.486 1.00 40.80  ? 34  MET A O   1 
ATOM   266  C CB  . MET A 1 37  ? -0.359  3.984   -9.642  1.00 28.95  ? 34  MET A CB  1 
ATOM   267  C CG  . MET A 1 37  ? -0.425  3.770   -8.148  1.00 29.54  ? 34  MET A CG  1 
ATOM   268  S SD  . MET A 1 37  ? -0.037  2.079   -7.693  1.00 35.47  ? 34  MET A SD  1 
ATOM   269  C CE  . MET A 1 37  ? 0.129   2.231   -5.923  1.00 33.52  ? 34  MET A CE  1 
ATOM   270  N N   . VAL A 1 38  ? -0.700  5.266   -12.475 1.00 42.68  ? 35  VAL A N   1 
ATOM   271  C CA  . VAL A 1 38  ? -0.185  5.490   -13.815 1.00 44.75  ? 35  VAL A CA  1 
ATOM   272  C C   . VAL A 1 38  ? -0.148  6.987   -14.123 1.00 41.87  ? 35  VAL A C   1 
ATOM   273  O O   . VAL A 1 38  ? 0.807   7.485   -14.717 1.00 43.26  ? 35  VAL A O   1 
ATOM   274  C CB  . VAL A 1 38  ? -1.031  4.741   -14.866 1.00 45.71  ? 35  VAL A CB  1 
ATOM   275  C CG1 . VAL A 1 38  ? -0.692  5.206   -16.267 1.00 47.81  ? 35  VAL A CG1 1 
ATOM   276  C CG2 . VAL A 1 38  ? -0.820  3.240   -14.737 1.00 45.05  ? 35  VAL A CG2 1 
ATOM   277  N N   . GLN A 1 39  ? -1.179  7.706   -13.693 1.00 41.82  ? 36  GLN A N   1 
ATOM   278  C CA  . GLN A 1 39  ? -1.257  9.141   -13.947 1.00 46.77  ? 36  GLN A CA  1 
ATOM   279  C C   . GLN A 1 39  ? -0.224  9.886   -13.108 1.00 46.67  ? 36  GLN A C   1 
ATOM   280  O O   . GLN A 1 39  ? 0.382   10.858  -13.565 1.00 51.13  ? 36  GLN A O   1 
ATOM   281  C CB  . GLN A 1 39  ? -2.677  9.648   -13.672 1.00 47.18  ? 36  GLN A CB  1 
ATOM   282  C CG  . GLN A 1 39  ? -2.794  11.024  -13.030 1.00 61.66  ? 36  GLN A CG  1 
ATOM   283  C CD  . GLN A 1 39  ? -4.206  11.587  -13.147 1.00 69.14  ? 36  GLN A CD  1 
ATOM   284  O OE1 . GLN A 1 39  ? -5.116  10.898  -13.596 1.00 74.05  ? 36  GLN A OE1 1 
ATOM   285  N NE2 . GLN A 1 39  ? -4.400  12.823  -12.699 1.00 64.33  ? 36  GLN A NE2 1 
ATOM   286  N N   . CYS A 1 40  ? -0.014  9.405   -11.888 1.00 45.14  ? 37  CYS A N   1 
ATOM   287  C CA  . CYS A 1 40  ? 1.010   9.946   -11.003 1.00 36.10  ? 37  CYS A CA  1 
ATOM   288  C C   . CYS A 1 40  ? 2.407   9.829   -11.604 1.00 39.42  ? 37  CYS A C   1 
ATOM   289  O O   . CYS A 1 40  ? 3.150   10.805  -11.663 1.00 43.03  ? 37  CYS A O   1 
ATOM   290  C CB  . CYS A 1 40  ? 0.967   9.229   -9.658  1.00 36.49  ? 37  CYS A CB  1 
ATOM   291  S SG  . CYS A 1 40  ? 2.394   9.520   -8.604  1.00 41.38  ? 37  CYS A SG  1 
ATOM   292  N N   . LEU A 1 41  ? 2.763   8.629   -12.048 1.00 36.52  ? 38  LEU A N   1 
ATOM   293  C CA  . LEU A 1 41  ? 4.082   8.403   -12.617 1.00 38.10  ? 38  LEU A CA  1 
ATOM   294  C C   . LEU A 1 41  ? 4.267   9.207   -13.890 1.00 45.23  ? 38  LEU A C   1 
ATOM   295  O O   . LEU A 1 41  ? 5.371   9.657   -14.191 1.00 50.63  ? 38  LEU A O   1 
ATOM   296  C CB  . LEU A 1 41  ? 4.306   6.917   -12.896 1.00 43.17  ? 38  LEU A CB  1 
ATOM   297  C CG  . LEU A 1 41  ? 4.384   6.004   -11.672 1.00 42.97  ? 38  LEU A CG  1 
ATOM   298  C CD1 . LEU A 1 41  ? 4.694   4.575   -12.091 1.00 41.63  ? 38  LEU A CD1 1 
ATOM   299  C CD2 . LEU A 1 41  ? 5.424   6.515   -10.691 1.00 34.52  ? 38  LEU A CD2 1 
ATOM   300  N N   . LEU A 1 42  ? 3.183   9.393   -14.635 1.00 47.73  ? 39  LEU A N   1 
ATOM   301  C CA  . LEU A 1 42  ? 3.247   10.154  -15.877 1.00 50.21  ? 39  LEU A CA  1 
ATOM   302  C C   . LEU A 1 42  ? 3.259   11.652  -15.624 1.00 40.49  ? 39  LEU A C   1 
ATOM   303  O O   . LEU A 1 42  ? 3.635   12.424  -16.496 1.00 41.24  ? 39  LEU A O   1 
ATOM   304  C CB  . LEU A 1 42  ? 2.080   9.795   -16.794 1.00 55.99  ? 39  LEU A CB  1 
ATOM   305  C CG  . LEU A 1 42  ? 2.327   8.616   -17.735 1.00 55.71  ? 39  LEU A CG  1 
ATOM   306  C CD1 . LEU A 1 42  ? 1.080   8.342   -18.547 1.00 68.40  ? 39  LEU A CD1 1 
ATOM   307  C CD2 . LEU A 1 42  ? 3.511   8.894   -18.650 1.00 49.83  ? 39  LEU A CD2 1 
ATOM   308  N N   . GLY A 1 43  ? 2.852   12.058  -14.427 1.00 46.33  ? 40  GLY A N   1 
ATOM   309  C CA  . GLY A 1 43  ? 2.884   13.460  -14.054 1.00 48.36  ? 40  GLY A CA  1 
ATOM   310  C C   . GLY A 1 43  ? 4.274   13.933  -13.660 1.00 51.18  ? 40  GLY A C   1 
ATOM   311  O O   . GLY A 1 43  ? 4.485   15.125  -13.430 1.00 58.00  ? 40  GLY A O   1 
ATOM   312  N N   . GLY A 1 44  ? 5.222   13.002  -13.588 1.00 47.10  ? 41  GLY A N   1 
ATOM   313  C CA  . GLY A 1 44  ? 6.575   13.309  -13.157 1.00 41.10  ? 41  GLY A CA  1 
ATOM   314  C C   . GLY A 1 44  ? 6.728   13.132  -11.659 1.00 36.58  ? 41  GLY A C   1 
ATOM   315  O O   . GLY A 1 44  ? 7.754   13.475  -11.067 1.00 36.12  ? 41  GLY A O   1 
ATOM   316  N N   . ASN A 1 45  ? 5.689   12.586  -11.044 1.00 35.48  ? 42  ASN A N   1 
ATOM   317  C CA  . ASN A 1 45  ? 5.659   12.404  -9.605  1.00 35.02  ? 42  ASN A CA  1 
ATOM   318  C C   . ASN A 1 45  ? 6.076   11.006  -9.188  1.00 35.77  ? 42  ASN A C   1 
ATOM   319  O O   . ASN A 1 45  ? 6.430   10.174  -10.024 1.00 35.05  ? 42  ASN A O   1 
ATOM   320  C CB  . ASN A 1 45  ? 4.264   12.699  -9.074  1.00 39.34  ? 42  ASN A CB  1 
ATOM   321  C CG  . ASN A 1 45  ? 3.777   14.066  -9.474  1.00 43.49  ? 42  ASN A CG  1 
ATOM   322  O OD1 . ASN A 1 45  ? 3.104   14.220  -10.492 1.00 43.41  ? 42  ASN A OD1 1 
ATOM   323  N ND2 . ASN A 1 45  ? 4.117   15.072  -8.678  1.00 40.85  ? 42  ASN A ND2 1 
ATOM   324  N N   . LYS A 1 46  ? 6.026   10.754  -7.886  1.00 34.36  ? 43  LYS A N   1 
ATOM   325  C CA  . LYS A 1 46  ? 6.488   9.489   -7.338  1.00 31.78  ? 43  LYS A CA  1 
ATOM   326  C C   . LYS A 1 46  ? 5.440   8.847   -6.463  1.00 30.36  ? 43  LYS A C   1 
ATOM   327  O O   . LYS A 1 46  ? 4.524   9.507   -5.982  1.00 31.70  ? 43  LYS A O   1 
ATOM   328  C CB  . LYS A 1 46  ? 7.764   9.686   -6.527  1.00 29.28  ? 43  LYS A CB  1 
ATOM   329  C CG  . LYS A 1 46  ? 7.604   10.635  -5.369  1.00 23.54  ? 43  LYS A CG  1 
ATOM   330  C CD  . LYS A 1 46  ? 8.901   10.775  -4.611  1.00 24.13  ? 43  LYS A CD  1 
ATOM   331  C CE  . LYS A 1 46  ? 8.780   11.793  -3.501  1.00 26.62  ? 43  LYS A CE  1 
ATOM   332  N NZ  . LYS A 1 46  ? 8.482   13.136  -4.054  1.00 33.42  ? 43  LYS A NZ  1 
ATOM   333  N N   . ILE A 1 47  ? 5.594   7.548   -6.249  1.00 32.49  ? 44  ILE A N   1 
ATOM   334  C CA  . ILE A 1 47  ? 4.687   6.815   -5.388  1.00 32.42  ? 44  ILE A CA  1 
ATOM   335  C C   . ILE A 1 47  ? 5.350   6.590   -4.045  1.00 31.11  ? 44  ILE A C   1 
ATOM   336  O O   . ILE A 1 47  ? 6.488   6.121   -3.969  1.00 32.19  ? 44  ILE A O   1 
ATOM   337  C CB  . ILE A 1 47  ? 4.267   5.474   -6.014  1.00 30.81  ? 44  ILE A CB  1 
ATOM   338  C CG1 . ILE A 1 47  ? 3.552   5.724   -7.346  1.00 32.47  ? 44  ILE A CG1 1 
ATOM   339  C CG2 . ILE A 1 47  ? 3.376   4.695   -5.059  1.00 30.34  ? 44  ILE A CG2 1 
ATOM   340  C CD1 . ILE A 1 47  ? 3.139   4.471   -8.070  1.00 38.29  ? 44  ILE A CD1 1 
ATOM   341  N N   . ILE A 1 48  ? 4.642   6.959   -2.987  1.00 27.99  ? 45  ILE A N   1 
ATOM   342  C CA  . ILE A 1 48  ? 5.145   6.808   -1.635  1.00 27.00  ? 45  ILE A CA  1 
ATOM   343  C C   . ILE A 1 48  ? 4.408   5.684   -0.935  1.00 30.60  ? 45  ILE A C   1 
ATOM   344  O O   . ILE A 1 48  ? 3.179   5.685   -0.878  1.00 33.59  ? 45  ILE A O   1 
ATOM   345  C CB  . ILE A 1 48  ? 4.979   8.104   -0.839  1.00 29.76  ? 45  ILE A CB  1 
ATOM   346  C CG1 . ILE A 1 48  ? 5.575   9.274   -1.622  1.00 22.02  ? 45  ILE A CG1 1 
ATOM   347  C CG2 . ILE A 1 48  ? 5.584   7.959   0.555   1.00 25.72  ? 45  ILE A CG2 1 
ATOM   348  C CD1 . ILE A 1 48  ? 5.399   10.600  -0.946  1.00 31.20  ? 45  ILE A CD1 1 
ATOM   349  N N   . SER A 1 49  ? 5.153   4.721   -0.406  1.00 29.84  ? 46  SER A N   1 
ATOM   350  C CA  . SER A 1 49  ? 4.535   3.577   0.250   1.00 27.40  ? 46  SER A CA  1 
ATOM   351  C C   . SER A 1 49  ? 4.920   3.481   1.719   1.00 27.85  ? 46  SER A C   1 
ATOM   352  O O   . SER A 1 49  ? 6.012   3.886   2.111   1.00 30.80  ? 46  SER A O   1 
ATOM   353  C CB  . SER A 1 49  ? 4.911   2.283   -0.471  1.00 27.64  ? 46  SER A CB  1 
ATOM   354  O OG  . SER A 1 49  ? 6.316   2.134   -0.536  1.00 45.90  ? 46  SER A OG  1 
ATOM   355  N N   . CYS A 1 50  ? 4.005   2.944   2.520   1.00 28.69  ? 47  CYS A N   1 
ATOM   356  C CA  . CYS A 1 50  ? 4.258   2.683   3.930   1.00 31.17  ? 47  CYS A CA  1 
ATOM   357  C C   . CYS A 1 50  ? 3.276   1.648   4.470   1.00 30.72  ? 47  CYS A C   1 
ATOM   358  O O   . CYS A 1 50  ? 2.160   1.526   3.969   1.00 30.17  ? 47  CYS A O   1 
ATOM   359  C CB  . CYS A 1 50  ? 4.157   3.970   4.738   1.00 39.19  ? 47  CYS A CB  1 
ATOM   360  S SG  . CYS A 1 50  ? 2.524   4.702   4.680   1.00 37.35  ? 47  CYS A SG  1 
ATOM   361  N N   . GLY A 1 51  ? 3.690   0.911   5.495   1.00 35.41  ? 48  GLY A N   1 
ATOM   362  C CA  . GLY A 1 51  ? 2.859   -0.131  6.071   1.00 36.25  ? 48  GLY A CA  1 
ATOM   363  C C   . GLY A 1 51  ? 3.159   -0.382  7.534   1.00 47.96  ? 48  GLY A C   1 
ATOM   364  O O   . GLY A 1 51  ? 3.963   0.328   8.135   1.00 48.80  ? 48  GLY A O   1 
ATOM   365  N N   . ASN A 1 52  ? 2.519   -1.401  8.107   1.00 52.66  ? 49  ASN A N   1 
ATOM   366  C CA  . ASN A 1 52  ? 2.696   -1.716  9.521   1.00 58.32  ? 49  ASN A CA  1 
ATOM   367  C C   . ASN A 1 52  ? 3.121   -3.169  9.788   1.00 69.74  ? 49  ASN A C   1 
ATOM   368  O O   . ASN A 1 52  ? 2.424   -4.112  9.410   1.00 74.26  ? 49  ASN A O   1 
ATOM   369  C CB  . ASN A 1 52  ? 1.406   -1.405  10.285  1.00 64.25  ? 49  ASN A CB  1 
ATOM   370  C CG  . ASN A 1 52  ? 0.208   -2.171  9.749   1.00 66.39  ? 49  ASN A CG  1 
ATOM   371  O OD1 . ASN A 1 52  ? 0.163   -2.529  8.573   1.00 66.87  ? 49  ASN A OD1 1 
ATOM   372  N ND2 . ASN A 1 52  ? -0.769  -2.428  10.613  1.00 72.51  ? 49  ASN A ND2 1 
ATOM   373  N N   . GLY A 1 53  ? 4.268   -3.338  10.444  1.00 73.18  ? 50  GLY A N   1 
ATOM   374  C CA  . GLY A 1 53  ? 4.757   -4.656  10.819  1.00 72.62  ? 50  GLY A CA  1 
ATOM   375  C C   . GLY A 1 53  ? 5.403   -5.420  9.676   1.00 71.78  ? 50  GLY A C   1 
ATOM   376  O O   . GLY A 1 53  ? 6.386   -4.963  9.092   1.00 70.20  ? 50  GLY A O   1 
ATOM   377  N N   . GLY A 1 54  ? 4.857   -6.593  9.366   1.00 71.42  ? 51  GLY A N   1 
ATOM   378  C CA  . GLY A 1 54  ? 5.307   -7.373  8.225   1.00 62.84  ? 51  GLY A CA  1 
ATOM   379  C C   . GLY A 1 54  ? 4.605   -6.913  6.960   1.00 63.93  ? 51  GLY A C   1 
ATOM   380  O O   . GLY A 1 54  ? 4.977   -7.283  5.840   1.00 54.05  ? 51  GLY A O   1 
ATOM   381  N N   . SER A 1 55  ? 3.570   -6.101  7.152   1.00 59.35  ? 52  SER A N   1 
ATOM   382  C CA  . SER A 1 55  ? 2.914   -5.419  6.050   1.00 53.74  ? 52  SER A CA  1 
ATOM   383  C C   . SER A 1 55  ? 3.791   -4.263  5.567   1.00 56.72  ? 52  SER A C   1 
ATOM   384  O O   . SER A 1 55  ? 3.555   -3.689  4.503   1.00 43.52  ? 52  SER A O   1 
ATOM   385  C CB  . SER A 1 55  ? 1.537   -4.913  6.475   1.00 50.22  ? 52  SER A CB  1 
ATOM   386  O OG  . SER A 1 55  ? 0.932   -4.160  5.444   1.00 47.89  ? 52  SER A OG  1 
ATOM   387  N N   . ALA A 1 56  ? 4.804   -3.928  6.362   1.00 56.31  ? 53  ALA A N   1 
ATOM   388  C CA  . ALA A 1 56  ? 5.795   -2.934  5.968   1.00 51.03  ? 53  ALA A CA  1 
ATOM   389  C C   . ALA A 1 56  ? 6.799   -3.547  4.995   1.00 52.28  ? 53  ALA A C   1 
ATOM   390  O O   . ALA A 1 56  ? 7.487   -2.832  4.269   1.00 52.32  ? 53  ALA A O   1 
ATOM   391  C CB  . ALA A 1 56  ? 6.507   -2.371  7.189   1.00 55.08  ? 53  ALA A CB  1 
ATOM   392  N N   . GLY A 1 57  ? 6.881   -4.874  4.990   1.00 51.47  ? 54  GLY A N   1 
ATOM   393  C CA  . GLY A 1 57  ? 7.712   -5.584  4.035   1.00 35.97  ? 54  GLY A CA  1 
ATOM   394  C C   . GLY A 1 57  ? 7.083   -5.542  2.657   1.00 38.15  ? 54  GLY A C   1 
ATOM   395  O O   . GLY A 1 57  ? 7.786   -5.494  1.650   1.00 40.75  ? 54  GLY A O   1 
ATOM   396  N N   . HIS A 1 58  ? 5.753   -5.564  2.624   1.00 39.73  ? 55  HIS A N   1 
ATOM   397  C CA  . HIS A 1 58  ? 4.988   -5.418  1.388   1.00 35.06  ? 55  HIS A CA  1 
ATOM   398  C C   . HIS A 1 58  ? 5.142   -4.029  0.773   1.00 36.43  ? 55  HIS A C   1 
ATOM   399  O O   . HIS A 1 58  ? 5.213   -3.887  -0.446  1.00 36.15  ? 55  HIS A O   1 
ATOM   400  C CB  . HIS A 1 58  ? 3.503   -5.688  1.641   1.00 38.82  ? 55  HIS A CB  1 
ATOM   401  C CG  . HIS A 1 58  ? 3.159   -7.138  1.731   1.00 36.41  ? 55  HIS A CG  1 
ATOM   402  N ND1 . HIS A 1 58  ? 4.089   -8.139  1.576   1.00 35.67  ? 55  HIS A ND1 1 
ATOM   403  C CD2 . HIS A 1 58  ? 1.972   -7.759  1.956   1.00 32.17  ? 55  HIS A CD2 1 
ATOM   404  C CE1 . HIS A 1 58  ? 3.499   -9.315  1.704   1.00 34.39  ? 55  HIS A CE1 1 
ATOM   405  N NE2 . HIS A 1 58  ? 2.214   -9.108  1.935   1.00 37.23  ? 55  HIS A NE2 1 
ATOM   406  N N   . ALA A 1 59  ? 5.165   -3.007  1.621   1.00 37.06  ? 56  ALA A N   1 
ATOM   407  C CA  . ALA A 1 59  ? 5.311   -1.636  1.155   1.00 35.16  ? 56  ALA A CA  1 
ATOM   408  C C   . ALA A 1 59  ? 6.651   -1.474  0.465   1.00 37.43  ? 56  ALA A C   1 
ATOM   409  O O   . ALA A 1 59  ? 6.743   -0.849  -0.593  1.00 38.77  ? 56  ALA A O   1 
ATOM   410  C CB  . ALA A 1 59  ? 5.180   -0.656  2.307   1.00 33.52  ? 56  ALA A CB  1 
ATOM   411  N N   . GLN A 1 60  ? 7.686   -2.053  1.065   1.00 34.76  ? 57  GLN A N   1 
ATOM   412  C CA  . GLN A 1 60  ? 9.019   -2.028  0.481   1.00 36.06  ? 57  GLN A CA  1 
ATOM   413  C C   . GLN A 1 60  ? 9.071   -2.893  -0.767  1.00 36.52  ? 57  GLN A C   1 
ATOM   414  O O   . GLN A 1 60  ? 9.743   -2.555  -1.735  1.00 38.08  ? 57  GLN A O   1 
ATOM   415  C CB  . GLN A 1 60  ? 10.060  -2.507  1.488   1.00 41.74  ? 57  GLN A CB  1 
ATOM   416  C CG  . GLN A 1 60  ? 10.046  -1.757  2.799   1.00 44.06  ? 57  GLN A CG  1 
ATOM   417  C CD  . GLN A 1 60  ? 11.118  -2.245  3.741   1.00 55.49  ? 57  GLN A CD  1 
ATOM   418  O OE1 . GLN A 1 60  ? 12.288  -1.898  3.594   1.00 68.01  ? 57  GLN A OE1 1 
ATOM   419  N NE2 . GLN A 1 60  ? 10.728  -3.072  4.706   1.00 56.10  ? 57  GLN A NE2 1 
ATOM   420  N N   . HIS A 1 61  ? 8.354   -4.012  -0.730  1.00 38.10  ? 58  HIS A N   1 
ATOM   421  C CA  . HIS A 1 61  ? 8.279   -4.931  -1.860  1.00 35.49  ? 58  HIS A CA  1 
ATOM   422  C C   . HIS A 1 61  ? 7.729   -4.237  -3.104  1.00 39.60  ? 58  HIS A C   1 
ATOM   423  O O   . HIS A 1 61  ? 8.197   -4.474  -4.221  1.00 41.60  ? 58  HIS A O   1 
ATOM   424  C CB  . HIS A 1 61  ? 7.412   -6.137  -1.498  1.00 34.18  ? 58  HIS A CB  1 
ATOM   425  C CG  . HIS A 1 61  ? 7.312   -7.161  -2.585  1.00 42.78  ? 58  HIS A CG  1 
ATOM   426  N ND1 . HIS A 1 61  ? 8.396   -7.891  -3.022  1.00 38.12  ? 58  HIS A ND1 1 
ATOM   427  C CD2 . HIS A 1 61  ? 6.256   -7.576  -3.327  1.00 38.39  ? 58  HIS A CD2 1 
ATOM   428  C CE1 . HIS A 1 61  ? 8.013   -8.712  -3.981  1.00 43.77  ? 58  HIS A CE1 1 
ATOM   429  N NE2 . HIS A 1 61  ? 6.719   -8.539  -4.187  1.00 37.40  ? 58  HIS A NE2 1 
ATOM   430  N N   . PHE A 1 62  ? 6.741   -3.373  -2.911  1.00 35.72  ? 59  PHE A N   1 
ATOM   431  C CA  . PHE A 1 62  ? 6.143   -2.667  -4.033  1.00 34.75  ? 59  PHE A CA  1 
ATOM   432  C C   . PHE A 1 62  ? 7.116   -1.676  -4.654  1.00 34.90  ? 59  PHE A C   1 
ATOM   433  O O   . PHE A 1 62  ? 7.377   -1.726  -5.854  1.00 39.61  ? 59  PHE A O   1 
ATOM   434  C CB  . PHE A 1 62  ? 4.872   -1.940  -3.602  1.00 29.01  ? 59  PHE A CB  1 
ATOM   435  C CG  . PHE A 1 62  ? 4.178   -1.238  -4.728  1.00 30.12  ? 59  PHE A CG  1 
ATOM   436  C CD1 . PHE A 1 62  ? 3.378   -1.946  -5.610  1.00 31.41  ? 59  PHE A CD1 1 
ATOM   437  C CD2 . PHE A 1 62  ? 4.329   0.126   -4.912  1.00 28.54  ? 59  PHE A CD2 1 
ATOM   438  C CE1 . PHE A 1 62  ? 2.738   -1.307  -6.654  1.00 33.41  ? 59  PHE A CE1 1 
ATOM   439  C CE2 . PHE A 1 62  ? 3.692   0.773   -5.955  1.00 34.70  ? 59  PHE A CE2 1 
ATOM   440  C CZ  . PHE A 1 62  ? 2.895   0.057   -6.827  1.00 33.74  ? 59  PHE A CZ  1 
ATOM   441  N N   . CYS A 1 63  ? 7.654   -0.777  -3.839  1.00 35.68  ? 60  CYS A N   1 
ATOM   442  C CA  . CYS A 1 63  ? 8.533   0.264   -4.356  1.00 41.18  ? 60  CYS A CA  1 
ATOM   443  C C   . CYS A 1 63  ? 9.828   -0.335  -4.914  1.00 39.52  ? 60  CYS A C   1 
ATOM   444  O O   . CYS A 1 63  ? 10.456  0.249   -5.795  1.00 41.40  ? 60  CYS A O   1 
ATOM   445  C CB  . CYS A 1 63  ? 8.836   1.306   -3.272  1.00 37.27  ? 60  CYS A CB  1 
ATOM   446  S SG  . CYS A 1 63  ? 10.222  0.905   -2.195  1.00 71.76  ? 60  CYS A SG  1 
ATOM   447  N N   . ALA A 1 64  ? 10.213  -1.507  -4.413  1.00 44.66  ? 61  ALA A N   1 
ATOM   448  C CA  . ALA A 1 64  ? 11.372  -2.227  -4.942  1.00 42.61  ? 61  ALA A CA  1 
ATOM   449  C C   . ALA A 1 64  ? 11.064  -2.782  -6.323  1.00 42.88  ? 61  ALA A C   1 
ATOM   450  O O   . ALA A 1 64  ? 11.944  -2.917  -7.166  1.00 49.60  ? 61  ALA A O   1 
ATOM   451  C CB  . ALA A 1 64  ? 11.784  -3.347  -4.007  1.00 42.34  ? 61  ALA A CB  1 
ATOM   452  N N   . GLN A 1 65  ? 9.802   -3.111  -6.547  1.00 43.95  ? 62  GLN A N   1 
ATOM   453  C CA  . GLN A 1 65  ? 9.385   -3.614  -7.840  1.00 45.69  ? 62  GLN A CA  1 
ATOM   454  C C   . GLN A 1 65  ? 9.375   -2.482  -8.857  1.00 47.51  ? 62  GLN A C   1 
ATOM   455  O O   . GLN A 1 65  ? 9.489   -2.719  -10.058 1.00 55.32  ? 62  GLN A O   1 
ATOM   456  C CB  . GLN A 1 65  ? 8.006   -4.269  -7.737  1.00 43.71  ? 62  GLN A CB  1 
ATOM   457  C CG  . GLN A 1 65  ? 7.915   -5.622  -8.419  1.00 48.59  ? 62  GLN A CG  1 
ATOM   458  C CD  . GLN A 1 65  ? 8.643   -6.722  -7.665  1.00 50.43  ? 62  GLN A CD  1 
ATOM   459  O OE1 . GLN A 1 65  ? 9.171   -6.503  -6.574  1.00 51.79  ? 62  GLN A OE1 1 
ATOM   460  N NE2 . GLN A 1 65  ? 8.673   -7.916  -8.246  1.00 56.69  ? 62  GLN A NE2 1 
ATOM   461  N N   . LEU A 1 66  ? 9.253   -1.251  -8.364  1.00 48.47  ? 63  LEU A N   1 
ATOM   462  C CA  . LEU A 1 66  ? 9.188   -0.068  -9.222  1.00 44.02  ? 63  LEU A CA  1 
ATOM   463  C C   . LEU A 1 66  ? 10.560  0.553   -9.468  1.00 43.10  ? 63  LEU A C   1 
ATOM   464  O O   . LEU A 1 66  ? 10.892  0.897   -10.604 1.00 45.28  ? 63  LEU A O   1 
ATOM   465  C CB  . LEU A 1 66  ? 8.251   0.977   -8.617  1.00 42.23  ? 63  LEU A CB  1 
ATOM   466  C CG  . LEU A 1 66  ? 6.849   1.070   -9.218  1.00 40.82  ? 63  LEU A CG  1 
ATOM   467  C CD1 . LEU A 1 66  ? 6.160   -0.281  -9.172  1.00 44.17  ? 63  LEU A CD1 1 
ATOM   468  C CD2 . LEU A 1 66  ? 6.024   2.118   -8.485  1.00 37.91  ? 63  LEU A CD2 1 
ATOM   469  N N   . LEU A 1 67  ? 11.360  0.683   -8.410  1.00 38.73  ? 64  LEU A N   1 
ATOM   470  C CA  . LEU A 1 67  ? 12.716  1.224   -8.516  1.00 45.28  ? 64  LEU A CA  1 
ATOM   471  C C   . LEU A 1 67  ? 13.622  0.289   -9.290  1.00 46.95  ? 64  LEU A C   1 
ATOM   472  O O   . LEU A 1 67  ? 14.816  0.532   -9.453  1.00 50.00  ? 64  LEU A O   1 
ATOM   473  C CB  . LEU A 1 67  ? 13.313  1.478   -7.133  1.00 41.97  ? 64  LEU A CB  1 
ATOM   474  C CG  . LEU A 1 67  ? 12.916  2.793   -6.471  1.00 40.19  ? 64  LEU A CG  1 
ATOM   475  C CD1 . LEU A 1 67  ? 13.545  2.897   -5.096  1.00 41.08  ? 64  LEU A CD1 1 
ATOM   476  C CD2 . LEU A 1 67  ? 13.331  3.962   -7.348  1.00 34.65  ? 64  LEU A CD2 1 
ATOM   477  N N   . ASN A 1 68  ? 13.033  -0.783  -9.778  1.00 47.89  ? 65  ASN A N   1 
ATOM   478  C CA  . ASN A 1 68  ? 13.794  -1.822  -10.400 1.00 50.24  ? 65  ASN A CA  1 
ATOM   479  C C   . ASN A 1 68  ? 13.015  -2.407  -11.576 1.00 58.77  ? 65  ASN A C   1 
ATOM   480  O O   . ASN A 1 68  ? 13.058  -1.848  -12.675 1.00 66.33  ? 65  ASN A O   1 
ATOM   481  C CB  . ASN A 1 68  ? 14.132  -2.861  -9.352  1.00 55.44  ? 65  ASN A CB  1 
ATOM   482  C CG  . ASN A 1 68  ? 14.824  -4.023  -9.922  1.00 66.20  ? 65  ASN A CG  1 
ATOM   483  O OD1 . ASN A 1 68  ? 15.729  -3.883  -10.743 1.00 65.85  ? 65  ASN A OD1 1 
ATOM   484  N ND2 . ASN A 1 68  ? 14.383  -5.209  -9.530  1.00 71.08  ? 65  ASN A ND2 1 
ATOM   485  N N   . LYS A 1 69  ? 12.297  -3.505  -11.351 1.00 50.65  ? 66  LYS A N   1 
ATOM   486  C CA  . LYS A 1 69  ? 11.402  -4.055  -12.366 1.00 59.97  ? 66  LYS A CA  1 
ATOM   487  C C   . LYS A 1 69  ? 10.527  -5.152  -11.784 1.00 58.36  ? 66  LYS A C   1 
ATOM   488  O O   . LYS A 1 69  ? 10.867  -5.765  -10.772 1.00 62.20  ? 66  LYS A O   1 
ATOM   489  C CB  . LYS A 1 69  ? 12.181  -4.603  -13.569 1.00 67.08  ? 66  LYS A CB  1 
ATOM   490  C CG  . LYS A 1 69  ? 12.679  -6.031  -13.421 1.00 63.40  ? 66  LYS A CG  1 
ATOM   491  C CD  . LYS A 1 69  ? 13.217  -6.547  -14.749 1.00 64.86  ? 66  LYS A CD  1 
ATOM   492  C CE  . LYS A 1 69  ? 13.515  -8.034  -14.696 1.00 71.42  ? 66  LYS A CE  1 
ATOM   493  N NZ  . LYS A 1 69  ? 13.991  -8.539  -16.013 1.00 74.47  ? 66  LYS A NZ  1 
ATOM   494  N N   . TYR A 1 70  ? 9.401   -5.400  -12.441 1.00 56.75  ? 67  TYR A N   1 
ATOM   495  C CA  . TYR A 1 70  ? 8.444   -6.404  -12.000 1.00 56.88  ? 67  TYR A CA  1 
ATOM   496  C C   . TYR A 1 70  ? 8.531   -7.656  -12.871 1.00 60.42  ? 67  TYR A C   1 
ATOM   497  O O   . TYR A 1 70  ? 9.047   -8.688  -12.442 1.00 55.47  ? 67  TYR A O   1 
ATOM   498  C CB  . TYR A 1 70  ? 7.033   -5.813  -12.026 1.00 57.70  ? 67  TYR A CB  1 
ATOM   499  C CG  . TYR A 1 70  ? 5.918   -6.782  -11.720 1.00 56.44  ? 67  TYR A CG  1 
ATOM   500  C CD1 . TYR A 1 70  ? 5.816   -7.388  -10.473 1.00 52.55  ? 67  TYR A CD1 1 
ATOM   501  C CD2 . TYR A 1 70  ? 4.944   -7.064  -12.668 1.00 56.08  ? 67  TYR A CD2 1 
ATOM   502  C CE1 . TYR A 1 70  ? 4.787   -8.261  -10.188 1.00 45.88  ? 67  TYR A CE1 1 
ATOM   503  C CE2 . TYR A 1 70  ? 3.910   -7.936  -12.394 1.00 50.57  ? 67  TYR A CE2 1 
ATOM   504  C CZ  . TYR A 1 70  ? 3.836   -8.531  -11.153 1.00 45.33  ? 67  TYR A CZ  1 
ATOM   505  O OH  . TYR A 1 70  ? 2.804   -9.399  -10.886 1.00 49.59  ? 67  TYR A OH  1 
ATOM   506  N N   . GLU A 1 71  ? 8.024   -7.550  -14.096 1.00 63.41  ? 68  GLU A N   1 
ATOM   507  C CA  . GLU A 1 71  ? 8.109   -8.633  -15.072 1.00 63.36  ? 68  GLU A CA  1 
ATOM   508  C C   . GLU A 1 71  ? 8.668   -8.098  -16.383 1.00 66.05  ? 68  GLU A C   1 
ATOM   509  O O   . GLU A 1 71  ? 9.598   -8.670  -16.954 1.00 67.87  ? 68  GLU A O   1 
ATOM   510  C CB  . GLU A 1 71  ? 6.737   -9.275  -15.298 1.00 60.44  ? 68  GLU A CB  1 
ATOM   511  C CG  . GLU A 1 71  ? 6.205   -10.048 -14.103 1.00 53.80  ? 68  GLU A CG  1 
ATOM   512  C CD  . GLU A 1 71  ? 4.802   -10.578 -14.328 1.00 65.52  ? 68  GLU A CD  1 
ATOM   513  O OE1 . GLU A 1 71  ? 4.191   -10.231 -15.364 1.00 65.02  ? 68  GLU A OE1 1 
ATOM   514  O OE2 . GLU A 1 71  ? 4.311   -11.341 -13.469 1.00 64.71  ? 68  GLU A OE2 1 
ATOM   515  N N   . THR A 1 72  ? 8.090   -6.995  -16.851 1.00 68.51  ? 69  THR A N   1 
ATOM   516  C CA  . THR A 1 72  ? 8.599   -6.278  -18.016 1.00 73.50  ? 69  THR A CA  1 
ATOM   517  C C   . THR A 1 72  ? 9.822   -5.442  -17.646 1.00 73.99  ? 69  THR A C   1 
ATOM   518  O O   . THR A 1 72  ? 9.735   -4.547  -16.802 1.00 73.14  ? 69  THR A O   1 
ATOM   519  C CB  . THR A 1 72  ? 7.528   -5.349  -18.623 1.00 70.65  ? 69  THR A CB  1 
ATOM   520  O OG1 . THR A 1 72  ? 6.436   -6.129  -19.125 1.00 76.07  ? 69  THR A OG1 1 
ATOM   521  C CG2 . THR A 1 72  ? 8.119   -4.520  -19.752 1.00 70.61  ? 69  THR A CG2 1 
ATOM   522  N N   . GLU A 1 73  ? 10.959  -5.731  -18.275 1.00 70.04  ? 70  GLU A N   1 
ATOM   523  C CA  . GLU A 1 73  ? 12.165  -4.945  -18.032 1.00 75.87  ? 70  GLU A CA  1 
ATOM   524  C C   . GLU A 1 73  ? 11.957  -3.511  -18.521 1.00 77.67  ? 70  GLU A C   1 
ATOM   525  O O   . GLU A 1 73  ? 11.519  -3.281  -19.651 1.00 67.18  ? 70  GLU A O   1 
ATOM   526  C CB  . GLU A 1 73  ? 13.390  -5.566  -18.711 1.00 76.29  ? 70  GLU A CB  1 
ATOM   527  C CG  . GLU A 1 73  ? 14.429  -4.531  -19.134 1.00 79.89  ? 70  GLU A CG  1 
ATOM   528  C CD  . GLU A 1 73  ? 15.577  -5.121  -19.929 1.00 90.34  ? 70  GLU A CD  1 
ATOM   529  O OE1 . GLU A 1 73  ? 15.450  -5.221  -21.167 1.00 88.60  ? 70  GLU A OE1 1 
ATOM   530  O OE2 . GLU A 1 73  ? 16.617  -5.460  -19.319 1.00 90.71  ? 70  GLU A OE2 1 
ATOM   531  N N   . ARG A 1 74  ? 12.282  -2.555  -17.658 1.00 77.91  ? 71  ARG A N   1 
ATOM   532  C CA  . ARG A 1 74  ? 11.994  -1.147  -17.899 1.00 63.29  ? 71  ARG A CA  1 
ATOM   533  C C   . ARG A 1 74  ? 12.957  -0.276  -17.096 1.00 63.16  ? 71  ARG A C   1 
ATOM   534  O O   . ARG A 1 74  ? 13.619  -0.768  -16.176 1.00 66.26  ? 71  ARG A O   1 
ATOM   535  C CB  . ARG A 1 74  ? 10.545  -0.836  -17.511 1.00 63.07  ? 71  ARG A CB  1 
ATOM   536  C CG  . ARG A 1 74  ? 10.314  -0.905  -16.011 1.00 61.78  ? 71  ARG A CG  1 
ATOM   537  C CD  . ARG A 1 74  ? 8.867   -0.692  -15.632 1.00 57.78  ? 71  ARG A CD  1 
ATOM   538  N NE  . ARG A 1 74  ? 8.718   -0.594  -14.183 1.00 61.90  ? 71  ARG A NE  1 
ATOM   539  C CZ  . ARG A 1 74  ? 8.579   -1.638  -13.373 1.00 65.32  ? 71  ARG A CZ  1 
ATOM   540  N NH1 . ARG A 1 74  ? 8.451   -1.451  -12.069 1.00 65.01  ? 71  ARG A NH1 1 
ATOM   541  N NH2 . ARG A 1 74  ? 8.566   -2.869  -13.865 1.00 68.10  ? 71  ARG A NH2 1 
ATOM   542  N N   . PRO A 1 75  ? 13.048  1.021   -17.436 1.00 56.35  ? 72  PRO A N   1 
ATOM   543  C CA  . PRO A 1 75  ? 13.797  1.925   -16.555 1.00 55.27  ? 72  PRO A CA  1 
ATOM   544  C C   . PRO A 1 75  ? 13.146  2.039   -15.176 1.00 51.48  ? 72  PRO A C   1 
ATOM   545  O O   . PRO A 1 75  ? 11.939  1.833   -15.044 1.00 45.37  ? 72  PRO A O   1 
ATOM   546  C CB  . PRO A 1 75  ? 13.750  3.266   -17.300 1.00 50.30  ? 72  PRO A CB  1 
ATOM   547  C CG  . PRO A 1 75  ? 12.593  3.151   -18.236 1.00 47.97  ? 72  PRO A CG  1 
ATOM   548  C CD  . PRO A 1 75  ? 12.562  1.710   -18.644 1.00 51.32  ? 72  PRO A CD  1 
ATOM   549  N N   . SER A 1 76  ? 13.946  2.355   -14.161 1.00 57.45  ? 73  SER A N   1 
ATOM   550  C CA  . SER A 1 76  ? 13.437  2.500   -12.801 1.00 44.05  ? 73  SER A CA  1 
ATOM   551  C C   . SER A 1 76  ? 12.382  3.592   -12.719 1.00 41.37  ? 73  SER A C   1 
ATOM   552  O O   . SER A 1 76  ? 12.541  4.671   -13.292 1.00 41.08  ? 73  SER A O   1 
ATOM   553  C CB  . SER A 1 76  ? 14.576  2.808   -11.830 1.00 38.09  ? 73  SER A CB  1 
ATOM   554  O OG  . SER A 1 76  ? 15.511  1.749   -11.795 1.00 49.24  ? 73  SER A OG  1 
ATOM   555  N N   . LEU A 1 77  ? 11.298  3.297   -12.010 1.00 36.93  ? 74  LEU A N   1 
ATOM   556  C CA  . LEU A 1 77  ? 10.242  4.268   -11.784 1.00 35.25  ? 74  LEU A CA  1 
ATOM   557  C C   . LEU A 1 77  ? 10.395  4.854   -10.386 1.00 35.43  ? 74  LEU A C   1 
ATOM   558  O O   . LEU A 1 77  ? 10.788  4.150   -9.460  1.00 34.74  ? 74  LEU A O   1 
ATOM   559  C CB  . LEU A 1 77  ? 8.869   3.618   -11.961 1.00 40.33  ? 74  LEU A CB  1 
ATOM   560  C CG  . LEU A 1 77  ? 8.596   3.027   -13.347 1.00 42.20  ? 74  LEU A CG  1 
ATOM   561  C CD1 . LEU A 1 77  ? 7.254   2.312   -13.397 1.00 39.61  ? 74  LEU A CD1 1 
ATOM   562  C CD2 . LEU A 1 77  ? 8.659   4.113   -14.398 1.00 37.14  ? 74  LEU A CD2 1 
ATOM   563  N N   . PRO A 1 78  ? 10.108  6.156   -10.235 1.00 35.74  ? 75  PRO A N   1 
ATOM   564  C CA  . PRO A 1 78  ? 10.278  6.826   -8.941  1.00 35.09  ? 75  PRO A CA  1 
ATOM   565  C C   . PRO A 1 78  ? 9.306   6.330   -7.874  1.00 32.12  ? 75  PRO A C   1 
ATOM   566  O O   . PRO A 1 78  ? 8.109   6.606   -7.944  1.00 29.45  ? 75  PRO A O   1 
ATOM   567  C CB  . PRO A 1 78  ? 10.020  8.301   -9.273  1.00 26.83  ? 75  PRO A CB  1 
ATOM   568  C CG  . PRO A 1 78  ? 9.206   8.276   -10.506 1.00 30.73  ? 75  PRO A CG  1 
ATOM   569  C CD  . PRO A 1 78  ? 9.688   7.094   -11.287 1.00 31.96  ? 75  PRO A CD  1 
ATOM   570  N N   . ALA A 1 79  ? 9.833   5.603   -6.895  1.00 32.83  ? 76  ALA A N   1 
ATOM   571  C CA  . ALA A 1 79  ? 9.039   5.139   -5.764  1.00 32.58  ? 76  ALA A CA  1 
ATOM   572  C C   . ALA A 1 79  ? 9.861   5.177   -4.484  1.00 34.75  ? 76  ALA A C   1 
ATOM   573  O O   . ALA A 1 79  ? 11.055  4.894   -4.495  1.00 40.12  ? 76  ALA A O   1 
ATOM   574  C CB  . ALA A 1 79  ? 8.513   3.734   -6.015  1.00 30.60  ? 76  ALA A CB  1 
ATOM   575  N N   . ILE A 1 80  ? 9.209   5.528   -3.382  1.00 36.03  ? 77  ILE A N   1 
ATOM   576  C CA  . ILE A 1 80  ? 9.875   5.617   -2.088  1.00 30.86  ? 77  ILE A CA  1 
ATOM   577  C C   . ILE A 1 80  ? 9.106   4.881   -1.009  1.00 29.79  ? 77  ILE A C   1 
ATOM   578  O O   . ILE A 1 80  ? 7.891   5.005   -0.911  1.00 31.89  ? 77  ILE A O   1 
ATOM   579  C CB  . ILE A 1 80  ? 10.041  7.074   -1.645  1.00 33.26  ? 77  ILE A CB  1 
ATOM   580  C CG1 . ILE A 1 80  ? 10.802  7.868   -2.696  1.00 42.43  ? 77  ILE A CG1 1 
ATOM   581  C CG2 . ILE A 1 80  ? 10.775  7.159   -0.324  1.00 42.15  ? 77  ILE A CG2 1 
ATOM   582  C CD1 . ILE A 1 80  ? 11.071  9.273   -2.262  1.00 46.36  ? 77  ILE A CD1 1 
ATOM   583  N N   . SER A 1 81  ? 9.819   4.119   -0.192  1.00 37.04  ? 78  SER A N   1 
ATOM   584  C CA  . SER A 1 81  ? 9.212   3.508   0.976   1.00 34.73  ? 78  SER A CA  1 
ATOM   585  C C   . SER A 1 81  ? 9.620   4.287   2.214   1.00 31.89  ? 78  SER A C   1 
ATOM   586  O O   . SER A 1 81  ? 10.770  4.687   2.348   1.00 32.35  ? 78  SER A O   1 
ATOM   587  C CB  . SER A 1 81  ? 9.624   2.046   1.106   1.00 37.77  ? 78  SER A CB  1 
ATOM   588  O OG  . SER A 1 81  ? 9.004   1.457   2.230   1.00 39.19  ? 78  SER A OG  1 
ATOM   589  N N   . LEU A 1 82  ? 8.671   4.507   3.112   1.00 31.47  ? 79  LEU A N   1 
ATOM   590  C CA  . LEU A 1 82  ? 8.939   5.254   4.328   1.00 32.14  ? 79  LEU A CA  1 
ATOM   591  C C   . LEU A 1 82  ? 9.444   4.340   5.433   1.00 39.91  ? 79  LEU A C   1 
ATOM   592  O O   . LEU A 1 82  ? 10.018  4.807   6.418   1.00 44.78  ? 79  LEU A O   1 
ATOM   593  C CB  . LEU A 1 82  ? 7.682   5.989   4.783   1.00 39.39  ? 79  LEU A CB  1 
ATOM   594  C CG  . LEU A 1 82  ? 7.095   6.933   3.735   1.00 32.91  ? 79  LEU A CG  1 
ATOM   595  C CD1 . LEU A 1 82  ? 5.809   7.564   4.233   1.00 24.64  ? 79  LEU A CD1 1 
ATOM   596  C CD2 . LEU A 1 82  ? 8.115   7.995   3.367   1.00 32.14  ? 79  LEU A CD2 1 
ATOM   597  N N   . ASN A 1 83  ? 9.223   3.039   5.263   1.00 43.77  ? 80  ASN A N   1 
ATOM   598  C CA  . ASN A 1 83  ? 9.661   2.038   6.233   1.00 42.12  ? 80  ASN A CA  1 
ATOM   599  C C   . ASN A 1 83  ? 11.130  1.711   6.082   1.00 43.82  ? 80  ASN A C   1 
ATOM   600  O O   . ASN A 1 83  ? 11.817  1.414   7.056   1.00 53.41  ? 80  ASN A O   1 
ATOM   601  C CB  . ASN A 1 83  ? 8.865   0.743   6.085   1.00 42.42  ? 80  ASN A CB  1 
ATOM   602  C CG  . ASN A 1 83  ? 7.415   0.985   5.789   1.00 39.69  ? 80  ASN A CG  1 
ATOM   603  O OD1 . ASN A 1 83  ? 6.586   1.026   6.693   1.00 51.92  ? 80  ASN A OD1 1 
ATOM   604  N ND2 . ASN A 1 83  ? 7.093   1.141   4.514   1.00 39.40  ? 80  ASN A ND2 1 
ATOM   605  N N   . SER A 1 84  ? 11.596  1.746   4.840   1.00 48.48  ? 81  SER A N   1 
ATOM   606  C CA  . SER A 1 84  ? 12.948  1.328   4.512   1.00 56.67  ? 81  SER A CA  1 
ATOM   607  C C   . SER A 1 84  ? 14.002  2.116   5.293   1.00 60.75  ? 81  SER A C   1 
ATOM   608  O O   . SER A 1 84  ? 15.027  1.563   5.687   1.00 64.04  ? 81  SER A O   1 
ATOM   609  C CB  . SER A 1 84  ? 13.186  1.459   3.005   1.00 53.76  ? 81  SER A CB  1 
ATOM   610  O OG  . SER A 1 84  ? 12.985  2.793   2.567   1.00 59.44  ? 81  SER A OG  1 
ATOM   611  N N   . ASP A 1 85  ? 13.741  3.396   5.539   1.00 54.60  ? 82  ASP A N   1 
ATOM   612  C CA  . ASP A 1 85  ? 14.701  4.234   6.251   1.00 58.49  ? 82  ASP A CA  1 
ATOM   613  C C   . ASP A 1 85  ? 14.733  3.919   7.749   1.00 64.45  ? 82  ASP A C   1 
ATOM   614  O O   . ASP A 1 85  ? 13.836  4.316   8.494   1.00 68.70  ? 82  ASP A O   1 
ATOM   615  C CB  . ASP A 1 85  ? 14.381  5.714   6.027   1.00 62.01  ? 82  ASP A CB  1 
ATOM   616  C CG  . ASP A 1 85  ? 15.587  6.613   6.241   1.00 71.33  ? 82  ASP A CG  1 
ATOM   617  O OD1 . ASP A 1 85  ? 16.592  6.142   6.820   1.00 71.29  ? 82  ASP A OD1 1 
ATOM   618  O OD2 . ASP A 1 85  ? 15.528  7.795   5.838   1.00 64.91  ? 82  ASP A OD2 1 
ATOM   619  N N   . ILE A 1 86  ? 15.780  3.213   8.180   1.00 64.29  ? 83  ILE A N   1 
ATOM   620  C CA  . ILE A 1 86  ? 15.922  2.773   9.572   1.00 66.43  ? 83  ILE A CA  1 
ATOM   621  C C   . ILE A 1 86  ? 16.384  3.861   10.511  1.00 63.56  ? 83  ILE A C   1 
ATOM   622  O O   . ILE A 1 86  ? 15.802  4.079   11.576  1.00 61.18  ? 83  ILE A O   1 
ATOM   623  C CB  . ILE A 1 86  ? 16.932  1.599   9.711   1.00 65.72  ? 83  ILE A CB  1 
ATOM   624  C CG1 . ILE A 1 86  ? 18.112  1.729   8.738   1.00 69.69  ? 83  ILE A CG1 1 
ATOM   625  C CG2 . ILE A 1 86  ? 16.267  0.305   9.501   1.00 62.53  ? 83  ILE A CG2 1 
ATOM   626  C CD1 . ILE A 1 86  ? 19.441  2.048   9.420   1.00 71.47  ? 83  ILE A CD1 1 
ATOM   627  N N   . SER A 1 87  ? 17.458  4.527   10.112  1.00 66.27  ? 84  SER A N   1 
ATOM   628  C CA  . SER A 1 87  ? 18.091  5.513   10.957  1.00 63.90  ? 84  SER A CA  1 
ATOM   629  C C   . SER A 1 87  ? 17.162  6.687   11.180  1.00 63.41  ? 84  SER A C   1 
ATOM   630  O O   . SER A 1 87  ? 17.316  7.398   12.154  1.00 68.71  ? 84  SER A O   1 
ATOM   631  C CB  . SER A 1 87  ? 19.411  5.973   10.346  1.00 55.25  ? 84  SER A CB  1 
ATOM   632  O OG  . SER A 1 87  ? 20.409  4.984   10.532  1.00 57.74  ? 84  SER A OG  1 
ATOM   633  N N   . THR A 1 88  ? 16.197  6.874   10.284  1.00 58.46  ? 85  THR A N   1 
ATOM   634  C CA  . THR A 1 88  ? 15.191  7.922   10.434  1.00 57.49  ? 85  THR A CA  1 
ATOM   635  C C   . THR A 1 88  ? 14.072  7.493   11.378  1.00 58.91  ? 85  THR A C   1 
ATOM   636  O O   . THR A 1 88  ? 13.719  8.229   12.298  1.00 60.98  ? 85  THR A O   1 
ATOM   637  C CB  . THR A 1 88  ? 14.570  8.314   9.080   1.00 53.94  ? 85  THR A CB  1 
ATOM   638  O OG1 . THR A 1 88  ? 15.573  8.891   8.238   1.00 55.04  ? 85  THR A OG1 1 
ATOM   639  C CG2 . THR A 1 88  ? 13.454  9.323   9.274   1.00 46.42  ? 85  THR A CG2 1 
ATOM   640  N N   . ILE A 1 89  ? 13.509  6.310   11.133  1.00 59.72  ? 86  ILE A N   1 
ATOM   641  C CA  . ILE A 1 89  ? 12.442  5.782   11.978  1.00 57.91  ? 86  ILE A CA  1 
ATOM   642  C C   . ILE A 1 89  ? 12.936  5.670   13.403  1.00 62.29  ? 86  ILE A C   1 
ATOM   643  O O   . ILE A 1 89  ? 12.377  6.285   14.293  1.00 57.22  ? 86  ILE A O   1 
ATOM   644  C CB  . ILE A 1 89  ? 11.939  4.413   11.504  1.00 54.64  ? 86  ILE A CB  1 
ATOM   645  C CG1 . ILE A 1 89  ? 11.191  4.562   10.183  1.00 52.47  ? 86  ILE A CG1 1 
ATOM   646  C CG2 . ILE A 1 89  ? 11.026  3.791   12.553  1.00 51.25  ? 86  ILE A CG2 1 
ATOM   647  C CD1 . ILE A 1 89  ? 10.669  3.262   9.641   1.00 45.13  ? 86  ILE A CD1 1 
ATOM   648  N N   . THR A 1 90  ? 14.012  4.918   13.613  1.00 68.13  ? 87  THR A N   1 
ATOM   649  C CA  . THR A 1 90  ? 14.639  4.859   14.927  1.00 66.28  ? 87  THR A CA  1 
ATOM   650  C C   . THR A 1 90  ? 15.033  6.261   15.433  1.00 70.08  ? 87  THR A C   1 
ATOM   651  O O   . THR A 1 90  ? 15.174  6.462   16.631  1.00 71.17  ? 87  THR A O   1 
ATOM   652  C CB  . THR A 1 90  ? 15.895  3.952   14.925  1.00 65.63  ? 87  THR A CB  1 
ATOM   653  O OG1 . THR A 1 90  ? 16.877  4.486   14.029  1.00 69.03  ? 87  THR A OG1 1 
ATOM   654  C CG2 . THR A 1 90  ? 15.543  2.533   14.488  1.00 67.14  ? 87  THR A CG2 1 
ATOM   655  N N   . SER A 1 91  ? 15.211  7.233   14.538  1.00 73.03  ? 88  SER A N   1 
ATOM   656  C CA  . SER A 1 91  ? 15.510  8.597   14.993  1.00 69.78  ? 88  SER A CA  1 
ATOM   657  C C   . SER A 1 91  ? 14.281  9.477   15.107  1.00 75.84  ? 88  SER A C   1 
ATOM   658  O O   . SER A 1 91  ? 14.389  10.589  15.601  1.00 78.79  ? 88  SER A O   1 
ATOM   659  C CB  . SER A 1 91  ? 16.498  9.315   14.078  1.00 67.81  ? 88  SER A CB  1 
ATOM   660  O OG  . SER A 1 91  ? 16.766  10.621  14.565  1.00 79.45  ? 88  SER A OG  1 
ATOM   661  N N   . ILE A 1 92  ? 13.141  9.011   14.603  1.00 77.75  ? 89  ILE A N   1 
ATOM   662  C CA  . ILE A 1 92  ? 11.872  9.696   14.816  1.00 74.04  ? 89  ILE A CA  1 
ATOM   663  C C   . ILE A 1 92  ? 11.019  8.923   15.813  1.00 79.78  ? 89  ILE A C   1 
ATOM   664  O O   . ILE A 1 92  ? 10.536  9.514   16.792  1.00 74.08  ? 89  ILE A O   1 
ATOM   665  C CB  . ILE A 1 92  ? 11.079  9.882   13.507  1.00 61.33  ? 89  ILE A CB  1 
ATOM   666  C CG1 . ILE A 1 92  ? 11.837  10.773  12.518  1.00 57.95  ? 89  ILE A CG1 1 
ATOM   667  C CG2 . ILE A 1 92  ? 9.723   10.495  13.798  1.00 61.23  ? 89  ILE A CG2 1 
ATOM   668  C CD1 . ILE A 1 92  ? 11.029  11.092  11.283  1.00 53.90  ? 89  ILE A CD1 1 
ATOM   669  N N   . ALA A 1 93  ? 10.845  7.621   15.560  1.00 82.67  ? 90  ALA A N   1 
ATOM   670  C CA  . ALA A 1 93  ? 10.108  6.724   16.454  1.00 79.88  ? 90  ALA A CA  1 
ATOM   671  C C   . ALA A 1 93  ? 10.531  6.951   17.861  1.00 82.15  ? 90  ALA A C   1 
ATOM   672  O O   . ALA A 1 93  ? 9.725   6.969   18.771  1.00 90.88  ? 90  ALA A O   1 
ATOM   673  C CB  . ALA A 1 93  ? 10.332  5.284   16.075  1.00 82.15  ? 90  ALA A CB  1 
ATOM   674  N N   . ASN A 1 94  ? 11.848  7.090   17.995  1.00 84.33  ? 91  ASN A N   1 
ATOM   675  C CA  . ASN A 1 94  ? 12.407  8.131   18.859  1.00 91.92  ? 91  ASN A CA  1 
ATOM   676  C C   . ASN A 1 94  ? 13.282  9.308   18.307  1.00 96.08  ? 91  ASN A C   1 
ATOM   677  O O   . ASN A 1 94  ? 14.521  9.205   18.175  1.00 96.72  ? 91  ASN A O   1 
ATOM   678  C CB  . ASN A 1 94  ? 13.098  7.447   20.080  1.00 92.43  ? 91  ASN A CB  1 
ATOM   679  C CG  . ASN A 1 94  ? 13.992  6.261   19.752  1.00 97.53  ? 91  ASN A CG  1 
ATOM   680  O OD1 . ASN A 1 94  ? 13.807  5.651   18.736  1.00 101.78 ? 91  ASN A OD1 1 
ATOM   681  N ND2 . ASN A 1 94  ? 14.807  5.798   20.742  1.00 90.86  ? 91  ASN A ND2 1 
ATOM   682  N N   . ASP A 1 95  ? 12.587  10.406  17.948  1.00 96.23  ? 92  ASP A N   1 
ATOM   683  C CA  . ASP A 1 95  ? 13.097  11.531  18.680  1.00 93.17  ? 92  ASP A CA  1 
ATOM   684  C C   . ASP A 1 95  ? 12.088  12.491  19.350  1.00 90.25  ? 92  ASP A C   1 
ATOM   685  O O   . ASP A 1 95  ? 11.471  13.401  18.747  1.00 90.73  ? 92  ASP A O   1 
ATOM   686  C CB  . ASP A 1 95  ? 14.242  12.280  17.942  1.00 89.55  ? 92  ASP A CB  1 
ATOM   687  C CG  . ASP A 1 95  ? 13.853  13.408  17.009  1.00 93.01  ? 92  ASP A CG  1 
ATOM   688  O OD1 . ASP A 1 95  ? 12.713  13.859  16.885  1.00 103.25 ? 92  ASP A OD1 1 
ATOM   689  O OD2 . ASP A 1 95  ? 14.865  13.901  16.432  1.00 88.73  ? 92  ASP A OD2 1 
ATOM   690  N N   . TYR A 1 96  ? 11.707  12.057  20.556  1.00 90.41  ? 93  TYR A N   1 
ATOM   691  C CA  . TYR A 1 96  ? 11.780  10.618  20.805  1.00 89.22  ? 93  TYR A CA  1 
ATOM   692  C C   . TYR A 1 96  ? 10.305  10.064  21.037  1.00 96.04  ? 93  TYR A C   1 
ATOM   693  O O   . TYR A 1 96  ? 9.982   9.644   22.162  1.00 93.90  ? 93  TYR A O   1 
ATOM   694  C CB  . TYR A 1 96  ? 12.827  10.135  21.941  1.00 100.44 ? 93  TYR A CB  1 
ATOM   695  C CG  . TYR A 1 96  ? 14.357  9.877   21.571  1.00 108.73 ? 93  TYR A CG  1 
ATOM   696  C CD1 . TYR A 1 96  ? 15.013  10.573  20.592  1.00 108.09 ? 93  TYR A CD1 1 
ATOM   697  C CD2 . TYR A 1 96  ? 15.094  8.800   22.114  1.00 109.31 ? 93  TYR A CD2 1 
ATOM   698  C CE1 . TYR A 1 96  ? 16.377  10.300  20.218  1.00 114.04 ? 93  TYR A CE1 1 
ATOM   699  C CE2 . TYR A 1 96  ? 16.496  8.514   21.703  1.00 113.66 ? 93  TYR A CE2 1 
ATOM   700  C CZ  . TYR A 1 96  ? 17.123  9.279   20.767  1.00 116.91 ? 93  TYR A CZ  1 
ATOM   701  O OH  . TYR A 1 96  ? 18.470  9.081   20.314  1.00 106.23 ? 93  TYR A OH  1 
ATOM   702  N N   . GLN A 1 97  ? 9.447   10.090  19.966  1.00 93.29  ? 94  GLN A N   1 
ATOM   703  C CA  . GLN A 1 97  ? 8.139   9.314   19.807  1.00 80.76  ? 94  GLN A CA  1 
ATOM   704  C C   . GLN A 1 97  ? 7.636   8.895   18.350  1.00 80.51  ? 94  GLN A C   1 
ATOM   705  O O   . GLN A 1 97  ? 7.715   9.673   17.384  1.00 67.56  ? 94  GLN A O   1 
ATOM   706  C CB  . GLN A 1 97  ? 6.967   10.043  20.474  1.00 77.60  ? 94  GLN A CB  1 
ATOM   707  C CG  . GLN A 1 97  ? 5.626   9.261   20.347  1.00 87.26  ? 94  GLN A CG  1 
ATOM   708  C CD  . GLN A 1 97  ? 5.667   7.831   20.930  1.00 90.29  ? 94  GLN A CD  1 
ATOM   709  O OE1 . GLN A 1 97  ? 5.818   6.850   20.194  1.00 83.77  ? 94  GLN A OE1 1 
ATOM   710  N NE2 . GLN A 1 97  ? 5.477   7.717   22.240  1.00 97.54  ? 94  GLN A NE2 1 
ATOM   711  N N   . TYR A 1 98  ? 7.034   7.688   18.274  1.00 81.40  ? 95  TYR A N   1 
ATOM   712  C CA  . TYR A 1 98  ? 6.861   6.810   17.084  1.00 70.34  ? 95  TYR A CA  1 
ATOM   713  C C   . TYR A 1 98  ? 5.670   7.017   16.139  1.00 65.94  ? 95  TYR A C   1 
ATOM   714  O O   . TYR A 1 98  ? 5.667   6.489   15.029  1.00 61.63  ? 95  TYR A O   1 
ATOM   715  C CB  . TYR A 1 98  ? 6.834   5.350   17.606  1.00 73.24  ? 95  TYR A CB  1 
ATOM   716  C CG  . TYR A 1 98  ? 6.571   4.212   16.615  1.00 79.34  ? 95  TYR A CG  1 
ATOM   717  C CD1 . TYR A 1 98  ? 7.608   3.643   15.885  1.00 75.08  ? 95  TYR A CD1 1 
ATOM   718  C CD2 . TYR A 1 98  ? 5.301   3.665   16.463  1.00 82.36  ? 95  TYR A CD2 1 
ATOM   719  C CE1 . TYR A 1 98  ? 7.392   2.604   15.003  1.00 81.24  ? 95  TYR A CE1 1 
ATOM   720  C CE2 . TYR A 1 98  ? 5.073   2.611   15.573  1.00 77.76  ? 95  TYR A CE2 1 
ATOM   721  C CZ  . TYR A 1 98  ? 6.132   2.091   14.849  1.00 85.88  ? 95  TYR A CZ  1 
ATOM   722  O OH  . TYR A 1 98  ? 5.964   1.057   13.957  1.00 88.14  ? 95  TYR A OH  1 
ATOM   723  N N   . ASP A 1 99  ? 4.669   7.778   16.560  1.00 71.45  ? 96  ASP A N   1 
ATOM   724  C CA  . ASP A 1 99  ? 3.461   7.946   15.755  1.00 57.23  ? 96  ASP A CA  1 
ATOM   725  C C   . ASP A 1 99  ? 3.683   8.811   14.509  1.00 55.64  ? 96  ASP A C   1 
ATOM   726  O O   . ASP A 1 99  ? 2.884   8.780   13.572  1.00 49.49  ? 96  ASP A O   1 
ATOM   727  C CB  . ASP A 1 99  ? 2.341   8.541   16.617  1.00 64.90  ? 96  ASP A CB  1 
ATOM   728  C CG  . ASP A 1 99  ? 2.700   9.908   17.189  1.00 80.27  ? 96  ASP A CG  1 
ATOM   729  O OD1 . ASP A 1 99  ? 3.815   10.058  17.739  1.00 81.83  ? 96  ASP A OD1 1 
ATOM   730  O OD2 . ASP A 1 99  ? 1.861   10.831  17.100  1.00 80.62  ? 96  ASP A OD2 1 
ATOM   731  N N   . GLU A 1 100 ? 4.769   9.575   14.489  1.00 56.52  ? 97  GLU A N   1 
ATOM   732  C CA  . GLU A 1 100 ? 4.999   10.494  13.382  1.00 51.36  ? 97  GLU A CA  1 
ATOM   733  C C   . GLU A 1 100 ? 6.177   10.089  12.506  1.00 47.67  ? 97  GLU A C   1 
ATOM   734  O O   . GLU A 1 100 ? 6.734   10.921  11.792  1.00 47.00  ? 97  GLU A O   1 
ATOM   735  C CB  . GLU A 1 100 ? 5.214   11.915  13.909  1.00 59.16  ? 97  GLU A CB  1 
ATOM   736  C CG  . GLU A 1 100 ? 3.976   12.530  14.547  1.00 64.51  ? 97  GLU A CG  1 
ATOM   737  C CD  . GLU A 1 100 ? 4.110   14.026  14.765  1.00 71.63  ? 97  GLU A CD  1 
ATOM   738  O OE1 . GLU A 1 100 ? 5.255   14.530  14.789  1.00 70.34  ? 97  GLU A OE1 1 
ATOM   739  O OE2 . GLU A 1 100 ? 3.066   14.700  14.901  1.00 73.97  ? 97  GLU A OE2 1 
ATOM   740  N N   . VAL A 1 101 ? 6.543   8.811   12.543  1.00 46.90  ? 98  VAL A N   1 
ATOM   741  C CA  . VAL A 1 101 ? 7.692   8.336   11.781  1.00 46.21  ? 98  VAL A CA  1 
ATOM   742  C C   . VAL A 1 101 ? 7.506   8.507   10.286  1.00 42.71  ? 98  VAL A C   1 
ATOM   743  O O   . VAL A 1 101 ? 8.467   8.747   9.561   1.00 41.66  ? 98  VAL A O   1 
ATOM   744  C CB  . VAL A 1 101 ? 7.995   6.858   12.062  1.00 48.42  ? 98  VAL A CB  1 
ATOM   745  C CG1 . VAL A 1 101 ? 8.548   6.717   13.427  1.00 57.60  ? 98  VAL A CG1 1 
ATOM   746  C CG2 . VAL A 1 101 ? 6.749   6.011   11.923  1.00 46.60  ? 98  VAL A CG2 1 
ATOM   747  N N   . PHE A 1 102 ? 6.265   8.387   9.832   1.00 43.51  ? 99  PHE A N   1 
ATOM   748  C CA  . PHE A 1 102 ? 5.967   8.433   8.409   1.00 37.30  ? 99  PHE A CA  1 
ATOM   749  C C   . PHE A 1 102 ? 5.451   9.799   8.005   1.00 42.17  ? 99  PHE A C   1 
ATOM   750  O O   . PHE A 1 102 ? 5.744   10.286  6.911   1.00 41.61  ? 99  PHE A O   1 
ATOM   751  C CB  . PHE A 1 102 ? 4.944   7.362   8.039   1.00 33.97  ? 99  PHE A CB  1 
ATOM   752  C CG  . PHE A 1 102 ? 5.424   5.961   8.262   1.00 38.47  ? 99  PHE A CG  1 
ATOM   753  C CD1 . PHE A 1 102 ? 6.771   5.649   8.158   1.00 41.30  ? 99  PHE A CD1 1 
ATOM   754  C CD2 . PHE A 1 102 ? 4.531   4.951   8.573   1.00 40.95  ? 99  PHE A CD2 1 
ATOM   755  C CE1 . PHE A 1 102 ? 7.216   4.355   8.362   1.00 43.72  ? 99  PHE A CE1 1 
ATOM   756  C CE2 . PHE A 1 102 ? 4.970   3.657   8.779   1.00 44.79  ? 99  PHE A CE2 1 
ATOM   757  C CZ  . PHE A 1 102 ? 6.315   3.358   8.674   1.00 40.22  ? 99  PHE A CZ  1 
ATOM   758  N N   . SER A 1 103 ? 4.678   10.414  8.894   1.00 42.08  ? 100 SER A N   1 
ATOM   759  C CA  . SER A 1 103 ? 4.087   11.714  8.616   1.00 35.56  ? 100 SER A CA  1 
ATOM   760  C C   . SER A 1 103 ? 5.163   12.767  8.382   1.00 35.32  ? 100 SER A C   1 
ATOM   761  O O   . SER A 1 103 ? 5.039   13.584  7.475   1.00 35.80  ? 100 SER A O   1 
ATOM   762  C CB  . SER A 1 103 ? 3.162   12.134  9.757   1.00 42.51  ? 100 SER A CB  1 
ATOM   763  O OG  . SER A 1 103 ? 3.871   12.241  10.976  1.00 51.41  ? 100 SER A OG  1 
ATOM   764  N N   . LYS A 1 104 ? 6.225   12.734  9.183   1.00 38.06  ? 101 LYS A N   1 
ATOM   765  C CA  . LYS A 1 104 ? 7.319   13.692  9.040   1.00 36.39  ? 101 LYS A CA  1 
ATOM   766  C C   . LYS A 1 104 ? 8.070   13.507  7.721   1.00 37.94  ? 101 LYS A C   1 
ATOM   767  O O   . LYS A 1 104 ? 8.586   14.470  7.151   1.00 37.25  ? 101 LYS A O   1 
ATOM   768  C CB  . LYS A 1 104 ? 8.288   13.582  10.219  1.00 32.79  ? 101 LYS A CB  1 
ATOM   769  C CG  . LYS A 1 104 ? 7.665   13.978  11.551  1.00 52.05  ? 101 LYS A CG  1 
ATOM   770  C CD  . LYS A 1 104 ? 8.687   14.042  12.676  1.00 54.34  ? 101 LYS A CD  1 
ATOM   771  C CE  . LYS A 1 104 ? 9.638   15.215  12.495  1.00 58.43  ? 101 LYS A CE  1 
ATOM   772  N NZ  . LYS A 1 104 ? 10.573  15.377  13.648  1.00 71.40  ? 101 LYS A NZ  1 
ATOM   773  N N   . GLN A 1 105 ? 8.116   12.274  7.229   1.00 33.35  ? 102 GLN A N   1 
ATOM   774  C CA  . GLN A 1 105 ? 8.811   11.997  5.983   1.00 31.03  ? 102 GLN A CA  1 
ATOM   775  C C   . GLN A 1 105 ? 7.991   12.499  4.810   1.00 31.06  ? 102 GLN A C   1 
ATOM   776  O O   . GLN A 1 105 ? 8.533   12.979  3.817   1.00 31.68  ? 102 GLN A O   1 
ATOM   777  C CB  . GLN A 1 105 ? 9.098   10.502  5.840   1.00 37.19  ? 102 GLN A CB  1 
ATOM   778  C CG  . GLN A 1 105 ? 9.967   9.924   6.949   1.00 35.85  ? 102 GLN A CG  1 
ATOM   779  C CD  . GLN A 1 105 ? 10.383  8.497   6.669   1.00 36.39  ? 102 GLN A CD  1 
ATOM   780  O OE1 . GLN A 1 105 ? 10.873  8.191   5.588   1.00 43.05  ? 102 GLN A OE1 1 
ATOM   781  N NE2 . GLN A 1 105 ? 10.173  7.612   7.636   1.00 39.89  ? 102 GLN A NE2 1 
ATOM   782  N N   . ILE A 1 106 ? 6.673   12.397  4.932   1.00 33.20  ? 103 ILE A N   1 
ATOM   783  C CA  . ILE A 1 106 ? 5.781   12.886  3.889   1.00 35.32  ? 103 ILE A CA  1 
ATOM   784  C C   . ILE A 1 106 ? 5.813   14.416  3.835   1.00 32.33  ? 103 ILE A C   1 
ATOM   785  O O   . ILE A 1 106 ? 5.855   15.000  2.755   1.00 34.79  ? 103 ILE A O   1 
ATOM   786  C CB  . ILE A 1 106 ? 4.336   12.385  4.102   1.00 35.43  ? 103 ILE A CB  1 
ATOM   787  C CG1 . ILE A 1 106 ? 4.304   10.857  4.091   1.00 36.44  ? 103 ILE A CG1 1 
ATOM   788  C CG2 . ILE A 1 106 ? 3.419   12.901  3.015   1.00 36.26  ? 103 ILE A CG2 1 
ATOM   789  C CD1 . ILE A 1 106 ? 2.919   10.266  4.154   1.00 40.38  ? 103 ILE A CD1 1 
ATOM   790  N N   . ARG A 1 107 ? 5.816   15.055  5.001   1.00 33.03  ? 104 ARG A N   1 
ATOM   791  C CA  . ARG A 1 107 ? 5.910   16.511  5.095   1.00 38.30  ? 104 ARG A CA  1 
ATOM   792  C C   . ARG A 1 107 ? 7.108   17.070  4.330   1.00 35.63  ? 104 ARG A C   1 
ATOM   793  O O   . ARG A 1 107 ? 7.019   18.132  3.716   1.00 42.95  ? 104 ARG A O   1 
ATOM   794  C CB  . ARG A 1 107 ? 5.992   16.949  6.564   1.00 48.07  ? 104 ARG A CB  1 
ATOM   795  C CG  . ARG A 1 107 ? 4.715   16.723  7.362   1.00 43.37  ? 104 ARG A CG  1 
ATOM   796  C CD  . ARG A 1 107 ? 4.635   17.628  8.589   1.00 48.58  ? 104 ARG A CD  1 
ATOM   797  N NE  . ARG A 1 107 ? 5.152   17.013  9.813   1.00 53.35  ? 104 ARG A NE  1 
ATOM   798  C CZ  . ARG A 1 107 ? 4.404   16.342  10.684  1.00 51.13  ? 104 ARG A CZ  1 
ATOM   799  N NH1 . ARG A 1 107 ? 3.106   16.182  10.458  1.00 48.43  ? 104 ARG A NH1 1 
ATOM   800  N NH2 . ARG A 1 107 ? 4.950   15.820  11.777  1.00 50.23  ? 104 ARG A NH2 1 
ATOM   801  N N   . ALA A 1 108 ? 8.222   16.345  4.362   1.00 37.34  ? 105 ALA A N   1 
ATOM   802  C CA  . ALA A 1 108 ? 9.458   16.800  3.734   1.00 27.89  ? 105 ALA A CA  1 
ATOM   803  C C   . ALA A 1 108 ? 9.587   16.384  2.272   1.00 34.51  ? 105 ALA A C   1 
ATOM   804  O O   . ALA A 1 108 ? 9.990   17.183  1.432   1.00 46.38  ? 105 ALA A O   1 
ATOM   805  C CB  . ALA A 1 108 ? 10.640  16.290  4.512   1.00 30.12  ? 105 ALA A CB  1 
ATOM   806  N N   . LEU A 1 109 ? 9.252   15.137  1.967   1.00 35.72  ? 106 LEU A N   1 
ATOM   807  C CA  . LEU A 1 109 ? 9.510   14.590  0.639   1.00 34.99  ? 106 LEU A CA  1 
ATOM   808  C C   . LEU A 1 109 ? 8.321   14.725  -0.302  1.00 37.68  ? 106 LEU A C   1 
ATOM   809  O O   . LEU A 1 109 ? 8.499   14.826  -1.515  1.00 36.84  ? 106 LEU A O   1 
ATOM   810  C CB  . LEU A 1 109 ? 9.913   13.119  0.745   1.00 31.43  ? 106 LEU A CB  1 
ATOM   811  C CG  . LEU A 1 109 ? 11.179  12.870  1.563   1.00 36.69  ? 106 LEU A CG  1 
ATOM   812  C CD1 . LEU A 1 109 ? 11.447  11.388  1.736   1.00 37.07  ? 106 LEU A CD1 1 
ATOM   813  C CD2 . LEU A 1 109 ? 12.362  13.555  0.898   1.00 44.60  ? 106 LEU A CD2 1 
ATOM   814  N N   . GLY A 1 110 ? 7.117   14.727  0.267   1.00 33.97  ? 107 GLY A N   1 
ATOM   815  C CA  . GLY A 1 110 ? 5.890   14.729  -0.511  1.00 29.16  ? 107 GLY A CA  1 
ATOM   816  C C   . GLY A 1 110 ? 5.729   15.921  -1.435  1.00 35.44  ? 107 GLY A C   1 
ATOM   817  O O   . GLY A 1 110 ? 5.836   17.071  -1.014  1.00 38.65  ? 107 GLY A O   1 
ATOM   818  N N   . HIS A 1 111 ? 5.474   15.640  -2.707  1.00 36.14  ? 108 HIS A N   1 
ATOM   819  C CA  . HIS A 1 111 ? 5.228   16.679  -3.694  1.00 32.85  ? 108 HIS A CA  1 
ATOM   820  C C   . HIS A 1 111 ? 3.784   16.631  -4.167  1.00 42.91  ? 108 HIS A C   1 
ATOM   821  O O   . HIS A 1 111 ? 3.138   15.584  -4.116  1.00 41.26  ? 108 HIS A O   1 
ATOM   822  C CB  . HIS A 1 111 ? 6.165   16.526  -4.889  1.00 33.10  ? 108 HIS A CB  1 
ATOM   823  C CG  . HIS A 1 111 ? 7.589   16.877  -4.592  1.00 38.50  ? 108 HIS A CG  1 
ATOM   824  N ND1 . HIS A 1 111 ? 8.639   16.446  -5.373  1.00 38.42  ? 108 HIS A ND1 1 
ATOM   825  C CD2 . HIS A 1 111 ? 8.135   17.627  -3.606  1.00 35.24  ? 108 HIS A CD2 1 
ATOM   826  C CE1 . HIS A 1 111 ? 9.773   16.907  -4.876  1.00 31.62  ? 108 HIS A CE1 1 
ATOM   827  N NE2 . HIS A 1 111 ? 9.494   17.629  -3.806  1.00 43.63  ? 108 HIS A NE2 1 
ATOM   828  N N   . ASN A 1 112 ? 3.284   17.773  -4.624  1.00 50.55  ? 109 ASN A N   1 
ATOM   829  C CA  . ASN A 1 112 ? 1.960   17.851  -5.224  1.00 51.05  ? 109 ASN A CA  1 
ATOM   830  C C   . ASN A 1 112 ? 1.888   16.996  -6.487  1.00 49.67  ? 109 ASN A C   1 
ATOM   831  O O   . ASN A 1 112 ? 2.543   17.291  -7.489  1.00 43.66  ? 109 ASN A O   1 
ATOM   832  C CB  . ASN A 1 112 ? 1.607   19.307  -5.535  1.00 45.57  ? 109 ASN A CB  1 
ATOM   833  C CG  . ASN A 1 112 ? 2.830   20.136  -5.914  1.00 64.48  ? 109 ASN A CG  1 
ATOM   834  O OD1 . ASN A 1 112 ? 3.968   19.751  -5.637  1.00 61.42  ? 109 ASN A OD1 1 
ATOM   835  N ND2 . ASN A 1 112 ? 2.597   21.282  -6.549  1.00 64.74  ? 109 ASN A ND2 1 
ATOM   836  N N   . GLY A 1 113 ? 1.099   15.928  -6.428  1.00 41.18  ? 110 GLY A N   1 
ATOM   837  C CA  . GLY A 1 113 ? 1.012   14.996  -7.537  1.00 38.21  ? 110 GLY A CA  1 
ATOM   838  C C   . GLY A 1 113 ? 1.488   13.593  -7.193  1.00 41.62  ? 110 GLY A C   1 
ATOM   839  O O   . GLY A 1 113 ? 1.230   12.646  -7.932  1.00 43.78  ? 110 GLY A O   1 
ATOM   840  N N   . ASP A 1 114 ? 2.194   13.455  -6.076  1.00 41.64  ? 111 ASP A N   1 
ATOM   841  C CA  . ASP A 1 114 ? 2.616   12.143  -5.610  1.00 35.42  ? 111 ASP A CA  1 
ATOM   842  C C   . ASP A 1 114 ? 1.421   11.334  -5.129  1.00 37.58  ? 111 ASP A C   1 
ATOM   843  O O   . ASP A 1 114 ? 0.359   11.890  -4.860  1.00 43.54  ? 111 ASP A O   1 
ATOM   844  C CB  . ASP A 1 114 ? 3.638   12.269  -4.482  1.00 35.16  ? 111 ASP A CB  1 
ATOM   845  C CG  . ASP A 1 114 ? 4.894   12.971  -4.918  1.00 37.60  ? 111 ASP A CG  1 
ATOM   846  O OD1 . ASP A 1 114 ? 5.095   13.120  -6.140  1.00 43.97  ? 111 ASP A OD1 1 
ATOM   847  O OD2 . ASP A 1 114 ? 5.688   13.366  -4.040  1.00 37.75  ? 111 ASP A OD2 1 
ATOM   848  N N   . VAL A 1 115 ? 1.604   10.023  -5.011  1.00 32.76  ? 112 VAL A N   1 
ATOM   849  C CA  . VAL A 1 115 ? 0.549   9.138   -4.537  1.00 31.51  ? 112 VAL A CA  1 
ATOM   850  C C   . VAL A 1 115 ? 1.020   8.328   -3.334  1.00 33.68  ? 112 VAL A C   1 
ATOM   851  O O   . VAL A 1 115 ? 2.071   7.690   -3.380  1.00 38.79  ? 112 VAL A O   1 
ATOM   852  C CB  . VAL A 1 115 ? 0.079   8.183   -5.654  1.00 29.63  ? 112 VAL A CB  1 
ATOM   853  C CG1 . VAL A 1 115 ? -0.650  6.992   -5.073  1.00 35.01  ? 112 VAL A CG1 1 
ATOM   854  C CG2 . VAL A 1 115 ? -0.808  8.918   -6.631  1.00 35.64  ? 112 VAL A CG2 1 
ATOM   855  N N   . LEU A 1 116 ? 0.245   8.363   -2.256  1.00 33.34  ? 113 LEU A N   1 
ATOM   856  C CA  . LEU A 1 116 ? 0.581   7.621   -1.049  1.00 30.44  ? 113 LEU A CA  1 
ATOM   857  C C   . LEU A 1 116 ? -0.046  6.235   -1.052  1.00 33.99  ? 113 LEU A C   1 
ATOM   858  O O   . LEU A 1 116 ? -1.267  6.097   -1.057  1.00 34.83  ? 113 LEU A O   1 
ATOM   859  C CB  . LEU A 1 116 ? 0.131   8.384   0.200   1.00 30.22  ? 113 LEU A CB  1 
ATOM   860  C CG  . LEU A 1 116 ? 0.339   7.662   1.535   1.00 31.87  ? 113 LEU A CG  1 
ATOM   861  C CD1 . LEU A 1 116 ? 1.817   7.381   1.780   1.00 30.67  ? 113 LEU A CD1 1 
ATOM   862  C CD2 . LEU A 1 116 ? -0.248  8.455   2.684   1.00 34.73  ? 113 LEU A CD2 1 
ATOM   863  N N   . LEU A 1 117 ? 0.794   5.208   -1.043  1.00 32.62  ? 114 LEU A N   1 
ATOM   864  C CA  . LEU A 1 117 ? 0.314   3.844   -0.910  1.00 26.74  ? 114 LEU A CA  1 
ATOM   865  C C   . LEU A 1 117 ? 0.348   3.428   0.554   1.00 28.95  ? 114 LEU A C   1 
ATOM   866  O O   . LEU A 1 117 ? 1.369   2.954   1.042   1.00 31.02  ? 114 LEU A O   1 
ATOM   867  C CB  . LEU A 1 117 ? 1.156   2.894   -1.752  1.00 29.76  ? 114 LEU A CB  1 
ATOM   868  C CG  . LEU A 1 117 ? 0.769   1.417   -1.683  1.00 33.23  ? 114 LEU A CG  1 
ATOM   869  C CD1 . LEU A 1 117 ? -0.621  1.209   -2.252  1.00 28.65  ? 114 LEU A CD1 1 
ATOM   870  C CD2 . LEU A 1 117 ? 1.791   0.559   -2.405  1.00 31.05  ? 114 LEU A CD2 1 
ATOM   871  N N   . ALA A 1 118 ? -0.762  3.617   1.260   1.00 31.97  ? 115 ALA A N   1 
ATOM   872  C CA  . ALA A 1 118 ? -0.810  3.287   2.684   1.00 32.37  ? 115 ALA A CA  1 
ATOM   873  C C   . ALA A 1 118 ? -1.366  1.885   2.919   1.00 30.91  ? 115 ALA A C   1 
ATOM   874  O O   . ALA A 1 118 ? -2.465  1.561   2.475   1.00 32.21  ? 115 ALA A O   1 
ATOM   875  C CB  . ALA A 1 118 ? -1.635  4.317   3.439   1.00 29.53  ? 115 ALA A CB  1 
ATOM   876  N N   . ILE A 1 119 ? -0.601  1.054   3.618   1.00 28.71  ? 116 ILE A N   1 
ATOM   877  C CA  . ILE A 1 119 ? -1.029  -0.312  3.886   1.00 32.05  ? 116 ILE A CA  1 
ATOM   878  C C   . ILE A 1 119 ? -1.182  -0.562  5.379   1.00 34.29  ? 116 ILE A C   1 
ATOM   879  O O   . ILE A 1 119 ? -0.300  -0.242  6.170   1.00 37.26  ? 116 ILE A O   1 
ATOM   880  C CB  . ILE A 1 119 ? -0.048  -1.341  3.297   1.00 28.24  ? 116 ILE A CB  1 
ATOM   881  C CG1 . ILE A 1 119 ? 0.348   -0.948  1.875   1.00 36.85  ? 116 ILE A CG1 1 
ATOM   882  C CG2 . ILE A 1 119 ? -0.669  -2.711  3.289   1.00 28.03  ? 116 ILE A CG2 1 
ATOM   883  C CD1 . ILE A 1 119 ? 1.222   -1.972  1.186   1.00 37.42  ? 116 ILE A CD1 1 
ATOM   884  N N   . SER A 1 120 ? -2.320  -1.130  5.755   1.00 34.20  ? 117 SER A N   1 
ATOM   885  C CA  . SER A 1 120 ? -2.591  -1.462  7.143   1.00 41.52  ? 117 SER A CA  1 
ATOM   886  C C   . SER A 1 120 ? -3.639  -2.558  7.208   1.00 45.45  ? 117 SER A C   1 
ATOM   887  O O   . SER A 1 120 ? -4.769  -2.372  6.760   1.00 44.66  ? 117 SER A O   1 
ATOM   888  C CB  . SER A 1 120 ? -3.065  -0.232  7.918   1.00 44.91  ? 117 SER A CB  1 
ATOM   889  O OG  . SER A 1 120 ? -3.289  -0.546  9.281   1.00 49.36  ? 117 SER A OG  1 
ATOM   890  N N   . THR A 1 121 ? -3.266  -3.703  7.763   1.00 46.62  ? 118 THR A N   1 
ATOM   891  C CA  . THR A 1 121 ? -4.190  -4.823  7.851   1.00 44.74  ? 118 THR A CA  1 
ATOM   892  C C   . THR A 1 121 ? -5.387  -4.485  8.736   1.00 48.66  ? 118 THR A C   1 
ATOM   893  O O   . THR A 1 121 ? -6.533  -4.738  8.363   1.00 48.60  ? 118 THR A O   1 
ATOM   894  C CB  . THR A 1 121 ? -3.492  -6.065  8.387   1.00 40.51  ? 118 THR A CB  1 
ATOM   895  O OG1 . THR A 1 121 ? -3.101  -5.836  9.746   1.00 48.94  ? 118 THR A OG1 1 
ATOM   896  C CG2 . THR A 1 121 ? -2.259  -6.359  7.551   1.00 40.59  ? 118 THR A CG2 1 
ATOM   897  N N   . SER A 1 122 ? -5.116  -3.900  9.898   1.00 52.12  ? 119 SER A N   1 
ATOM   898  C CA  . SER A 1 122 ? -6.170  -3.529  10.842  1.00 50.45  ? 119 SER A CA  1 
ATOM   899  C C   . SER A 1 122 ? -6.842  -2.208  10.473  1.00 55.78  ? 119 SER A C   1 
ATOM   900  O O   . SER A 1 122 ? -8.020  -1.995  10.763  1.00 57.12  ? 119 SER A O   1 
ATOM   901  C CB  . SER A 1 122 ? -5.602  -3.436  12.256  1.00 48.79  ? 119 SER A CB  1 
ATOM   902  O OG  . SER A 1 122 ? -4.583  -2.454  12.325  1.00 60.95  ? 119 SER A OG  1 
ATOM   903  N N   . GLY A 1 123 ? -6.085  -1.324  9.833   1.00 56.57  ? 120 GLY A N   1 
ATOM   904  C CA  . GLY A 1 123 ? -6.568  0.005   9.518   1.00 49.41  ? 120 GLY A CA  1 
ATOM   905  C C   . GLY A 1 123 ? -6.545  0.889   10.747  1.00 50.20  ? 120 GLY A C   1 
ATOM   906  O O   . GLY A 1 123 ? -7.184  1.939   10.779  1.00 54.14  ? 120 GLY A O   1 
ATOM   907  N N   . ASN A 1 124 ? -5.802  0.465   11.764  1.00 51.08  ? 121 ASN A N   1 
ATOM   908  C CA  . ASN A 1 124 ? -5.765  1.197   13.023  1.00 59.13  ? 121 ASN A CA  1 
ATOM   909  C C   . ASN A 1 124 ? -4.347  1.483   13.507  1.00 62.44  ? 121 ASN A C   1 
ATOM   910  O O   . ASN A 1 124 ? -4.127  1.727   14.694  1.00 71.49  ? 121 ASN A O   1 
ATOM   911  C CB  . ASN A 1 124 ? -6.539  0.426   14.095  1.00 56.43  ? 121 ASN A CB  1 
ATOM   912  C CG  . ASN A 1 124 ? -8.012  0.301   13.768  1.00 56.19  ? 121 ASN A CG  1 
ATOM   913  O OD1 . ASN A 1 124 ? -8.621  1.228   13.226  1.00 51.26  ? 121 ASN A OD1 1 
ATOM   914  N ND2 . ASN A 1 124 ? -8.594  -0.850  14.083  1.00 54.39  ? 121 ASN A ND2 1 
ATOM   915  N N   . SER A 1 125 ? -3.387  1.452   12.588  1.00 57.38  ? 122 SER A N   1 
ATOM   916  C CA  . SER A 1 125 ? -2.009  1.791   12.922  1.00 57.79  ? 122 SER A CA  1 
ATOM   917  C C   . SER A 1 125 ? -1.816  3.299   12.851  1.00 58.11  ? 122 SER A C   1 
ATOM   918  O O   . SER A 1 125 ? -1.917  3.895   11.777  1.00 53.98  ? 122 SER A O   1 
ATOM   919  C CB  . SER A 1 125 ? -1.034  1.080   11.988  1.00 58.08  ? 122 SER A CB  1 
ATOM   920  O OG  . SER A 1 125 ? -1.108  -0.322  12.160  1.00 69.46  ? 122 SER A OG  1 
ATOM   921  N N   . ARG A 1 126 ? -1.540  3.909   14.000  1.00 54.66  ? 123 ARG A N   1 
ATOM   922  C CA  . ARG A 1 126 ? -1.481  5.363   14.102  1.00 55.50  ? 123 ARG A CA  1 
ATOM   923  C C   . ARG A 1 126 ? -0.413  5.968   13.190  1.00 52.81  ? 123 ARG A C   1 
ATOM   924  O O   . ARG A 1 126 ? -0.593  7.068   12.662  1.00 54.21  ? 123 ARG A O   1 
ATOM   925  C CB  . ARG A 1 126 ? -1.238  5.788   15.555  1.00 64.04  ? 123 ARG A CB  1 
ATOM   926  C CG  . ARG A 1 126 ? -2.440  6.468   16.224  1.00 74.62  ? 123 ARG A CG  1 
ATOM   927  C CD  . ARG A 1 126 ? -2.750  7.800   15.549  1.00 76.76  ? 123 ARG A CD  1 
ATOM   928  N NE  . ARG A 1 126 ? -4.071  8.336   15.878  1.00 82.21  ? 123 ARG A NE  1 
ATOM   929  C CZ  . ARG A 1 126 ? -5.200  7.982   15.270  1.00 86.14  ? 123 ARG A CZ  1 
ATOM   930  N NH1 . ARG A 1 126 ? -5.184  7.057   14.321  1.00 84.18  ? 123 ARG A NH1 1 
ATOM   931  N NH2 . ARG A 1 126 ? -6.354  8.536   15.624  1.00 84.86  ? 123 ARG A NH2 1 
ATOM   932  N N   . ASN A 1 127 ? 0.689   5.252   12.993  1.00 47.39  ? 124 ASN A N   1 
ATOM   933  C CA  . ASN A 1 127 ? 1.745   5.744   12.116  1.00 46.27  ? 124 ASN A CA  1 
ATOM   934  C C   . ASN A 1 127 ? 1.254   5.873   10.675  1.00 47.01  ? 124 ASN A C   1 
ATOM   935  O O   . ASN A 1 127 ? 1.600   6.826   9.976   1.00 46.20  ? 124 ASN A O   1 
ATOM   936  C CB  . ASN A 1 127 ? 2.983   4.838   12.191  1.00 45.58  ? 124 ASN A CB  1 
ATOM   937  C CG  . ASN A 1 127 ? 2.677   3.391   11.848  1.00 60.80  ? 124 ASN A CG  1 
ATOM   938  O OD1 . ASN A 1 127 ? 1.520   2.968   11.846  1.00 69.31  ? 124 ASN A OD1 1 
ATOM   939  N ND2 . ASN A 1 127 ? 3.722   2.620   11.566  1.00 56.71  ? 124 ASN A ND2 1 
ATOM   940  N N   . VAL A 1 128 ? 0.429   4.928   10.242  1.00 46.03  ? 125 VAL A N   1 
ATOM   941  C CA  . VAL A 1 128 ? -0.112  4.962   8.890   1.00 44.97  ? 125 VAL A CA  1 
ATOM   942  C C   . VAL A 1 128 ? -1.229  5.993   8.781   1.00 49.89  ? 125 VAL A C   1 
ATOM   943  O O   . VAL A 1 128 ? -1.377  6.657   7.755   1.00 51.01  ? 125 VAL A O   1 
ATOM   944  C CB  . VAL A 1 128 ? -0.644  3.587   8.460   1.00 39.74  ? 125 VAL A CB  1 
ATOM   945  C CG1 . VAL A 1 128 ? -1.182  3.649   7.045   1.00 35.98  ? 125 VAL A CG1 1 
ATOM   946  C CG2 . VAL A 1 128 ? 0.451   2.553   8.560   1.00 45.39  ? 125 VAL A CG2 1 
ATOM   947  N N   . VAL A 1 129 ? -2.010  6.129   9.848   1.00 50.22  ? 126 VAL A N   1 
ATOM   948  C CA  . VAL A 1 129 ? -3.092  7.102   9.875   1.00 47.38  ? 126 VAL A CA  1 
ATOM   949  C C   . VAL A 1 129 ? -2.561  8.522   9.726   1.00 46.39  ? 126 VAL A C   1 
ATOM   950  O O   . VAL A 1 129 ? -2.992  9.261   8.842   1.00 47.78  ? 126 VAL A O   1 
ATOM   951  C CB  . VAL A 1 129 ? -3.902  7.011   11.173  1.00 55.44  ? 126 VAL A CB  1 
ATOM   952  C CG1 . VAL A 1 129 ? -4.916  8.136   11.237  1.00 58.32  ? 126 VAL A CG1 1 
ATOM   953  C CG2 . VAL A 1 129 ? -4.590  5.665   11.273  1.00 55.36  ? 126 VAL A CG2 1 
ATOM   954  N N   . LYS A 1 130 ? -1.617  8.895   10.585  1.00 45.32  ? 127 LYS A N   1 
ATOM   955  C CA  . LYS A 1 130 ? -1.056  10.240  10.541  1.00 48.27  ? 127 LYS A CA  1 
ATOM   956  C C   . LYS A 1 130 ? -0.369  10.498  9.202   1.00 46.20  ? 127 LYS A C   1 
ATOM   957  O O   . LYS A 1 130 ? -0.360  11.624  8.708   1.00 49.77  ? 127 LYS A O   1 
ATOM   958  C CB  . LYS A 1 130 ? -0.084  10.461  11.703  1.00 49.57  ? 127 LYS A CB  1 
ATOM   959  C CG  . LYS A 1 130 ? -0.768  10.625  13.057  1.00 52.36  ? 127 LYS A CG  1 
ATOM   960  C CD  . LYS A 1 130 ? -0.156  11.773  13.854  1.00 62.19  ? 127 LYS A CD  1 
ATOM   961  C CE  . LYS A 1 130 ? -0.952  12.073  15.117  1.00 69.05  ? 127 LYS A CE  1 
ATOM   962  N NZ  . LYS A 1 130 ? -0.425  13.258  15.853  1.00 67.62  ? 127 LYS A NZ  1 
ATOM   963  N N   . ALA A 1 131 ? 0.190   9.446   8.613   1.00 43.75  ? 128 ALA A N   1 
ATOM   964  C CA  . ALA A 1 131 ? 0.770   9.541   7.281   1.00 41.59  ? 128 ALA A CA  1 
ATOM   965  C C   . ALA A 1 131 ? -0.294  9.956   6.277   1.00 45.77  ? 128 ALA A C   1 
ATOM   966  O O   . ALA A 1 131 ? -0.058  10.805  5.418   1.00 46.43  ? 128 ALA A O   1 
ATOM   967  C CB  . ALA A 1 131 ? 1.395   8.220   6.877   1.00 47.29  ? 128 ALA A CB  1 
ATOM   968  N N   . ILE A 1 132 ? -1.470  9.353   6.394   1.00 47.12  ? 129 ILE A N   1 
ATOM   969  C CA  . ILE A 1 132 ? -2.586  9.696   5.525   1.00 47.35  ? 129 ILE A CA  1 
ATOM   970  C C   . ILE A 1 132 ? -3.070  11.116  5.810   1.00 47.22  ? 129 ILE A C   1 
ATOM   971  O O   . ILE A 1 132 ? -3.289  11.897  4.884   1.00 50.63  ? 129 ILE A O   1 
ATOM   972  C CB  . ILE A 1 132 ? -3.742  8.692   5.680   1.00 46.70  ? 129 ILE A CB  1 
ATOM   973  C CG1 . ILE A 1 132 ? -3.294  7.318   5.183   1.00 44.80  ? 129 ILE A CG1 1 
ATOM   974  C CG2 . ILE A 1 132 ? -4.963  9.148   4.904   1.00 50.02  ? 129 ILE A CG2 1 
ATOM   975  C CD1 . ILE A 1 132 ? -4.378  6.281   5.194   1.00 44.57  ? 129 ILE A CD1 1 
ATOM   976  N N   . GLU A 1 133 ? -3.218  11.449  7.091   1.00 45.63  ? 130 GLU A N   1 
ATOM   977  C CA  . GLU A 1 133 ? -3.588  12.803  7.498   1.00 44.22  ? 130 GLU A CA  1 
ATOM   978  C C   . GLU A 1 133 ? -2.642  13.822  6.888   1.00 46.94  ? 130 GLU A C   1 
ATOM   979  O O   . GLU A 1 133 ? -3.066  14.859  6.381   1.00 51.97  ? 130 GLU A O   1 
ATOM   980  C CB  . GLU A 1 133 ? -3.564  12.940  9.017   1.00 47.12  ? 130 GLU A CB  1 
ATOM   981  C CG  . GLU A 1 133 ? -4.595  12.109  9.741   1.00 54.05  ? 130 GLU A CG  1 
ATOM   982  C CD  . GLU A 1 133 ? -4.480  12.250  11.240  1.00 61.20  ? 130 GLU A CD  1 
ATOM   983  O OE1 . GLU A 1 133 ? -5.242  11.576  11.966  1.00 70.46  ? 130 GLU A OE1 1 
ATOM   984  O OE2 . GLU A 1 133 ? -3.620  13.035  11.693  1.00 64.52  ? 130 GLU A OE2 1 
ATOM   985  N N   . SER A 1 134 ? -1.354  13.511  6.943   1.00 44.53  ? 131 SER A N   1 
ATOM   986  C CA  . SER A 1 134 ? -0.336  14.383  6.388   1.00 43.56  ? 131 SER A CA  1 
ATOM   987  C C   . SER A 1 134 ? -0.520  14.568  4.884   1.00 48.06  ? 131 SER A C   1 
ATOM   988  O O   . SER A 1 134 ? -0.508  15.689  4.387   1.00 54.20  ? 131 SER A O   1 
ATOM   989  C CB  . SER A 1 134 ? 1.053   13.823  6.690   1.00 42.30  ? 131 SER A CB  1 
ATOM   990  O OG  . SER A 1 134 ? 2.062   14.631  6.115   1.00 56.24  ? 131 SER A OG  1 
ATOM   991  N N   . ALA A 1 135 ? -0.707  13.467  4.165   1.00 51.07  ? 132 ALA A N   1 
ATOM   992  C CA  . ALA A 1 135 ? -0.787  13.509  2.707   1.00 51.74  ? 132 ALA A CA  1 
ATOM   993  C C   . ALA A 1 135 ? -2.034  14.237  2.205   1.00 51.04  ? 132 ALA A C   1 
ATOM   994  O O   . ALA A 1 135 ? -1.999  14.897  1.166   1.00 55.46  ? 132 ALA A O   1 
ATOM   995  C CB  . ALA A 1 135 ? -0.742  12.107  2.146   1.00 43.86  ? 132 ALA A CB  1 
ATOM   996  N N   . VAL A 1 136 ? -3.132  14.105  2.940   1.00 45.30  ? 133 VAL A N   1 
ATOM   997  C CA  . VAL A 1 136 ? -4.357  14.830  2.626   1.00 49.50  ? 133 VAL A CA  1 
ATOM   998  C C   . VAL A 1 136 ? -4.103  16.334  2.634   1.00 52.98  ? 133 VAL A C   1 
ATOM   999  O O   . VAL A 1 136 ? -4.633  17.076  1.805   1.00 54.65  ? 133 VAL A O   1 
ATOM   1000 C CB  . VAL A 1 136 ? -5.475  14.490  3.624   1.00 50.12  ? 133 VAL A CB  1 
ATOM   1001 C CG1 . VAL A 1 136 ? -6.614  15.489  3.520   1.00 46.47  ? 133 VAL A CG1 1 
ATOM   1002 C CG2 . VAL A 1 136 ? -5.971  13.070  3.398   1.00 46.56  ? 133 VAL A CG2 1 
ATOM   1003 N N   . SER A 1 137 ? -3.260  16.767  3.564   1.00 51.69  ? 134 SER A N   1 
ATOM   1004 C CA  . SER A 1 137 ? -2.929  18.175  3.725   1.00 53.34  ? 134 SER A CA  1 
ATOM   1005 C C   . SER A 1 137 ? -2.117  18.739  2.561   1.00 56.68  ? 134 SER A C   1 
ATOM   1006 O O   . SER A 1 137 ? -1.891  19.946  2.493   1.00 63.67  ? 134 SER A O   1 
ATOM   1007 C CB  . SER A 1 137 ? -2.149  18.383  5.025   1.00 53.64  ? 134 SER A CB  1 
ATOM   1008 O OG  . SER A 1 137 ? -2.693  17.610  6.079   1.00 53.40  ? 134 SER A OG  1 
ATOM   1009 N N   . ARG A 1 138 ? -1.667  17.875  1.655   1.00 51.83  ? 135 ARG A N   1 
ATOM   1010 C CA  . ARG A 1 138 ? -0.758  18.310  0.598   1.00 56.10  ? 135 ARG A CA  1 
ATOM   1011 C C   . ARG A 1 138 ? -1.246  18.006  -0.811  1.00 59.73  ? 135 ARG A C   1 
ATOM   1012 O O   . ARG A 1 138 ? -0.431  17.923  -1.732  1.00 63.31  ? 135 ARG A O   1 
ATOM   1013 C CB  . ARG A 1 138 ? 0.618   17.666  0.786   1.00 55.42  ? 135 ARG A CB  1 
ATOM   1014 C CG  . ARG A 1 138 ? 0.944   17.365  2.224   1.00 59.27  ? 135 ARG A CG  1 
ATOM   1015 C CD  . ARG A 1 138 ? 2.059   18.237  2.746   1.00 65.03  ? 135 ARG A CD  1 
ATOM   1016 N NE  . ARG A 1 138 ? 2.074   18.221  4.201   1.00 62.42  ? 135 ARG A NE  1 
ATOM   1017 C CZ  . ARG A 1 138 ? 2.845   19.003  4.947   1.00 69.42  ? 135 ARG A CZ  1 
ATOM   1018 N NH1 . ARG A 1 138 ? 3.683   19.855  4.371   1.00 73.67  ? 135 ARG A NH1 1 
ATOM   1019 N NH2 . ARG A 1 138 ? 2.776   18.932  6.269   1.00 78.12  ? 135 ARG A NH2 1 
ATOM   1020 N N   . ASP A 1 139 ? -2.557  17.845  -0.981  1.00 59.71  ? 136 ASP A N   1 
ATOM   1021 C CA  . ASP A 1 139 ? -3.124  17.552  -2.297  1.00 67.16  ? 136 ASP A CA  1 
ATOM   1022 C C   . ASP A 1 139 ? -2.515  16.266  -2.852  1.00 62.04  ? 136 ASP A C   1 
ATOM   1023 O O   . ASP A 1 139 ? -2.007  16.235  -3.975  1.00 58.04  ? 136 ASP A O   1 
ATOM   1024 C CB  . ASP A 1 139 ? -2.886  18.720  -3.265  1.00 74.29  ? 136 ASP A CB  1 
ATOM   1025 C CG  . ASP A 1 139 ? -4.010  18.894  -4.269  1.00 85.63  ? 136 ASP A CG  1 
ATOM   1026 O OD1 . ASP A 1 139 ? -5.139  18.432  -3.996  1.00 90.78  ? 136 ASP A OD1 1 
ATOM   1027 O OD2 . ASP A 1 139 ? -3.761  19.497  -5.336  1.00 89.63  ? 136 ASP A OD2 1 
ATOM   1028 N N   . ILE A 1 140 ? -2.557  15.212  -2.044  1.00 58.07  ? 137 ILE A N   1 
ATOM   1029 C CA  . ILE A 1 140 ? -1.949  13.938  -2.409  1.00 49.55  ? 137 ILE A CA  1 
ATOM   1030 C C   . ILE A 1 140 ? -2.935  12.783  -2.291  1.00 44.39  ? 137 ILE A C   1 
ATOM   1031 O O   . ILE A 1 140 ? -3.431  12.490  -1.207  1.00 43.45  ? 137 ILE A O   1 
ATOM   1032 C CB  . ILE A 1 140 ? -0.724  13.634  -1.532  1.00 47.30  ? 137 ILE A CB  1 
ATOM   1033 C CG1 . ILE A 1 140 ? 0.398   14.626  -1.828  1.00 47.21  ? 137 ILE A CG1 1 
ATOM   1034 C CG2 . ILE A 1 140 ? -0.243  12.215  -1.765  1.00 46.66  ? 137 ILE A CG2 1 
ATOM   1035 C CD1 . ILE A 1 140 ? 1.609   14.440  -0.958  1.00 42.45  ? 137 ILE A CD1 1 
ATOM   1036 N N   . PRO A 1 141 ? -3.224  12.126  -3.420  1.00 42.86  ? 138 PRO A N   1 
ATOM   1037 C CA  . PRO A 1 141 ? -4.111  10.960  -3.454  1.00 41.68  ? 138 PRO A CA  1 
ATOM   1038 C C   . PRO A 1 141 ? -3.622  9.820   -2.565  1.00 37.77  ? 138 PRO A C   1 
ATOM   1039 O O   . PRO A 1 141 ? -2.427  9.547   -2.511  1.00 38.80  ? 138 PRO A O   1 
ATOM   1040 C CB  . PRO A 1 141 ? -4.087  10.549  -4.927  1.00 36.27  ? 138 PRO A CB  1 
ATOM   1041 C CG  . PRO A 1 141 ? -3.769  11.807  -5.656  1.00 39.25  ? 138 PRO A CG  1 
ATOM   1042 C CD  . PRO A 1 141 ? -2.815  12.548  -4.771  1.00 38.83  ? 138 PRO A CD  1 
ATOM   1043 N N   . ILE A 1 142 ? -4.554  9.167   -1.881  1.00 41.73  ? 139 ILE A N   1 
ATOM   1044 C CA  . ILE A 1 142 ? -4.244  8.027   -1.029  1.00 37.98  ? 139 ILE A CA  1 
ATOM   1045 C C   . ILE A 1 142 ? -4.719  6.725   -1.657  1.00 40.34  ? 139 ILE A C   1 
ATOM   1046 O O   . ILE A 1 142 ? -5.831  6.645   -2.168  1.00 40.91  ? 139 ILE A O   1 
ATOM   1047 C CB  . ILE A 1 142 ? -4.903  8.154   0.358   1.00 38.51  ? 139 ILE A CB  1 
ATOM   1048 C CG1 . ILE A 1 142 ? -4.665  9.544   0.943   1.00 39.60  ? 139 ILE A CG1 1 
ATOM   1049 C CG2 . ILE A 1 142 ? -4.400  7.068   1.294   1.00 32.53  ? 139 ILE A CG2 1 
ATOM   1050 C CD1 . ILE A 1 142 ? -3.227  9.858   1.121   1.00 45.22  ? 139 ILE A CD1 1 
ATOM   1051 N N   . ILE A 1 143 ? -3.872  5.706   -1.624  1.00 37.65  ? 140 ILE A N   1 
ATOM   1052 C CA  . ILE A 1 143 ? -4.292  4.362   -1.977  1.00 29.58  ? 140 ILE A CA  1 
ATOM   1053 C C   . ILE A 1 143 ? -4.130  3.500   -0.735  1.00 30.08  ? 140 ILE A C   1 
ATOM   1054 O O   . ILE A 1 143 ? -3.015  3.164   -0.341  1.00 29.00  ? 140 ILE A O   1 
ATOM   1055 C CB  . ILE A 1 143 ? -3.482  3.801   -3.149  1.00 31.70  ? 140 ILE A CB  1 
ATOM   1056 C CG1 . ILE A 1 143 ? -3.663  4.688   -4.380  1.00 25.59  ? 140 ILE A CG1 1 
ATOM   1057 C CG2 . ILE A 1 143 ? -3.894  2.371   -3.446  1.00 35.25  ? 140 ILE A CG2 1 
ATOM   1058 C CD1 . ILE A 1 143 ? -2.926  4.197   -5.601  1.00 25.08  ? 140 ILE A CD1 1 
ATOM   1059 N N   . ALA A 1 144 ? -5.248  3.175   -0.099  1.00 34.23  ? 141 ALA A N   1 
ATOM   1060 C CA  . ALA A 1 144 ? -5.209  2.491   1.185   1.00 32.13  ? 141 ALA A CA  1 
ATOM   1061 C C   . ALA A 1 144 ? -5.562  1.018   1.050   1.00 32.70  ? 141 ALA A C   1 
ATOM   1062 O O   . ALA A 1 144 ? -6.676  0.674   0.663   1.00 36.58  ? 141 ALA A O   1 
ATOM   1063 C CB  . ALA A 1 144 ? -6.146  3.171   2.169   1.00 29.28  ? 141 ALA A CB  1 
ATOM   1064 N N   . LEU A 1 145 ? -4.608  0.149   1.364   1.00 28.30  ? 142 LEU A N   1 
ATOM   1065 C CA  . LEU A 1 145 ? -4.882  -1.278  1.421   1.00 29.48  ? 142 LEU A CA  1 
ATOM   1066 C C   . LEU A 1 145 ? -5.245  -1.662  2.842   1.00 26.75  ? 142 LEU A C   1 
ATOM   1067 O O   . LEU A 1 145 ? -4.413  -1.592  3.742   1.00 26.33  ? 142 LEU A O   1 
ATOM   1068 C CB  . LEU A 1 145 ? -3.680  -2.095  0.957   1.00 30.75  ? 142 LEU A CB  1 
ATOM   1069 C CG  . LEU A 1 145 ? -3.215  -1.902  -0.479  1.00 27.68  ? 142 LEU A CG  1 
ATOM   1070 C CD1 . LEU A 1 145 ? -2.144  -2.920  -0.798  1.00 33.65  ? 142 LEU A CD1 1 
ATOM   1071 C CD2 . LEU A 1 145 ? -4.376  -2.043  -1.418  1.00 27.49  ? 142 LEU A CD2 1 
ATOM   1072 N N   . THR A 1 146 ? -6.485  -2.075  3.043   1.00 25.42  ? 143 THR A N   1 
ATOM   1073 C CA  . THR A 1 146 ? -6.949  -2.390  4.381   1.00 30.53  ? 143 THR A CA  1 
ATOM   1074 C C   . THR A 1 146 ? -7.628  -3.745  4.440   1.00 33.71  ? 143 THR A C   1 
ATOM   1075 O O   . THR A 1 146 ? -7.758  -4.433  3.429   1.00 32.84  ? 143 THR A O   1 
ATOM   1076 C CB  . THR A 1 146 ? -7.925  -1.317  4.898   1.00 37.20  ? 143 THR A CB  1 
ATOM   1077 O OG1 . THR A 1 146 ? -8.883  -1.014  3.876   1.00 43.14  ? 143 THR A OG1 1 
ATOM   1078 C CG2 . THR A 1 146 ? -7.182  -0.045  5.275   1.00 34.15  ? 143 THR A CG2 1 
ATOM   1079 N N   . GLY A 1 147 ? -8.043  -4.119  5.644   1.00 38.52  ? 144 GLY A N   1 
ATOM   1080 C CA  . GLY A 1 147 ? -8.846  -5.307  5.868   1.00 35.97  ? 144 GLY A CA  1 
ATOM   1081 C C   . GLY A 1 147 ? -9.858  -4.985  6.948   1.00 43.17  ? 144 GLY A C   1 
ATOM   1082 O O   . GLY A 1 147 ? -10.039 -3.817  7.286   1.00 50.46  ? 144 GLY A O   1 
ATOM   1083 N N   . PHE A 1 148 ? -10.509 -6.010  7.493   1.00 43.32  ? 145 PHE A N   1 
ATOM   1084 C CA  . PHE A 1 148 ? -11.504 -5.823  8.547   1.00 40.19  ? 145 PHE A CA  1 
ATOM   1085 C C   . PHE A 1 148 ? -12.600 -4.844  8.126   1.00 44.13  ? 145 PHE A C   1 
ATOM   1086 O O   . PHE A 1 148 ? -13.231 -5.007  7.081   1.00 40.89  ? 145 PHE A O   1 
ATOM   1087 C CB  . PHE A 1 148 ? -10.843 -5.323  9.836   1.00 43.33  ? 145 PHE A CB  1 
ATOM   1088 C CG  . PHE A 1 148 ? -9.920  -6.318  10.491  1.00 41.37  ? 145 PHE A CG  1 
ATOM   1089 C CD1 . PHE A 1 148 ? -10.410 -7.255  11.387  1.00 39.55  ? 145 PHE A CD1 1 
ATOM   1090 C CD2 . PHE A 1 148 ? -8.558  -6.292  10.238  1.00 42.68  ? 145 PHE A CD2 1 
ATOM   1091 C CE1 . PHE A 1 148 ? -9.561  -8.159  12.006  1.00 41.96  ? 145 PHE A CE1 1 
ATOM   1092 C CE2 . PHE A 1 148 ? -7.703  -7.195  10.854  1.00 42.04  ? 145 PHE A CE2 1 
ATOM   1093 C CZ  . PHE A 1 148 ? -8.206  -8.130  11.736  1.00 41.40  ? 145 PHE A CZ  1 
ATOM   1094 N N   . ASP A 1 149 ? -12.806 -3.818  8.945   1.00 49.92  ? 146 ASP A N   1 
ATOM   1095 C CA  . ASP A 1 149 ? -13.820 -2.801  8.682   1.00 53.10  ? 146 ASP A CA  1 
ATOM   1096 C C   . ASP A 1 149 ? -13.229 -1.594  7.962   1.00 51.63  ? 146 ASP A C   1 
ATOM   1097 O O   . ASP A 1 149 ? -13.956 -0.747  7.449   1.00 49.99  ? 146 ASP A O   1 
ATOM   1098 C CB  . ASP A 1 149 ? -14.484 -2.357  9.991   1.00 54.87  ? 146 ASP A CB  1 
ATOM   1099 C CG  . ASP A 1 149 ? -13.474 -2.003  11.072  1.00 57.75  ? 146 ASP A CG  1 
ATOM   1100 O OD1 . ASP A 1 149 ? -12.273 -1.859  10.755  1.00 59.88  ? 146 ASP A OD1 1 
ATOM   1101 O OD2 . ASP A 1 149 ? -13.882 -1.868  12.244  1.00 58.05  ? 146 ASP A OD2 1 
ATOM   1102 N N   . GLY A 1 150 ? -11.903 -1.524  7.933   1.00 53.13  ? 147 GLY A N   1 
ATOM   1103 C CA  . GLY A 1 150 ? -11.213 -0.416  7.300   1.00 51.42  ? 147 GLY A CA  1 
ATOM   1104 C C   . GLY A 1 150 ? -10.623 0.508   8.341   1.00 53.21  ? 147 GLY A C   1 
ATOM   1105 O O   . GLY A 1 150 ? -9.838  1.401   8.019   1.00 53.38  ? 147 GLY A O   1 
ATOM   1106 N N   . GLY A 1 151 ? -11.010 0.288   9.593   1.00 49.06  ? 148 GLY A N   1 
ATOM   1107 C CA  . GLY A 1 151 ? -10.498 1.061   10.707  1.00 47.02  ? 148 GLY A CA  1 
ATOM   1108 C C   . GLY A 1 151 ? -10.764 2.546   10.577  1.00 51.59  ? 148 GLY A C   1 
ATOM   1109 O O   . GLY A 1 151 ? -11.709 2.963   9.910   1.00 53.26  ? 148 GLY A O   1 
ATOM   1110 N N   . ASP A 1 152 ? -9.917  3.348   11.215  1.00 55.99  ? 149 ASP A N   1 
ATOM   1111 C CA  . ASP A 1 152 ? -10.059 4.799   11.186  1.00 54.01  ? 149 ASP A CA  1 
ATOM   1112 C C   . ASP A 1 152 ? -9.625  5.361   9.842   1.00 54.60  ? 149 ASP A C   1 
ATOM   1113 O O   . ASP A 1 152 ? -9.878  6.523   9.533   1.00 62.69  ? 149 ASP A O   1 
ATOM   1114 C CB  . ASP A 1 152 ? -9.247  5.443   12.311  1.00 58.97  ? 149 ASP A CB  1 
ATOM   1115 C CG  . ASP A 1 152 ? -9.563  4.851   13.672  1.00 67.60  ? 149 ASP A CG  1 
ATOM   1116 O OD1 . ASP A 1 152 ? -10.245 3.804   13.724  1.00 69.64  ? 149 ASP A OD1 1 
ATOM   1117 O OD2 . ASP A 1 152 ? -9.130  5.434   14.689  1.00 72.94  ? 149 ASP A OD2 1 
ATOM   1118 N N   . ILE A 1 153 ? -8.965  4.525   9.049   1.00 49.99  ? 150 ILE A N   1 
ATOM   1119 C CA  . ILE A 1 153 ? -8.521  4.911   7.718   1.00 52.90  ? 150 ILE A CA  1 
ATOM   1120 C C   . ILE A 1 153 ? -9.689  5.342   6.841   1.00 53.56  ? 150 ILE A C   1 
ATOM   1121 O O   . ILE A 1 153 ? -9.598  6.325   6.105   1.00 55.34  ? 150 ILE A O   1 
ATOM   1122 C CB  . ILE A 1 153 ? -7.781  3.756   7.028   1.00 53.52  ? 150 ILE A CB  1 
ATOM   1123 C CG1 . ILE A 1 153 ? -6.588  3.316   7.875   1.00 53.25  ? 150 ILE A CG1 1 
ATOM   1124 C CG2 . ILE A 1 153 ? -7.335  4.161   5.630   1.00 44.66  ? 150 ILE A CG2 1 
ATOM   1125 C CD1 . ILE A 1 153 ? -5.560  4.398   8.070   1.00 52.03  ? 150 ILE A CD1 1 
ATOM   1126 N N   . SER A 1 154 ? -10.787 4.600   6.932   1.00 46.79  ? 151 SER A N   1 
ATOM   1127 C CA  . SER A 1 154 ? -11.947 4.831   6.082   1.00 52.78  ? 151 SER A CA  1 
ATOM   1128 C C   . SER A 1 154 ? -12.439 6.271   6.170   1.00 62.51  ? 151 SER A C   1 
ATOM   1129 O O   . SER A 1 154 ? -12.610 6.940   5.150   1.00 62.11  ? 151 SER A O   1 
ATOM   1130 C CB  . SER A 1 154 ? -13.073 3.868   6.453   1.00 57.62  ? 151 SER A CB  1 
ATOM   1131 O OG  . SER A 1 154 ? -12.635 2.523   6.375   1.00 58.16  ? 151 SER A OG  1 
ATOM   1132 N N   . GLY A 1 155 ? -12.642 6.751   7.393   1.00 59.59  ? 152 GLY A N   1 
ATOM   1133 C CA  . GLY A 1 155 ? -13.154 8.092   7.606   1.00 58.68  ? 152 GLY A CA  1 
ATOM   1134 C C   . GLY A 1 155 ? -12.128 9.194   7.414   1.00 67.10  ? 152 GLY A C   1 
ATOM   1135 O O   . GLY A 1 155 ? -12.235 10.255  8.029   1.00 75.29  ? 152 GLY A O   1 
ATOM   1136 N N   . LEU A 1 156 ? -11.136 8.948   6.564   1.00 62.77  ? 153 LEU A N   1 
ATOM   1137 C CA  . LEU A 1 156 ? -10.107 9.941   6.278   1.00 56.98  ? 153 LEU A CA  1 
ATOM   1138 C C   . LEU A 1 156 ? -9.995  10.209  4.790   1.00 57.63  ? 153 LEU A C   1 
ATOM   1139 O O   . LEU A 1 156 ? -9.134  10.968  4.346   1.00 56.75  ? 153 LEU A O   1 
ATOM   1140 C CB  . LEU A 1 156 ? -8.753  9.482   6.808   1.00 55.45  ? 153 LEU A CB  1 
ATOM   1141 C CG  . LEU A 1 156 ? -8.544  9.508   8.317   1.00 64.28  ? 153 LEU A CG  1 
ATOM   1142 C CD1 . LEU A 1 156 ? -7.166  8.971   8.628   1.00 63.48  ? 153 LEU A CD1 1 
ATOM   1143 C CD2 . LEU A 1 156 ? -8.708  10.917  8.853   1.00 66.72  ? 153 LEU A CD2 1 
ATOM   1144 N N   . LEU A 1 157 ? -10.864 9.579   4.016   1.00 56.28  ? 154 LEU A N   1 
ATOM   1145 C CA  . LEU A 1 157 ? -10.710 9.621   2.577   1.00 62.71  ? 154 LEU A CA  1 
ATOM   1146 C C   . LEU A 1 157 ? -11.949 10.137  1.858   1.00 65.25  ? 154 LEU A C   1 
ATOM   1147 O O   . LEU A 1 157 ? -13.074 9.732   2.155   1.00 71.83  ? 154 LEU A O   1 
ATOM   1148 C CB  . LEU A 1 157 ? -10.346 8.226   2.056   1.00 63.36  ? 154 LEU A CB  1 
ATOM   1149 C CG  . LEU A 1 157 ? -9.206  7.491   2.773   1.00 56.63  ? 154 LEU A CG  1 
ATOM   1150 C CD1 . LEU A 1 157 ? -9.060  6.073   2.248   1.00 53.51  ? 154 LEU A CD1 1 
ATOM   1151 C CD2 . LEU A 1 157 ? -7.891  8.241   2.641   1.00 47.77  ? 154 LEU A CD2 1 
ATOM   1152 N N   . GLY A 1 158 ? -11.724 11.054  0.922   1.00 59.69  ? 155 GLY A N   1 
ATOM   1153 C CA  . GLY A 1 158 ? -12.692 11.351  -0.115  1.00 63.44  ? 155 GLY A CA  1 
ATOM   1154 C C   . GLY A 1 158 ? -12.313 10.452  -1.275  1.00 71.19  ? 155 GLY A C   1 
ATOM   1155 O O   . GLY A 1 158 ? -11.768 9.372   -1.049  1.00 88.93  ? 155 GLY A O   1 
ATOM   1156 N N   . GLU A 1 159 ? -12.581 10.863  -2.510  1.00 68.41  ? 156 GLU A N   1 
ATOM   1157 C CA  . GLU A 1 159 ? -12.066 10.092  -3.641  1.00 78.57  ? 156 GLU A CA  1 
ATOM   1158 C C   . GLU A 1 159 ? -11.301 10.918  -4.667  1.00 80.29  ? 156 GLU A C   1 
ATOM   1159 O O   . GLU A 1 159 ? -11.709 11.081  -5.817  1.00 87.29  ? 156 GLU A O   1 
ATOM   1160 C CB  . GLU A 1 159 ? -13.179 9.286   -4.331  1.00 86.15  ? 156 GLU A CB  1 
ATOM   1161 C CG  . GLU A 1 159 ? -13.949 8.380   -3.380  1.00 88.13  ? 156 GLU A CG  1 
ATOM   1162 C CD  . GLU A 1 159 ? -14.948 7.477   -4.081  1.00 94.48  ? 156 GLU A CD  1 
ATOM   1163 O OE1 . GLU A 1 159 ? -15.361 7.790   -5.217  1.00 95.10  ? 156 GLU A OE1 1 
ATOM   1164 O OE2 . GLU A 1 159 ? -15.324 6.446   -3.484  1.00 98.51  ? 156 GLU A OE2 1 
ATOM   1165 N N   . GLY A 1 160 ? -10.178 11.448  -4.199  1.00 77.44  ? 157 GLY A N   1 
ATOM   1166 C CA  . GLY A 1 160 ? -9.000  11.588  -5.024  1.00 80.34  ? 157 GLY A CA  1 
ATOM   1167 C C   . GLY A 1 160 ? -8.260  10.340  -4.589  1.00 67.03  ? 157 GLY A C   1 
ATOM   1168 O O   . GLY A 1 160 ? -7.252  9.940   -5.168  1.00 71.58  ? 157 GLY A O   1 
ATOM   1169 N N   . ASP A 1 161 ? -8.819  9.723   -3.547  1.00 57.30  ? 158 ASP A N   1 
ATOM   1170 C CA  . ASP A 1 161 ? -8.260  8.555   -2.883  1.00 61.64  ? 158 ASP A CA  1 
ATOM   1171 C C   . ASP A 1 161 ? -9.083  7.291   -3.135  1.00 60.93  ? 158 ASP A C   1 
ATOM   1172 O O   . ASP A 1 161 ? -10.258 7.361   -3.492  1.00 66.69  ? 158 ASP A O   1 
ATOM   1173 C CB  . ASP A 1 161 ? -8.164  8.798   -1.371  1.00 57.12  ? 158 ASP A CB  1 
ATOM   1174 C CG  . ASP A 1 161 ? -7.723  10.210  -1.027  1.00 55.43  ? 158 ASP A CG  1 
ATOM   1175 O OD1 . ASP A 1 161 ? -6.985  10.823  -1.828  1.00 52.69  ? 158 ASP A OD1 1 
ATOM   1176 O OD2 . ASP A 1 161 ? -8.104  10.700  0.058   1.00 54.36  ? 158 ASP A OD2 1 
ATOM   1177 N N   . VAL A 1 162 ? -8.453  6.137   -2.935  1.00 51.05  ? 159 VAL A N   1 
ATOM   1178 C CA  . VAL A 1 162 ? -9.116  4.848   -3.061  1.00 33.74  ? 159 VAL A CA  1 
ATOM   1179 C C   . VAL A 1 162 ? -8.860  4.007   -1.817  1.00 40.45  ? 159 VAL A C   1 
ATOM   1180 O O   . VAL A 1 162 ? -7.758  4.013   -1.271  1.00 42.76  ? 159 VAL A O   1 
ATOM   1181 C CB  . VAL A 1 162 ? -8.625  4.059   -4.289  1.00 33.62  ? 159 VAL A CB  1 
ATOM   1182 C CG1 . VAL A 1 162 ? -9.575  2.919   -4.609  1.00 40.72  ? 159 VAL A CG1 1 
ATOM   1183 C CG2 . VAL A 1 162 ? -8.476  4.965   -5.480  1.00 51.13  ? 159 VAL A CG2 1 
ATOM   1184 N N   . GLU A 1 163 ? -9.880  3.285   -1.368  1.00 42.65  ? 160 GLU A N   1 
ATOM   1185 C CA  . GLU A 1 163 ? -9.702  2.307   -0.307  1.00 36.51  ? 160 GLU A CA  1 
ATOM   1186 C C   . GLU A 1 163 ? -9.943  0.914   -0.867  1.00 34.15  ? 160 GLU A C   1 
ATOM   1187 O O   . GLU A 1 163 ? -10.958 0.666   -1.515  1.00 40.06  ? 160 GLU A O   1 
ATOM   1188 C CB  . GLU A 1 163 ? -10.642 2.587   0.867   1.00 32.38  ? 160 GLU A CB  1 
ATOM   1189 C CG  . GLU A 1 163 ? -10.514 1.601   2.019   1.00 38.44  ? 160 GLU A CG  1 
ATOM   1190 C CD  . GLU A 1 163 ? -11.596 1.778   3.075   1.00 51.71  ? 160 GLU A CD  1 
ATOM   1191 O OE1 . GLU A 1 163 ? -12.516 2.597   2.860   1.00 57.44  ? 160 GLU A OE1 1 
ATOM   1192 O OE2 . GLU A 1 163 ? -11.527 1.096   4.123   1.00 46.90  ? 160 GLU A OE2 1 
ATOM   1193 N N   . ILE A 1 164 ? -8.997  0.015   -0.632  1.00 32.09  ? 161 ILE A N   1 
ATOM   1194 C CA  . ILE A 1 164 ? -9.138  -1.376  -1.038  1.00 27.80  ? 161 ILE A CA  1 
ATOM   1195 C C   . ILE A 1 164 ? -9.236  -2.246  0.200   1.00 30.13  ? 161 ILE A C   1 
ATOM   1196 O O   . ILE A 1 164 ? -8.222  -2.592  0.802   1.00 30.34  ? 161 ILE A O   1 
ATOM   1197 C CB  . ILE A 1 164 ? -7.960  -1.833  -1.911  1.00 29.98  ? 161 ILE A CB  1 
ATOM   1198 C CG1 . ILE A 1 164 ? -7.786  -0.879  -3.094  1.00 34.68  ? 161 ILE A CG1 1 
ATOM   1199 C CG2 . ILE A 1 164 ? -8.167  -3.258  -2.390  1.00 26.74  ? 161 ILE A CG2 1 
ATOM   1200 C CD1 . ILE A 1 164 ? -6.651  -1.230  -4.006  1.00 24.12  ? 161 ILE A CD1 1 
ATOM   1201 N N   . ARG A 1 165 ? -10.463 -2.588  0.579   1.00 33.10  ? 162 ARG A N   1 
ATOM   1202 C CA  . ARG A 1 165 ? -10.713 -3.306  1.823   1.00 33.95  ? 162 ARG A CA  1 
ATOM   1203 C C   . ARG A 1 165 ? -10.923 -4.796  1.589   1.00 31.09  ? 162 ARG A C   1 
ATOM   1204 O O   . ARG A 1 165 ? -11.878 -5.201  0.935   1.00 33.90  ? 162 ARG A O   1 
ATOM   1205 C CB  . ARG A 1 165 ? -11.930 -2.713  2.537   1.00 36.84  ? 162 ARG A CB  1 
ATOM   1206 C CG  . ARG A 1 165 ? -12.176 -3.276  3.926   1.00 39.17  ? 162 ARG A CG  1 
ATOM   1207 C CD  . ARG A 1 165 ? -13.475 -2.744  4.493   1.00 47.52  ? 162 ARG A CD  1 
ATOM   1208 N NE  . ARG A 1 165 ? -13.574 -1.296  4.338   1.00 54.35  ? 162 ARG A NE  1 
ATOM   1209 C CZ  . ARG A 1 165 ? -14.677 -0.592  4.572   1.00 53.34  ? 162 ARG A CZ  1 
ATOM   1210 N NH1 . ARG A 1 165 ? -15.782 -1.203  4.975   1.00 53.97  ? 162 ARG A NH1 1 
ATOM   1211 N NH2 . ARG A 1 165 ? -14.676 0.723   4.402   1.00 49.92  ? 162 ARG A NH2 1 
ATOM   1212 N N   . VAL A 1 166 ? -10.034 -5.609  2.143   1.00 29.57  ? 163 VAL A N   1 
ATOM   1213 C CA  . VAL A 1 166 ? -10.114 -7.054  1.973   1.00 31.29  ? 163 VAL A CA  1 
ATOM   1214 C C   . VAL A 1 166 ? -11.176 -7.664  2.876   1.00 30.09  ? 163 VAL A C   1 
ATOM   1215 O O   . VAL A 1 166 ? -11.141 -7.480  4.090   1.00 39.89  ? 163 VAL A O   1 
ATOM   1216 C CB  . VAL A 1 166 ? -8.761  -7.719  2.262   1.00 31.28  ? 163 VAL A CB  1 
ATOM   1217 C CG1 . VAL A 1 166 ? -8.832  -9.221  2.007   1.00 26.27  ? 163 VAL A CG1 1 
ATOM   1218 C CG2 . VAL A 1 166 ? -7.684  -7.080  1.415   1.00 27.63  ? 163 VAL A CG2 1 
ATOM   1219 N N   . PRO A 1 167 ? -12.124 -8.404  2.286   1.00 29.77  ? 164 PRO A N   1 
ATOM   1220 C CA  . PRO A 1 167 ? -13.208 -9.041  3.037   1.00 30.66  ? 164 PRO A CA  1 
ATOM   1221 C C   . PRO A 1 167 ? -12.712 -10.168 3.933   1.00 34.70  ? 164 PRO A C   1 
ATOM   1222 O O   . PRO A 1 167 ? -12.978 -11.336 3.654   1.00 45.21  ? 164 PRO A O   1 
ATOM   1223 C CB  . PRO A 1 167 ? -14.114 -9.591  1.935   1.00 26.89  ? 164 PRO A CB  1 
ATOM   1224 C CG  . PRO A 1 167 ? -13.197 -9.833  0.798   1.00 29.46  ? 164 PRO A CG  1 
ATOM   1225 C CD  . PRO A 1 167 ? -12.207 -8.706  0.847   1.00 35.21  ? 164 PRO A CD  1 
ATOM   1226 N N   . SER A 1 168 ? -12.001 -9.820  4.996   1.00 31.44  ? 165 SER A N   1 
ATOM   1227 C CA  . SER A 1 168 ? -11.452 -10.814 5.909   1.00 32.81  ? 165 SER A CA  1 
ATOM   1228 C C   . SER A 1 168 ? -11.124 -10.175 7.243   1.00 34.98  ? 165 SER A C   1 
ATOM   1229 O O   . SER A 1 168 ? -10.834 -8.983  7.307   1.00 38.86  ? 165 SER A O   1 
ATOM   1230 C CB  . SER A 1 168 ? -10.199 -11.464 5.320   1.00 35.44  ? 165 SER A CB  1 
ATOM   1231 O OG  . SER A 1 168 ? -9.595  -12.350 6.248   1.00 37.42  ? 165 SER A OG  1 
ATOM   1232 N N   . ALA A 1 169 ? -11.172 -10.969 8.305   1.00 37.85  ? 166 ALA A N   1 
ATOM   1233 C CA  . ALA A 1 169 ? -10.842 -10.480 9.635   1.00 35.05  ? 166 ALA A CA  1 
ATOM   1234 C C   . ALA A 1 169 ? -9.621  -11.203 10.187  1.00 33.08  ? 166 ALA A C   1 
ATOM   1235 O O   . ALA A 1 169 ? -9.383  -11.210 11.389  1.00 37.45  ? 166 ALA A O   1 
ATOM   1236 C CB  . ALA A 1 169 ? -12.025 -10.645 10.572  1.00 37.70  ? 166 ALA A CB  1 
ATOM   1237 N N   . ARG A 1 170 ? -8.851  -11.822 9.304   1.00 33.74  ? 167 ARG A N   1 
ATOM   1238 C CA  . ARG A 1 170 ? -7.628  -12.484 9.718   1.00 29.89  ? 167 ARG A CA  1 
ATOM   1239 C C   . ARG A 1 170 ? -6.433  -11.798 9.067   1.00 30.42  ? 167 ARG A C   1 
ATOM   1240 O O   . ARG A 1 170 ? -6.370  -11.685 7.848   1.00 30.89  ? 167 ARG A O   1 
ATOM   1241 C CB  . ARG A 1 170 ? -7.677  -13.965 9.358   1.00 30.53  ? 167 ARG A CB  1 
ATOM   1242 C CG  . ARG A 1 170 ? -6.652  -14.804 10.092  1.00 42.20  ? 167 ARG A CG  1 
ATOM   1243 C CD  . ARG A 1 170 ? -6.907  -16.289 9.905   1.00 49.76  ? 167 ARG A CD  1 
ATOM   1244 N NE  . ARG A 1 170 ? -5.909  -17.090 10.606  1.00 48.79  ? 167 ARG A NE  1 
ATOM   1245 C CZ  . ARG A 1 170 ? -5.878  -18.418 10.609  1.00 52.27  ? 167 ARG A CZ  1 
ATOM   1246 N NH1 . ARG A 1 170 ? -6.796  -19.113 9.945   1.00 47.57  ? 167 ARG A NH1 1 
ATOM   1247 N NH2 . ARG A 1 170 ? -4.926  -19.051 11.279  1.00 52.57  ? 167 ARG A NH2 1 
ATOM   1248 N N   . THR A 1 171 ? -5.496  -11.331 9.890   1.00 31.18  ? 168 THR A N   1 
ATOM   1249 C CA  . THR A 1 171 ? -4.341  -10.572 9.415   1.00 32.70  ? 168 THR A CA  1 
ATOM   1250 C C   . THR A 1 171 ? -3.534  -11.336 8.362   1.00 34.95  ? 168 THR A C   1 
ATOM   1251 O O   . THR A 1 171 ? -3.090  -10.757 7.367   1.00 30.32  ? 168 THR A O   1 
ATOM   1252 C CB  . THR A 1 171 ? -3.404  -10.182 10.588  1.00 32.46  ? 168 THR A CB  1 
ATOM   1253 O OG1 . THR A 1 171 ? -4.095  -9.310  11.492  1.00 34.37  ? 168 THR A OG1 1 
ATOM   1254 C CG2 . THR A 1 171 ? -2.158  -9.472  10.077  1.00 33.03  ? 168 THR A CG2 1 
ATOM   1255 N N   . SER A 1 172 ? -3.356  -12.635 8.582   1.00 31.82  ? 169 SER A N   1 
ATOM   1256 C CA  . SER A 1 172 ? -2.642  -13.480 7.635   1.00 25.50  ? 169 SER A CA  1 
ATOM   1257 C C   . SER A 1 172 ? -3.314  -13.475 6.272   1.00 27.58  ? 169 SER A C   1 
ATOM   1258 O O   . SER A 1 172 ? -2.646  -13.344 5.251   1.00 27.65  ? 169 SER A O   1 
ATOM   1259 C CB  . SER A 1 172 ? -2.551  -14.912 8.155   1.00 32.05  ? 169 SER A CB  1 
ATOM   1260 O OG  . SER A 1 172 ? -1.965  -14.941 9.440   1.00 45.12  ? 169 SER A OG  1 
ATOM   1261 N N   . ARG A 1 173 ? -4.636  -13.624 6.261   1.00 28.80  ? 170 ARG A N   1 
ATOM   1262 C CA  . ARG A 1 173 ? -5.389  -13.669 5.011   1.00 28.19  ? 170 ARG A CA  1 
ATOM   1263 C C   . ARG A 1 173 ? -5.414  -12.303 4.329   1.00 26.89  ? 170 ARG A C   1 
ATOM   1264 O O   . ARG A 1 173 ? -5.466  -12.209 3.105   1.00 32.54  ? 170 ARG A O   1 
ATOM   1265 C CB  . ARG A 1 173 ? -6.817  -14.160 5.258   1.00 30.60  ? 170 ARG A CB  1 
ATOM   1266 C CG  . ARG A 1 173 ? -6.922  -15.533 5.920   1.00 34.87  ? 170 ARG A CG  1 
ATOM   1267 C CD  . ARG A 1 173 ? -6.365  -16.644 5.043   1.00 31.52  ? 170 ARG A CD  1 
ATOM   1268 N NE  . ARG A 1 173 ? -4.950  -16.888 5.307   1.00 34.00  ? 170 ARG A NE  1 
ATOM   1269 C CZ  . ARG A 1 173 ? -4.491  -17.815 6.140   1.00 37.66  ? 170 ARG A CZ  1 
ATOM   1270 N NH1 . ARG A 1 173 ? -5.330  -18.610 6.791   1.00 40.94  ? 170 ARG A NH1 1 
ATOM   1271 N NH2 . ARG A 1 173 ? -3.186  -17.954 6.317   1.00 39.90  ? 170 ARG A NH2 1 
ATOM   1272 N N   . ILE A 1 174 ? -5.369  -11.245 5.123   1.00 24.67  ? 171 ILE A N   1 
ATOM   1273 C CA  . ILE A 1 174 ? -5.354  -9.896  4.581   1.00 24.75  ? 171 ILE A CA  1 
ATOM   1274 C C   . ILE A 1 174 ? -4.022  -9.592  3.904   1.00 25.41  ? 171 ILE A C   1 
ATOM   1275 O O   . ILE A 1 174 ? -3.986  -8.994  2.831   1.00 29.48  ? 171 ILE A O   1 
ATOM   1276 C CB  . ILE A 1 174 ? -5.623  -8.852  5.679   1.00 24.62  ? 171 ILE A CB  1 
ATOM   1277 C CG1 . ILE A 1 174 ? -7.011  -9.062  6.268   1.00 27.10  ? 171 ILE A CG1 1 
ATOM   1278 C CG2 . ILE A 1 174 ? -5.521  -7.443  5.127   1.00 29.28  ? 171 ILE A CG2 1 
ATOM   1279 C CD1 . ILE A 1 174 ? -7.286  -8.197  7.461   1.00 32.00  ? 171 ILE A CD1 1 
ATOM   1280 N N   . GLN A 1 175 ? -2.928  -10.000 4.531   1.00 23.74  ? 172 GLN A N   1 
ATOM   1281 C CA  . GLN A 1 175 ? -1.607  -9.760  3.970   1.00 24.18  ? 172 GLN A CA  1 
ATOM   1282 C C   . GLN A 1 175 ? -1.414  -10.541 2.677   1.00 25.00  ? 172 GLN A C   1 
ATOM   1283 O O   . GLN A 1 175 ? -0.750  -10.075 1.753   1.00 24.82  ? 172 GLN A O   1 
ATOM   1284 C CB  . GLN A 1 175 ? -0.523  -10.130 4.979   1.00 25.65  ? 172 GLN A CB  1 
ATOM   1285 C CG  . GLN A 1 175 ? -0.464  -9.195  6.165   1.00 30.34  ? 172 GLN A CG  1 
ATOM   1286 C CD  . GLN A 1 175 ? 0.506   -9.664  7.222   1.00 35.76  ? 172 GLN A CD  1 
ATOM   1287 O OE1 . GLN A 1 175 ? 0.706   -10.865 7.405   1.00 37.23  ? 172 GLN A OE1 1 
ATOM   1288 N NE2 . GLN A 1 175 ? 1.124   -8.719  7.922   1.00 42.04  ? 172 GLN A NE2 1 
ATOM   1289 N N   . GLU A 1 176 ? -2.010  -11.726 2.618   1.00 26.18  ? 173 GLU A N   1 
ATOM   1290 C CA  . GLU A 1 176 ? -1.891  -12.582 1.447   1.00 27.28  ? 173 GLU A CA  1 
ATOM   1291 C C   . GLU A 1 176 ? -2.621  -11.980 0.254   1.00 26.04  ? 173 GLU A C   1 
ATOM   1292 O O   . GLU A 1 176 ? -2.127  -12.018 -0.871  1.00 27.48  ? 173 GLU A O   1 
ATOM   1293 C CB  . GLU A 1 176 ? -2.422  -13.985 1.760   1.00 25.89  ? 173 GLU A CB  1 
ATOM   1294 C CG  . GLU A 1 176 ? -1.512  -14.786 2.686   1.00 25.59  ? 173 GLU A CG  1 
ATOM   1295 C CD  . GLU A 1 176 ? -2.256  -15.857 3.466   1.00 29.15  ? 173 GLU A CD  1 
ATOM   1296 O OE1 . GLU A 1 176 ? -3.422  -16.146 3.127   1.00 30.93  ? 173 GLU A OE1 1 
ATOM   1297 O OE2 . GLU A 1 176 ? -1.680  -16.403 4.429   1.00 27.21  ? 173 GLU A OE2 1 
ATOM   1298 N N   . VAL A 1 177 ? -3.793  -11.410 0.505   1.00 24.98  ? 174 VAL A N   1 
ATOM   1299 C CA  . VAL A 1 177 ? -4.558  -10.760 -0.551  1.00 26.60  ? 174 VAL A CA  1 
ATOM   1300 C C   . VAL A 1 177 ? -3.902  -9.449  -0.987  1.00 25.81  ? 174 VAL A C   1 
ATOM   1301 O O   . VAL A 1 177 ? -3.887  -9.116  -2.176  1.00 27.85  ? 174 VAL A O   1 
ATOM   1302 C CB  . VAL A 1 177 ? -6.005  -10.503 -0.101  1.00 24.71  ? 174 VAL A CB  1 
ATOM   1303 C CG1 . VAL A 1 177 ? -6.733  -9.635  -1.101  1.00 25.12  ? 174 VAL A CG1 1 
ATOM   1304 C CG2 . VAL A 1 177 ? -6.730  -11.825 0.082   1.00 27.87  ? 174 VAL A CG2 1 
ATOM   1305 N N   . HIS A 1 178 ? -3.341  -8.724  -0.022  1.00 26.15  ? 175 HIS A N   1 
ATOM   1306 C CA  . HIS A 1 178 ? -2.643  -7.465  -0.286  1.00 24.68  ? 175 HIS A CA  1 
ATOM   1307 C C   . HIS A 1 178 ? -1.495  -7.639  -1.261  1.00 26.22  ? 175 HIS A C   1 
ATOM   1308 O O   . HIS A 1 178 ? -1.211  -6.755  -2.064  1.00 23.55  ? 175 HIS A O   1 
ATOM   1309 C CB  . HIS A 1 178 ? -2.103  -6.870  1.011   1.00 22.48  ? 175 HIS A CB  1 
ATOM   1310 C CG  . HIS A 1 178 ? -3.123  -6.108  1.791   1.00 25.47  ? 175 HIS A CG  1 
ATOM   1311 N ND1 . HIS A 1 178 ? -2.815  -5.426  2.948   1.00 24.44  ? 175 HIS A ND1 1 
ATOM   1312 C CD2 . HIS A 1 178 ? -4.444  -5.913  1.575   1.00 24.07  ? 175 HIS A CD2 1 
ATOM   1313 C CE1 . HIS A 1 178 ? -3.908  -4.848  3.415   1.00 31.60  ? 175 HIS A CE1 1 
ATOM   1314 N NE2 . HIS A 1 178 ? -4.911  -5.131  2.601   1.00 30.29  ? 175 HIS A NE2 1 
ATOM   1315 N N   . LEU A 1 179 ? -0.832  -8.785  -1.167  1.00 26.02  ? 176 LEU A N   1 
ATOM   1316 C CA  . LEU A 1 179 ? 0.301   -9.091  -2.015  1.00 22.57  ? 176 LEU A CA  1 
ATOM   1317 C C   . LEU A 1 179 ? -0.162  -9.292  -3.448  1.00 27.73  ? 176 LEU A C   1 
ATOM   1318 O O   . LEU A 1 179 ? 0.496   -8.850  -4.391  1.00 26.04  ? 176 LEU A O   1 
ATOM   1319 C CB  . LEU A 1 179 ? 1.027   -10.332 -1.503  1.00 27.58  ? 176 LEU A CB  1 
ATOM   1320 C CG  . LEU A 1 179 ? 2.302   -10.731 -2.245  1.00 28.28  ? 176 LEU A CG  1 
ATOM   1321 C CD1 . LEU A 1 179 ? 3.267   -9.558  -2.328  1.00 24.60  ? 176 LEU A CD1 1 
ATOM   1322 C CD2 . LEU A 1 179 ? 2.948   -11.923 -1.551  1.00 30.08  ? 176 LEU A CD2 1 
ATOM   1323 N N   . VAL A 1 180 ? -1.303  -9.958  -3.606  1.00 25.39  ? 177 VAL A N   1 
ATOM   1324 C CA  . VAL A 1 180 ? -1.895  -10.135 -4.922  1.00 23.34  ? 177 VAL A CA  1 
ATOM   1325 C C   . VAL A 1 180 ? -2.271  -8.781  -5.510  1.00 25.99  ? 177 VAL A C   1 
ATOM   1326 O O   . VAL A 1 180 ? -2.029  -8.521  -6.688  1.00 29.16  ? 177 VAL A O   1 
ATOM   1327 C CB  . VAL A 1 180 ? -3.140  -11.032 -4.875  1.00 29.69  ? 177 VAL A CB  1 
ATOM   1328 C CG1 . VAL A 1 180 ? -3.836  -11.055 -6.234  1.00 26.61  ? 177 VAL A CG1 1 
ATOM   1329 C CG2 . VAL A 1 180 ? -2.759  -12.434 -4.440  1.00 29.66  ? 177 VAL A CG2 1 
ATOM   1330 N N   . VAL A 1 181 ? -2.856  -7.920  -4.682  1.00 26.46  ? 178 VAL A N   1 
ATOM   1331 C CA  . VAL A 1 181 ? -3.239  -6.581  -5.120  1.00 27.23  ? 178 VAL A CA  1 
ATOM   1332 C C   . VAL A 1 181 ? -2.018  -5.789  -5.585  1.00 24.70  ? 178 VAL A C   1 
ATOM   1333 O O   . VAL A 1 181 ? -2.049  -5.154  -6.636  1.00 25.12  ? 178 VAL A O   1 
ATOM   1334 C CB  . VAL A 1 181 ? -3.965  -5.806  -4.003  1.00 23.72  ? 178 VAL A CB  1 
ATOM   1335 C CG1 . VAL A 1 181 ? -4.225  -4.366  -4.423  1.00 18.39  ? 178 VAL A CG1 1 
ATOM   1336 C CG2 . VAL A 1 181 ? -5.262  -6.500  -3.647  1.00 22.51  ? 178 VAL A CG2 1 
ATOM   1337 N N   . LEU A 1 182 ? -0.943  -5.847  -4.807  1.00 23.85  ? 179 LEU A N   1 
ATOM   1338 C CA  . LEU A 1 182 ? 0.289   -5.147  -5.152  1.00 23.69  ? 179 LEU A CA  1 
ATOM   1339 C C   . LEU A 1 182 ? 0.873   -5.636  -6.471  1.00 27.74  ? 179 LEU A C   1 
ATOM   1340 O O   . LEU A 1 182 ? 1.357   -4.839  -7.268  1.00 35.66  ? 179 LEU A O   1 
ATOM   1341 C CB  . LEU A 1 182 ? 1.323   -5.304  -4.040  1.00 21.36  ? 179 LEU A CB  1 
ATOM   1342 C CG  . LEU A 1 182 ? 1.014   -4.567  -2.739  1.00 21.33  ? 179 LEU A CG  1 
ATOM   1343 C CD1 . LEU A 1 182 ? 2.022   -4.942  -1.679  1.00 24.08  ? 179 LEU A CD1 1 
ATOM   1344 C CD2 . LEU A 1 182 ? 0.995   -3.063  -2.951  1.00 23.64  ? 179 LEU A CD2 1 
ATOM   1345 N N   . HIS A 1 183 ? 0.829   -6.943  -6.701  1.00 26.30  ? 180 HIS A N   1 
ATOM   1346 C CA  . HIS A 1 183 ? 1.353   -7.511  -7.938  1.00 28.12  ? 180 HIS A CA  1 
ATOM   1347 C C   . HIS A 1 183 ? 0.477   -7.133  -9.125  1.00 29.09  ? 180 HIS A C   1 
ATOM   1348 O O   . HIS A 1 183 ? 0.965   -6.992  -10.244 1.00 34.84  ? 180 HIS A O   1 
ATOM   1349 C CB  . HIS A 1 183 ? 1.473   -9.033  -7.830  1.00 29.47  ? 180 HIS A CB  1 
ATOM   1350 C CG  . HIS A 1 183 ? 2.604   -9.502  -6.973  1.00 30.58  ? 180 HIS A CG  1 
ATOM   1351 N ND1 . HIS A 1 183 ? 2.701   -10.786 -6.496  1.00 26.88  ? 180 HIS A ND1 1 
ATOM   1352 C CD2 . HIS A 1 183 ? 3.708   -8.849  -6.507  1.00 28.45  ? 180 HIS A CD2 1 
ATOM   1353 C CE1 . HIS A 1 183 ? 3.800   -10.916 -5.771  1.00 26.29  ? 180 HIS A CE1 1 
ATOM   1354 N NE2 . HIS A 1 183 ? 4.426   -9.748  -5.768  1.00 24.24  ? 180 HIS A NE2 1 
ATOM   1355 N N   . SER A 1 184 ? -0.818  -6.969  -8.883  1.00 26.98  ? 181 SER A N   1 
ATOM   1356 C CA  . SER A 1 184 ? -1.731  -6.548  -9.939  1.00 30.36  ? 181 SER A CA  1 
ATOM   1357 C C   . SER A 1 184 ? -1.407  -5.134  -10.399 1.00 32.62  ? 181 SER A C   1 
ATOM   1358 O O   . SER A 1 184 ? -1.300  -4.872  -11.594 1.00 43.14  ? 181 SER A O   1 
ATOM   1359 C CB  . SER A 1 184 ? -3.186  -6.630  -9.474  1.00 33.15  ? 181 SER A CB  1 
ATOM   1360 O OG  . SER A 1 184 ? -3.604  -7.978  -9.343  1.00 35.72  ? 181 SER A OG  1 
ATOM   1361 N N   . LEU A 1 185 ? -1.244  -4.231  -9.441  1.00 29.19  ? 182 LEU A N   1 
ATOM   1362 C CA  . LEU A 1 185 ? -0.886  -2.853  -9.736  1.00 27.58  ? 182 LEU A CA  1 
ATOM   1363 C C   . LEU A 1 185 ? 0.422   -2.778  -10.513 1.00 31.02  ? 182 LEU A C   1 
ATOM   1364 O O   . LEU A 1 185 ? 0.549   -1.995  -11.447 1.00 39.60  ? 182 LEU A O   1 
ATOM   1365 C CB  . LEU A 1 185 ? -0.777  -2.045  -8.445  1.00 27.14  ? 182 LEU A CB  1 
ATOM   1366 C CG  . LEU A 1 185 ? -2.057  -1.948  -7.616  1.00 24.88  ? 182 LEU A CG  1 
ATOM   1367 C CD1 . LEU A 1 185 ? -1.812  -1.153  -6.355  1.00 27.44  ? 182 LEU A CD1 1 
ATOM   1368 C CD2 . LEU A 1 185 ? -3.175  -1.326  -8.429  1.00 27.56  ? 182 LEU A CD2 1 
ATOM   1369 N N   . CYS A 1 186 ? 1.391   -3.600  -10.135 1.00 29.48  ? 183 CYS A N   1 
ATOM   1370 C CA  . CYS A 1 186 ? 2.669   -3.612  -10.832 1.00 39.16  ? 183 CYS A CA  1 
ATOM   1371 C C   . CYS A 1 186 ? 2.475   -3.984  -12.290 1.00 40.87  ? 183 CYS A C   1 
ATOM   1372 O O   . CYS A 1 186 ? 3.064   -3.370  -13.175 1.00 43.79  ? 183 CYS A O   1 
ATOM   1373 C CB  . CYS A 1 186 ? 3.647   -4.580  -10.166 1.00 39.16  ? 183 CYS A CB  1 
ATOM   1374 S SG  . CYS A 1 186 ? 4.177   -4.034  -8.540  1.00 40.48  ? 183 CYS A SG  1 
ATOM   1375 N N   . GLU A 1 187 ? 1.635   -4.983  -12.538 1.00 37.62  ? 184 GLU A N   1 
ATOM   1376 C CA  . GLU A 1 187 ? 1.373   -5.411  -13.900 1.00 38.49  ? 184 GLU A CA  1 
ATOM   1377 C C   . GLU A 1 187 ? 0.627   -4.319  -14.650 1.00 43.94  ? 184 GLU A C   1 
ATOM   1378 O O   . GLU A 1 187 ? 0.922   -4.047  -15.813 1.00 44.06  ? 184 GLU A O   1 
ATOM   1379 C CB  . GLU A 1 187 ? 0.581   -6.713  -13.916 1.00 43.86  ? 184 GLU A CB  1 
ATOM   1380 C CG  . GLU A 1 187 ? 0.188   -7.177  -15.308 1.00 48.89  ? 184 GLU A CG  1 
ATOM   1381 C CD  . GLU A 1 187 ? -0.291  -8.612  -15.321 1.00 54.14  ? 184 GLU A CD  1 
ATOM   1382 O OE1 . GLU A 1 187 ? 0.274   -9.430  -14.567 1.00 57.64  ? 184 GLU A OE1 1 
ATOM   1383 O OE2 . GLU A 1 187 ? -1.239  -8.921  -16.074 1.00 66.14  ? 184 GLU A OE2 1 
ATOM   1384 N N   . ILE A 1 188 ? -0.334  -3.695  -13.972 1.00 37.19  ? 185 ILE A N   1 
ATOM   1385 C CA  . ILE A 1 188 ? -1.085  -2.591  -14.550 1.00 35.07  ? 185 ILE A CA  1 
ATOM   1386 C C   . ILE A 1 188 ? -0.147  -1.472  -14.974 1.00 43.53  ? 185 ILE A C   1 
ATOM   1387 O O   . ILE A 1 188 ? -0.218  -0.984  -16.099 1.00 50.75  ? 185 ILE A O   1 
ATOM   1388 C CB  . ILE A 1 188 ? -2.118  -2.032  -13.567 1.00 32.90  ? 185 ILE A CB  1 
ATOM   1389 C CG1 . ILE A 1 188 ? -3.277  -3.006  -13.403 1.00 39.20  ? 185 ILE A CG1 1 
ATOM   1390 C CG2 . ILE A 1 188 ? -2.645  -0.693  -14.048 1.00 39.33  ? 185 ILE A CG2 1 
ATOM   1391 C CD1 . ILE A 1 188 ? -4.363  -2.478  -12.504 1.00 37.71  ? 185 ILE A CD1 1 
ATOM   1392 N N   . ILE A 1 189 ? 0.736   -1.076  -14.068 1.00 37.82  ? 186 ILE A N   1 
ATOM   1393 C CA  . ILE A 1 189 ? 1.708   -0.037  -14.362 1.00 37.92  ? 186 ILE A CA  1 
ATOM   1394 C C   . ILE A 1 189 ? 2.622   -0.463  -15.508 1.00 41.85  ? 186 ILE A C   1 
ATOM   1395 O O   . ILE A 1 189 ? 2.918   0.328   -16.399 1.00 45.83  ? 186 ILE A O   1 
ATOM   1396 C CB  . ILE A 1 189 ? 2.540   0.304   -13.117 1.00 32.70  ? 186 ILE A CB  1 
ATOM   1397 C CG1 . ILE A 1 189 ? 1.651   0.950   -12.060 1.00 32.37  ? 186 ILE A CG1 1 
ATOM   1398 C CG2 . ILE A 1 189 ? 3.671   1.243   -13.462 1.00 40.13  ? 186 ILE A CG2 1 
ATOM   1399 C CD1 . ILE A 1 189 ? 2.374   1.281   -10.783 1.00 36.96  ? 186 ILE A CD1 1 
ATOM   1400 N N   . ASP A 1 190 ? 3.044   -1.724  -15.492 1.00 43.09  ? 187 ASP A N   1 
ATOM   1401 C CA  . ASP A 1 190 ? 3.960   -2.247  -16.504 1.00 46.58  ? 187 ASP A CA  1 
ATOM   1402 C C   . ASP A 1 190 ? 3.337   -2.315  -17.887 1.00 54.18  ? 187 ASP A C   1 
ATOM   1403 O O   . ASP A 1 190 ? 3.925   -1.862  -18.865 1.00 60.19  ? 187 ASP A O   1 
ATOM   1404 C CB  . ASP A 1 190 ? 4.451   -3.639  -16.112 1.00 51.63  ? 187 ASP A CB  1 
ATOM   1405 C CG  . ASP A 1 190 ? 5.601   -3.597  -15.134 1.00 64.49  ? 187 ASP A CG  1 
ATOM   1406 O OD1 . ASP A 1 190 ? 5.733   -2.580  -14.420 1.00 67.65  ? 187 ASP A OD1 1 
ATOM   1407 O OD2 . ASP A 1 190 ? 6.370   -4.582  -15.080 1.00 67.06  ? 187 ASP A OD2 1 
ATOM   1408 N N   . THR A 1 191 ? 2.152   -2.904  -17.968 1.00 49.75  ? 188 THR A N   1 
ATOM   1409 C CA  . THR A 1 191 ? 1.501   -3.099  -19.251 1.00 48.63  ? 188 THR A CA  1 
ATOM   1410 C C   . THR A 1 191 ? 1.019   -1.775  -19.839 1.00 57.42  ? 188 THR A C   1 
ATOM   1411 O O   . THR A 1 191 ? 0.968   -1.614  -21.058 1.00 61.65  ? 188 THR A O   1 
ATOM   1412 C CB  . THR A 1 191 ? 0.320   -4.068  -19.127 1.00 44.78  ? 188 THR A CB  1 
ATOM   1413 O OG1 . THR A 1 191 ? -0.583  -3.595  -18.121 1.00 47.90  ? 188 THR A OG1 1 
ATOM   1414 C CG2 . THR A 1 191 ? 0.818   -5.452  -18.744 1.00 51.35  ? 188 THR A CG2 1 
ATOM   1415 N N   . THR A 1 192 ? 0.677   -0.827  -18.976 1.00 47.00  ? 189 THR A N   1 
ATOM   1416 C CA  . THR A 1 192 ? 0.184   0.460   -19.440 1.00 42.51  ? 189 THR A CA  1 
ATOM   1417 C C   . THR A 1 192 ? 1.317   1.354   -19.918 1.00 55.24  ? 189 THR A C   1 
ATOM   1418 O O   . THR A 1 192 ? 1.286   1.865   -21.036 1.00 64.52  ? 189 THR A O   1 
ATOM   1419 C CB  . THR A 1 192 ? -0.593  1.194   -18.345 1.00 48.84  ? 189 THR A CB  1 
ATOM   1420 O OG1 . THR A 1 192 ? -1.750  0.430   -17.987 1.00 56.27  ? 189 THR A OG1 1 
ATOM   1421 C CG2 . THR A 1 192 ? -1.027  2.561   -18.831 1.00 48.07  ? 189 THR A CG2 1 
ATOM   1422 N N   . LEU A 1 193 ? 2.320   1.537   -19.069 1.00 56.33  ? 190 LEU A N   1 
ATOM   1423 C CA  . LEU A 1 193 ? 3.415   2.450   -19.367 1.00 51.96  ? 190 LEU A CA  1 
ATOM   1424 C C   . LEU A 1 193 ? 4.439   1.847   -20.326 1.00 55.96  ? 190 LEU A C   1 
ATOM   1425 O O   . LEU A 1 193 ? 5.120   2.570   -21.048 1.00 60.28  ? 190 LEU A O   1 
ATOM   1426 C CB  . LEU A 1 193 ? 4.104   2.880   -18.071 1.00 52.77  ? 190 LEU A CB  1 
ATOM   1427 C CG  . LEU A 1 193 ? 3.211   3.606   -17.063 1.00 46.01  ? 190 LEU A CG  1 
ATOM   1428 C CD1 . LEU A 1 193 ? 4.012   4.053   -15.857 1.00 44.91  ? 190 LEU A CD1 1 
ATOM   1429 C CD2 . LEU A 1 193 ? 2.534   4.790   -17.719 1.00 49.72  ? 190 LEU A CD2 1 
ATOM   1430 N N   . PHE A 1 194 ? 4.553   0.523   -20.332 1.00 60.24  ? 191 PHE A N   1 
ATOM   1431 C CA  . PHE A 1 194 ? 5.507   -0.153  -21.210 1.00 63.31  ? 191 PHE A CA  1 
ATOM   1432 C C   . PHE A 1 194 ? 4.892   -1.391  -21.848 1.00 69.81  ? 191 PHE A C   1 
ATOM   1433 O O   . PHE A 1 194 ? 5.186   -2.517  -21.436 1.00 70.38  ? 191 PHE A O   1 
ATOM   1434 C CB  . PHE A 1 194 ? 6.766   -0.537  -20.437 1.00 59.21  ? 191 PHE A CB  1 
ATOM   1435 C CG  . PHE A 1 194 ? 7.350   0.592   -19.645 1.00 62.70  ? 191 PHE A CG  1 
ATOM   1436 C CD1 . PHE A 1 194 ? 8.259   1.462   -20.222 1.00 66.60  ? 191 PHE A CD1 1 
ATOM   1437 C CD2 . PHE A 1 194 ? 6.977   0.795   -18.327 1.00 58.10  ? 191 PHE A CD2 1 
ATOM   1438 C CE1 . PHE A 1 194 ? 8.796   2.509   -19.498 1.00 65.13  ? 191 PHE A CE1 1 
ATOM   1439 C CE2 . PHE A 1 194 ? 7.507   1.841   -17.597 1.00 63.50  ? 191 PHE A CE2 1 
ATOM   1440 C CZ  . PHE A 1 194 ? 8.419   2.699   -18.183 1.00 62.18  ? 191 PHE A CZ  1 
ATOM   1441 N N   . PRO A 1 195 ? 4.033   -1.182  -22.859 1.00 67.42  ? 192 PRO A N   1 
ATOM   1442 C CA  . PRO A 1 195 ? 3.314   -2.263  -23.541 1.00 70.09  ? 192 PRO A CA  1 
ATOM   1443 C C   . PRO A 1 195 ? 4.253   -3.307  -24.142 1.00 77.06  ? 192 PRO A C   1 
ATOM   1444 O O   . PRO A 1 195 ? 4.625   -3.211  -25.311 1.00 74.86  ? 192 PRO A O   1 
ATOM   1445 C CB  . PRO A 1 195 ? 2.537   -1.527  -24.636 1.00 76.10  ? 192 PRO A CB  1 
ATOM   1446 C CG  . PRO A 1 195 ? 2.392   -0.129  -24.121 1.00 68.25  ? 192 PRO A CG  1 
ATOM   1447 C CD  . PRO A 1 195 ? 3.671   0.142   -23.396 1.00 67.21  ? 192 PRO A CD  1 
ATOM   1448 N N   . GLN A 1 196 ? 4.629   -4.292  -23.334 1.00 82.38  ? 193 GLN A N   1 
ATOM   1449 C CA  . GLN A 1 196 ? 5.519   -5.360  -23.771 1.00 72.86  ? 193 GLN A CA  1 
ATOM   1450 C C   . GLN A 1 196 ? 4.829   -6.717  -23.657 1.00 73.76  ? 193 GLN A C   1 
ATOM   1451 O O   . GLN A 1 196 ? 4.638   -7.418  -24.650 1.00 68.36  ? 193 GLN A O   1 
ATOM   1452 C CB  . GLN A 1 196 ? 6.807   -5.356  -22.948 1.00 76.83  ? 193 GLN A CB  1 
ATOM   1453 C CG  . GLN A 1 196 ? 8.085   -5.254  -23.767 1.00 86.38  ? 193 GLN A CG  1 
ATOM   1454 C CD  . GLN A 1 196 ? 8.365   -3.840  -24.231 1.00 86.09  ? 193 GLN A CD  1 
ATOM   1455 O OE1 . GLN A 1 196 ? 8.408   -2.907  -23.427 1.00 77.38  ? 193 GLN A OE1 1 
ATOM   1456 N NE2 . GLN A 1 196 ? 8.558   -3.672  -25.536 1.00 92.49  ? 193 GLN A NE2 1 
HETATM 1457 O O   . HOH B 2 .   ? 0.196   -5.761  9.636   1.00 44.96  ? 201 HOH A O   1 
HETATM 1458 O O   . HOH B 2 .   ? 11.321  13.690  -4.768  0.50 22.75  ? 202 HOH A O   1 
HETATM 1459 O O   . HOH B 2 .   ? -13.103 -33.106 8.293   1.00 46.38  ? 203 HOH A O   1 
HETATM 1460 O O   . HOH B 2 .   ? -15.153 -8.904  8.344   1.00 32.39  ? 204 HOH A O   1 
# 
